data_9N2D
#
_entry.id   9N2D
#
_cell.length_a   1.00
_cell.length_b   1.00
_cell.length_c   1.00
_cell.angle_alpha   90.00
_cell.angle_beta   90.00
_cell.angle_gamma   90.00
#
_symmetry.space_group_name_H-M   'P 1'
#
loop_
_entity.id
_entity.type
_entity.pdbx_description
1 polymer 'Bam D'
2 polymer 'Bam A'
3 polymer 'Bam H'
4 polymer 'Bam G'
5 polymer 'Bam M'
6 polymer 'Bam P'
7 branched 'alpha-D-glucopyranuronic acid-(1-2)-[alpha-D-mannopyranose-(1-4)]beta-D-galactopyranose'
8 branched 'alpha-D-glucopyranuronic acid-(1-2)-beta-D-galactopyranose'
9 non-polymer 'DIACYL GLYCEROL'
10 non-polymer '(2~{R},4~{R},5~{R},6~{R})-6-[(1~{R})-1,2-bis(oxidanyl)ethyl]-2-[(2~{R},4~{R},5~{R},6~{R})-6-[(1~{R})-1,2-bis(oxidanyl)ethyl]-5-[(2~{S},3~{S},4~{R},5~{R},6~{R})-6-[(1~{S})-1,2-bis(oxidanyl)ethyl]-4-[(2~{R},3~{S},4~{R},5~{S},6~{R})-6-[(1~{S})-2-[(2~{S},3~{S},4~{S},5~{S},6~{R})-6-[(1~{S})-1,2-bis(oxidanyl)ethyl]-3,4,5-tris(oxidanyl)oxan-2-yl]oxy-1-oxidanyl-ethyl]-3,4-bis(oxidanyl)-5-phosphonooxy-oxan-2-yl]oxy-3-oxidanyl-5-phosphonooxy-oxan-2-yl]oxy-2-carboxy-2-[[(2~{R},3~{S},4~{R},5~{R},6~{R})-5-[[(3~{R})-3-dodecanoyloxytetradecanoyl]amino]-6-[[(2~{R},3~{S},4~{R},5~{R},6~{R})-3-oxidanyl-5-[[(3~{R})-3-oxidanyltetradecanoyl]amino]-4-[(3~{R})-3-oxidanyltetradecanoyl]oxy-6-phosphonooxy-oxan-2-yl]methoxy]-3-phosphonooxy-4-[(3~{R})-3-tetradecanoyloxytetradecanoyl]oxy-oxan-2-yl]methoxy]oxan-4-yl]oxy-4,5-bis(oxidanyl)oxane-2-carboxylic acid'
11 non-polymer PHOSPHATIDYLETHANOLAMINE
12 non-polymer alpha-D-mannopyranose
13 non-polymer 'PALMITIC ACID'
14 non-polymer 'CALCIUM ION'
15 water water
#
loop_
_entity_poly.entity_id
_entity_poly.type
_entity_poly.pdbx_seq_one_letter_code
_entity_poly.pdbx_strand_id
1 'polypeptide(L)'
;MKKIVSLLIVAALFCSCSEYQKALKNEDVAAKFEVATKMYDAGKYNKAIRLFEQLAPTYRGKPQAEKLFYMFSQSYYKTK
QYYLAGYQFESFVSGYPRSEKVQEAAFLGAYSYSKLAPVYSLDQADTVKALDKLQAFIDNYPNSEYLAQANESVKILNGK
LEKKAYENAKGYNTISDYKSALVAFDNFIADFPGTPLKEDALFYKYDSAYQLAINSVPSKMEERLHVAQTAYANLMKYKS
DTKYKEKADQMNARVETDLQKFTK
;
F
2 'polypeptide(L)'
;MLQKRIPQIICTLLLLGSFSQIKAQDRVPFDQGKKYTLAKVSVVGKISFNEQTVVTFSGLQKGQEITVPGEEITSAIKKL
GKLGLFDEIAFYINKVENDSIYLDLNIVELPKLNEVKITGVKKSKVEGLIKDNNLTKNKIVNENLITTTKNYIENKYKKD
GFYNTKVVITTTPDTTAGNQVNMLVRVDKGDKVKISSIDFTGNKQLSDSKLRAAMKDTKQKNVLRVFKASKFIPEKYKTD
LEKVIASYKEKGYRDARIIYDSVIYNKKKNMLAIKIDVEEGNKYYFGNIKFLGNTVYSDQQLNRYLGIKKGETYNGVLLE
KRIADNTKPDGEDITNLYQNNGYLFSKINAVEVKTVNDTIDFEIRITEGPIAYFNKIYVTGNDKTNDHVIYRELRTKPGN
KYSKEELVRTIREIGQLGFFDPESIKPEFRNVDPAAGTVDIEYQLVEKGSSQVELQGGYGGGGFIGTLGLSFNNFSARKL
FDKDAYKPLPMGDGQKVALRLQGSTYFQTYSLSFSEPWFGGKKPVQFSSSISYSKQFNYNYSSRDVNRNQSFNIFTVQVG
LAKRLTVPDDYFVLSQSVSYQHYDLNNYYTGLFTFGNGASRNLAYTIGLSRSNKGVNPIFPTYGSEFSISAKVTPPYSLF
NNINYGDLQNQKEYKTQYTGTTTTTGIDGQAINPGDYTKTETVNGQSGTVSVGSDYKSADTDVGKVDQKKYNWLEYYKVK
FKADWYTKIYGKLVLRTLTEFGFLGAYDQSRGVVPFERFYLGGDGMANYSMDGRETIQLRGYPNNSLTPIIEDRNSSRYG
QQIGATIYNKFSMELRYPITLKSSASIYALTFLEAGSSYPTFKDYNPFDLNRSAGAGLRVFMPAFGLLGIDFGYGFDALP
GSTTNKANGWETHFIIGQQF
;
A
3 'polypeptide(L)'
;CDKDFNAIGGDLIGDDHFGLESEKYDVLSYNQEVTSVQSNVLPTSALGIYSNPVFGETTANYVTQVALVAYAPSIGEDPV
IESAVLSIPYFSHVTANNTDGSHTYELDSIYGPANGKLKLSVYESGYQMRSSFPSNGTELPQYYYTSQNSTFDQAKVGTR
LNDDLTKPFQNDQFFFSSEEYKTVTKDSNDKETTTYTAPEMRLNLNSAFFQDKILKAPASKIASTDVFQEYFRGLYFKVE
KADGSPSNMALMDFSKGKITITYKAKTDITTDAPETTEERTIVINLVNPTSSGGTANLLQDAKSAGYSGAISSSNVNKTE
GDERLYIKGGQGSAAVIKLNDFASKLDDIRAKNWKVNEANLIFNIDSDLMTGADEPKRVYLYDLTNNVPLADYYADQTTS
LTVGDTKGAKYVFGGLINLGDNKRGKTYKIRITEYIRNLIKDKTAKNVNLGLVVTESIGITTSNFLENRIVLQPNEYFSQ
VPRASIMNPLGTILYGGKASVPDDKRLRLEVYYTKPN
;
C
4 'polypeptide(L)'
;MIKKIIISACLLISFVSFAQQGTASPYSFYGIGDIKFKGTLEYRSMAGVAVEQDSIHLNIENPASYASLMQTTFTVGGTF
GTSTLKSNTGSAKAQRTTFDYLAVGIPVGKFGVSFGLIPLSSVGYKILDDNTATEGAVSSQLSGKGGINKVYFGVGYKIK
PHWTIGADVQYNFGKITTTSIEQVTGVQNGTSESNASTLSGANFDLGTMYQTKIYKKVNLFTSLSYTFSSNLNSENVREI
NVSGDPDPYAYPASTTKLKLPSRVIIGAGIGESRKWLVGTTLAFQGEGQLTNYYNAMDNVRYENYAKYAIGGYYIPNYTS
FTSYLSRITYRAGLKYEKIGLIVNNESIKDVGMTLGAGIPIPGYFSNVNIGIEFGKKGTVSSNLVQENYVNFSVGFSFND
KWFVKSKFN
;
B
5 'polypeptide(L)'
;MNKFKYYFVLLLAGLAIVSCNKKDDDEEIVPLRDYQEQYNTDNANIEEYLNTYFITVTDAPGEQTDQDVTFTKITDPSTQ
PSIMSYLNSPTFPKLLKREVPMHGIVYQMYYLVLREGTGTSPMNTDGAFTSYRGEYLTRVAKTDTEAEHLSTTFFEQVLF
PTKALDLYGTIIGWSEAFPQFKTGTATMKPDGSMKYENFGAGVLFIPSGLGYYGSGASAIPAYSPLIFSIKLYDLTRLDH
DLDGVFDFEEDINGDGYVYDFRNTTEYPTPPANQYDDDTDKDGIADFLDSDDDGDGYSTLFEITKPTGTEFLGGLSKYYP
YNPVSDNPATPNYDETEKYGIPRRPTGELTNPNLPESINNPRKFIEDDYLAAGRKRIHLDNTYPYKKN
;
D
6 'polypeptide(L)'
;MKNKLGVFVVCLFCQIMLGQNGTRKSLHGQVTNKSLAIESGYVMNINAKSRTFIGPGGLFDILAQPKDTLLFTGIAFQSK
KIVLTEKDCSQILFSVSLDLVSNELKEVLVRKDLKVKSLDSNTQKYVDMQFEDDRQSTAKNTVMYSDQTIKYGTDFVRIF
KDVKKLLSKNNEKEEVISDIAFVEYSKANFKPDFYTKTLGLKPDEVDLFLMFCSNDPESKRHLNEDQKFELIDFLINKNA
EFKKVNAAQ
;
E
#
# COMPACT_ATOMS: atom_id res chain seq x y z
N GLN A 21 -36.35 22.93 56.65
CA GLN A 21 -34.99 23.40 56.42
C GLN A 21 -34.40 23.98 57.71
N LYS A 22 -35.08 24.98 58.26
CA LYS A 22 -34.62 25.59 59.50
C LYS A 22 -34.64 24.61 60.66
N ALA A 23 -35.67 23.77 60.72
CA ALA A 23 -35.75 22.79 61.80
C ALA A 23 -34.75 21.66 61.61
N LEU A 24 -34.46 21.29 60.36
CA LEU A 24 -33.50 20.21 60.10
C LEU A 24 -32.12 20.54 60.66
N LYS A 25 -31.60 21.72 60.32
CA LYS A 25 -30.28 22.11 60.82
C LYS A 25 -30.30 22.32 62.33
N ASN A 26 -31.34 22.97 62.84
CA ASN A 26 -31.46 23.21 64.27
C ASN A 26 -31.55 21.90 65.03
N GLU A 27 -30.85 21.84 66.17
CA GLU A 27 -30.82 20.65 67.01
C GLU A 27 -32.03 20.51 67.92
N ASP A 28 -32.93 21.49 67.96
CA ASP A 28 -34.11 21.42 68.80
C ASP A 28 -35.04 20.37 68.23
N VAL A 29 -35.02 19.17 68.82
CA VAL A 29 -35.87 18.07 68.37
C VAL A 29 -37.35 18.44 68.50
N ALA A 30 -37.70 19.19 69.53
CA ALA A 30 -39.10 19.57 69.73
C ALA A 30 -39.62 20.38 68.55
N ALA A 31 -38.87 21.41 68.14
CA ALA A 31 -39.30 22.23 67.01
C ALA A 31 -39.34 21.42 65.72
N LYS A 32 -38.32 20.60 65.49
CA LYS A 32 -38.30 19.78 64.28
C LYS A 32 -39.46 18.79 64.27
N PHE A 33 -39.77 18.21 65.42
CA PHE A 33 -40.90 17.27 65.50
C PHE A 33 -42.20 17.99 65.20
N GLU A 34 -42.38 19.17 65.78
CA GLU A 34 -43.59 19.95 65.53
C GLU A 34 -43.68 20.34 64.06
N VAL A 35 -42.55 20.74 63.47
CA VAL A 35 -42.53 21.09 62.05
C VAL A 35 -42.88 19.88 61.20
N ALA A 36 -42.32 18.72 61.56
CA ALA A 36 -42.61 17.50 60.81
C ALA A 36 -44.09 17.14 60.90
N THR A 37 -44.70 17.36 62.06
CA THR A 37 -46.12 17.08 62.22
C THR A 37 -46.94 17.91 61.25
N LYS A 38 -46.58 19.19 61.11
CA LYS A 38 -47.29 20.06 60.18
C LYS A 38 -47.09 19.59 58.74
N MET A 39 -45.87 19.18 58.40
CA MET A 39 -45.61 18.70 57.04
C MET A 39 -46.45 17.48 56.72
N TYR A 40 -46.51 16.52 57.65
CA TYR A 40 -47.31 15.32 57.41
C TYR A 40 -48.80 15.66 57.38
N ASP A 41 -49.21 16.73 58.05
CA ASP A 41 -50.62 17.12 58.07
C ASP A 41 -51.11 17.52 56.69
N ALA A 42 -50.34 18.32 55.96
CA ALA A 42 -50.73 18.80 54.64
C ALA A 42 -50.19 17.94 53.51
N GLY A 43 -50.01 16.64 53.72
CA GLY A 43 -49.51 15.79 52.67
C GLY A 43 -48.08 16.02 52.25
N LYS A 44 -47.32 16.84 52.98
CA LYS A 44 -45.93 17.09 52.62
C LYS A 44 -45.09 15.92 53.13
N TYR A 45 -45.45 14.71 52.71
CA TYR A 45 -44.73 13.52 53.15
C TYR A 45 -43.28 13.53 52.68
N ASN A 46 -43.01 14.05 51.49
CA ASN A 46 -41.65 14.09 50.99
C ASN A 46 -40.74 14.93 51.88
N LYS A 47 -41.21 16.10 52.30
CA LYS A 47 -40.39 16.96 53.15
C LYS A 47 -40.27 16.41 54.56
N ALA A 48 -41.39 15.97 55.14
CA ALA A 48 -41.39 15.45 56.49
C ALA A 48 -40.51 14.21 56.64
N ILE A 49 -40.43 13.38 55.60
CA ILE A 49 -39.62 12.17 55.68
C ILE A 49 -38.16 12.52 55.97
N ARG A 50 -37.64 13.55 55.31
CA ARG A 50 -36.26 13.96 55.52
C ARG A 50 -35.98 14.28 56.98
N LEU A 51 -36.85 15.11 57.59
CA LEU A 51 -36.66 15.48 58.99
C LEU A 51 -36.90 14.30 59.92
N PHE A 52 -37.89 13.47 59.61
CA PHE A 52 -38.21 12.32 60.47
C PHE A 52 -37.07 11.31 60.52
N GLU A 53 -36.35 11.13 59.42
CA GLU A 53 -35.27 10.16 59.41
C GLU A 53 -34.18 10.53 60.42
N GLN A 54 -33.85 11.82 60.51
CA GLN A 54 -32.82 12.26 61.45
C GLN A 54 -33.30 12.13 62.89
N LEU A 55 -34.54 12.53 63.15
CA LEU A 55 -35.09 12.45 64.51
C LEU A 55 -35.49 11.06 64.93
N ALA A 56 -35.53 10.10 63.99
CA ALA A 56 -35.93 8.74 64.37
C ALA A 56 -35.02 8.12 65.42
N PRO A 57 -33.68 8.15 65.29
CA PRO A 57 -32.85 7.51 66.33
C PRO A 57 -32.93 8.21 67.68
N THR A 58 -32.77 9.53 67.72
CA THR A 58 -32.81 10.24 68.99
C THR A 58 -34.16 10.12 69.69
N TYR A 59 -35.25 10.22 68.94
CA TYR A 59 -36.58 10.12 69.52
C TYR A 59 -37.07 8.70 69.67
N ARG A 60 -36.18 7.71 69.62
CA ARG A 60 -36.59 6.32 69.78
C ARG A 60 -36.86 6.00 71.24
N GLY A 61 -37.84 5.12 71.47
CA GLY A 61 -38.17 4.71 72.82
C GLY A 61 -39.05 5.66 73.60
N LYS A 62 -38.85 6.97 73.41
CA LYS A 62 -39.60 8.02 74.09
C LYS A 62 -41.10 7.75 74.04
N PRO A 63 -41.86 8.20 75.05
CA PRO A 63 -43.31 7.94 75.03
C PRO A 63 -44.01 8.45 73.78
N GLN A 64 -43.56 9.57 73.24
CA GLN A 64 -44.15 10.12 72.02
C GLN A 64 -43.65 9.44 70.76
N ALA A 65 -42.77 8.44 70.88
CA ALA A 65 -42.26 7.74 69.71
C ALA A 65 -43.32 6.93 68.99
N GLU A 66 -44.48 6.71 69.62
CA GLU A 66 -45.55 5.96 68.94
C GLU A 66 -46.12 6.77 67.79
N LYS A 67 -46.31 8.08 67.99
CA LYS A 67 -46.84 8.93 66.95
C LYS A 67 -45.82 9.19 65.86
N LEU A 68 -44.55 9.41 66.25
CA LEU A 68 -43.50 9.69 65.28
C LEU A 68 -43.34 8.53 64.29
N PHE A 69 -42.99 7.35 64.79
CA PHE A 69 -42.79 6.21 63.90
C PHE A 69 -44.06 5.86 63.12
N TYR A 70 -45.24 6.13 63.69
CA TYR A 70 -46.47 5.83 62.98
C TYR A 70 -46.59 6.66 61.71
N MET A 71 -46.53 7.98 61.84
CA MET A 71 -46.61 8.84 60.67
C MET A 71 -45.39 8.66 59.78
N PHE A 72 -44.23 8.35 60.38
CA PHE A 72 -43.02 8.13 59.60
C PHE A 72 -43.22 6.99 58.60
N SER A 73 -43.77 5.87 59.09
CA SER A 73 -44.03 4.75 58.20
C SER A 73 -45.17 5.05 57.25
N GLN A 74 -46.15 5.85 57.71
CA GLN A 74 -47.27 6.22 56.86
C GLN A 74 -46.79 7.05 55.68
N SER A 75 -45.87 7.98 55.92
CA SER A 75 -45.35 8.81 54.85
C SER A 75 -44.65 7.95 53.79
N TYR A 76 -43.83 7.00 54.24
CA TYR A 76 -43.16 6.11 53.30
C TYR A 76 -44.19 5.35 52.47
N TYR A 77 -45.26 4.90 53.12
CA TYR A 77 -46.32 4.18 52.42
C TYR A 77 -47.04 5.07 51.42
N LYS A 78 -47.33 6.30 51.81
CA LYS A 78 -48.03 7.22 50.92
C LYS A 78 -47.12 7.73 49.79
N THR A 79 -45.81 7.61 49.94
CA THR A 79 -44.87 8.02 48.91
C THR A 79 -44.51 6.88 47.97
N LYS A 80 -45.21 5.76 48.08
CA LYS A 80 -45.04 4.54 47.29
C LYS A 80 -43.74 3.82 47.62
N GLN A 81 -42.94 4.33 48.55
CA GLN A 81 -41.69 3.67 48.94
C GLN A 81 -42.08 2.50 49.84
N TYR A 82 -42.64 1.48 49.18
CA TYR A 82 -43.13 0.29 49.87
C TYR A 82 -42.04 -0.42 50.66
N TYR A 83 -40.82 -0.50 50.13
CA TYR A 83 -39.76 -1.19 50.87
C TYR A 83 -39.48 -0.51 52.19
N LEU A 84 -39.29 0.82 52.17
CA LEU A 84 -39.04 1.54 53.41
C LEU A 84 -40.24 1.50 54.33
N ALA A 85 -41.45 1.62 53.76
CA ALA A 85 -42.66 1.58 54.58
C ALA A 85 -42.82 0.23 55.24
N GLY A 86 -42.50 -0.85 54.53
CA GLY A 86 -42.63 -2.17 55.11
C GLY A 86 -41.73 -2.37 56.30
N TYR A 87 -40.46 -1.99 56.18
CA TYR A 87 -39.52 -2.14 57.28
C TYR A 87 -39.91 -1.27 58.46
N GLN A 88 -40.32 -0.03 58.19
CA GLN A 88 -40.72 0.88 59.26
C GLN A 88 -41.93 0.36 60.00
N PHE A 89 -42.92 -0.13 59.25
CA PHE A 89 -44.13 -0.68 59.88
C PHE A 89 -43.80 -1.93 60.69
N GLU A 90 -42.89 -2.77 60.17
CA GLU A 90 -42.52 -3.98 60.89
C GLU A 90 -41.91 -3.64 62.24
N SER A 91 -40.94 -2.72 62.26
CA SER A 91 -40.29 -2.34 63.51
C SER A 91 -41.27 -1.61 64.43
N PHE A 92 -42.26 -0.92 63.87
CA PHE A 92 -43.22 -0.21 64.70
C PHE A 92 -43.97 -1.20 65.59
N VAL A 93 -44.39 -2.32 65.02
CA VAL A 93 -45.09 -3.34 65.80
C VAL A 93 -44.13 -4.03 66.76
N SER A 94 -42.91 -4.31 66.29
CA SER A 94 -41.91 -4.97 67.12
C SER A 94 -41.58 -4.14 68.35
N GLY A 95 -41.08 -2.92 68.14
CA GLY A 95 -40.73 -2.03 69.23
C GLY A 95 -41.87 -1.75 70.17
N TYR A 96 -42.91 -1.09 69.67
CA TYR A 96 -44.09 -0.75 70.46
C TYR A 96 -45.04 -1.95 70.38
N PRO A 97 -45.07 -2.80 71.39
CA PRO A 97 -45.94 -4.00 71.34
C PRO A 97 -47.43 -3.77 71.45
N ARG A 98 -47.88 -3.03 72.45
CA ARG A 98 -49.31 -2.80 72.68
C ARG A 98 -49.79 -1.44 72.20
N SER A 99 -49.26 -0.92 71.09
CA SER A 99 -49.75 0.35 70.58
C SER A 99 -51.21 0.20 70.17
N GLU A 100 -51.99 1.27 70.33
CA GLU A 100 -53.40 1.21 70.00
C GLU A 100 -53.66 0.83 68.55
N LYS A 101 -52.71 1.11 67.66
CA LYS A 101 -52.85 0.80 66.24
C LYS A 101 -51.80 -0.21 65.76
N VAL A 102 -51.56 -1.25 66.54
CA VAL A 102 -50.59 -2.27 66.14
C VAL A 102 -51.12 -3.10 64.99
N GLN A 103 -52.42 -3.44 65.04
CA GLN A 103 -53.01 -4.25 63.98
C GLN A 103 -52.89 -3.59 62.62
N GLU A 104 -53.15 -2.28 62.55
CA GLU A 104 -53.03 -1.57 61.28
C GLU A 104 -51.61 -1.65 60.73
N ALA A 105 -50.61 -1.47 61.60
CA ALA A 105 -49.23 -1.53 61.15
C ALA A 105 -48.87 -2.94 60.69
N ALA A 106 -49.43 -3.96 61.34
CA ALA A 106 -49.14 -5.33 60.95
C ALA A 106 -49.66 -5.62 59.54
N PHE A 107 -50.90 -5.25 59.26
CA PHE A 107 -51.47 -5.49 57.95
C PHE A 107 -50.74 -4.68 56.87
N LEU A 108 -50.58 -3.38 57.12
CA LEU A 108 -49.90 -2.54 56.14
C LEU A 108 -48.45 -3.00 55.93
N GLY A 109 -47.83 -3.56 56.96
CA GLY A 109 -46.46 -4.03 56.80
C GLY A 109 -46.37 -5.16 55.79
N ALA A 110 -47.26 -6.14 55.90
CA ALA A 110 -47.27 -7.25 54.94
C ALA A 110 -47.82 -6.81 53.61
N TYR A 111 -48.86 -5.96 53.62
CA TYR A 111 -49.43 -5.48 52.37
C TYR A 111 -48.43 -4.65 51.57
N SER A 112 -47.55 -3.93 52.27
CA SER A 112 -46.55 -3.12 51.57
C SER A 112 -45.50 -4.02 50.92
N TYR A 113 -45.03 -5.04 51.64
CA TYR A 113 -44.04 -5.95 51.09
C TYR A 113 -44.60 -6.73 49.91
N SER A 114 -45.93 -6.89 49.83
CA SER A 114 -46.53 -7.61 48.72
C SER A 114 -46.57 -6.77 47.46
N LYS A 115 -46.67 -5.44 47.60
CA LYS A 115 -46.71 -4.58 46.42
C LYS A 115 -45.42 -4.67 45.62
N LEU A 116 -44.30 -4.97 46.28
CA LEU A 116 -43.01 -5.10 45.63
C LEU A 116 -42.80 -6.46 44.98
N ALA A 117 -43.87 -7.23 44.79
CA ALA A 117 -43.74 -8.54 44.16
C ALA A 117 -43.49 -8.39 42.68
N PRO A 118 -42.42 -8.94 42.13
CA PRO A 118 -42.14 -8.80 40.70
C PRO A 118 -43.03 -9.71 39.88
N VAL A 119 -42.98 -9.52 38.56
CA VAL A 119 -43.78 -10.34 37.66
C VAL A 119 -43.30 -11.79 37.74
N TYR A 120 -44.14 -12.70 37.23
CA TYR A 120 -43.80 -14.12 37.28
C TYR A 120 -42.48 -14.42 36.57
N SER A 121 -42.14 -13.65 35.54
CA SER A 121 -40.90 -13.90 34.81
C SER A 121 -39.67 -13.69 35.68
N LEU A 122 -39.65 -12.63 36.48
CA LEU A 122 -38.51 -12.32 37.33
C LEU A 122 -38.46 -13.25 38.54
N ASP A 123 -37.41 -13.09 39.34
CA ASP A 123 -37.23 -13.91 40.53
C ASP A 123 -38.32 -13.59 41.57
N GLN A 124 -38.96 -14.63 42.09
CA GLN A 124 -40.01 -14.45 43.07
C GLN A 124 -39.48 -14.55 44.49
N ALA A 125 -38.43 -13.78 44.79
CA ALA A 125 -37.88 -13.79 46.13
C ALA A 125 -38.75 -12.98 47.08
N ASP A 126 -39.26 -11.84 46.60
CA ASP A 126 -40.11 -11.00 47.43
C ASP A 126 -41.50 -11.60 47.57
N THR A 127 -41.97 -12.33 46.55
CA THR A 127 -43.29 -12.94 46.62
C THR A 127 -43.36 -13.92 47.78
N VAL A 128 -42.32 -14.73 47.97
CA VAL A 128 -42.31 -15.67 49.07
C VAL A 128 -42.29 -14.93 50.40
N LYS A 129 -41.48 -13.87 50.49
CA LYS A 129 -41.41 -13.08 51.71
C LYS A 129 -42.76 -12.47 52.04
N ALA A 130 -43.44 -11.92 51.04
CA ALA A 130 -44.75 -11.33 51.27
C ALA A 130 -45.75 -12.37 51.74
N LEU A 131 -45.68 -13.58 51.17
CA LEU A 131 -46.60 -14.63 51.58
C LEU A 131 -46.39 -15.01 53.03
N ASP A 132 -45.14 -15.08 53.48
CA ASP A 132 -44.87 -15.42 54.87
C ASP A 132 -45.45 -14.38 55.81
N LYS A 133 -45.27 -13.10 55.50
CA LYS A 133 -45.79 -12.04 56.34
C LYS A 133 -47.32 -12.03 56.32
N LEU A 134 -47.92 -12.10 55.13
CA LEU A 134 -49.37 -12.09 55.03
C LEU A 134 -49.97 -13.32 55.71
N GLN A 135 -49.35 -14.49 55.51
CA GLN A 135 -49.87 -15.70 56.15
C GLN A 135 -49.79 -15.60 57.66
N ALA A 136 -48.66 -15.11 58.18
CA ALA A 136 -48.50 -14.97 59.61
C ALA A 136 -49.46 -13.92 60.17
N PHE A 137 -49.74 -12.86 59.40
CA PHE A 137 -50.65 -11.83 59.88
C PHE A 137 -52.05 -12.40 60.10
N ILE A 138 -52.50 -13.29 59.22
CA ILE A 138 -53.82 -13.89 59.36
C ILE A 138 -53.88 -14.77 60.61
N ASP A 139 -52.85 -15.60 60.79
CA ASP A 139 -52.82 -16.51 61.94
C ASP A 139 -52.70 -15.75 63.26
N ASN A 140 -51.87 -14.71 63.29
CA ASN A 140 -51.68 -13.96 64.52
C ASN A 140 -52.85 -13.05 64.88
N TYR A 141 -53.59 -12.55 63.89
CA TYR A 141 -54.73 -11.67 64.14
C TYR A 141 -55.97 -12.17 63.40
N PRO A 142 -56.55 -13.28 63.86
CA PRO A 142 -57.76 -13.79 63.20
C PRO A 142 -58.94 -12.86 63.46
N ASN A 143 -59.95 -12.97 62.59
CA ASN A 143 -61.17 -12.16 62.68
C ASN A 143 -60.83 -10.66 62.67
N SER A 144 -59.96 -10.28 61.75
CA SER A 144 -59.53 -8.89 61.60
C SER A 144 -60.35 -8.20 60.52
N GLU A 145 -60.27 -6.87 60.51
CA GLU A 145 -61.01 -6.09 59.52
C GLU A 145 -60.37 -6.17 58.14
N TYR A 146 -59.05 -6.31 58.07
CA TYR A 146 -58.32 -6.40 56.81
C TYR A 146 -58.17 -7.84 56.32
N LEU A 147 -58.95 -8.77 56.89
CA LEU A 147 -58.83 -10.18 56.49
C LEU A 147 -59.25 -10.39 55.04
N ALA A 148 -60.25 -9.63 54.56
CA ALA A 148 -60.71 -9.80 53.19
C ALA A 148 -59.61 -9.45 52.19
N GLN A 149 -59.00 -8.27 52.34
CA GLN A 149 -57.95 -7.87 51.42
C GLN A 149 -56.73 -8.79 51.54
N ALA A 150 -56.44 -9.26 52.75
CA ALA A 150 -55.30 -10.15 52.94
C ALA A 150 -55.47 -11.43 52.14
N ASN A 151 -56.67 -12.02 52.17
CA ASN A 151 -56.91 -13.24 51.41
C ASN A 151 -56.81 -12.99 49.92
N GLU A 152 -57.32 -11.84 49.45
CA GLU A 152 -57.24 -11.54 48.04
C GLU A 152 -55.79 -11.40 47.59
N SER A 153 -54.96 -10.73 48.40
CA SER A 153 -53.56 -10.57 48.04
C SER A 153 -52.85 -11.92 48.01
N VAL A 154 -53.17 -12.79 48.96
CA VAL A 154 -52.55 -14.11 49.01
C VAL A 154 -52.87 -14.89 47.74
N LYS A 155 -54.12 -14.84 47.31
CA LYS A 155 -54.51 -15.54 46.09
C LYS A 155 -53.77 -14.98 44.88
N ILE A 156 -53.61 -13.65 44.82
CA ILE A 156 -52.90 -13.03 43.71
C ILE A 156 -51.44 -13.44 43.74
N LEU A 157 -50.83 -13.41 44.91
CA LEU A 157 -49.42 -13.79 45.03
C LEU A 157 -49.22 -15.26 44.67
N ASN A 158 -50.13 -16.13 45.12
CA ASN A 158 -50.01 -17.55 44.79
C ASN A 158 -50.13 -17.78 43.29
N GLY A 159 -50.87 -16.91 42.61
CA GLY A 159 -51.01 -17.05 41.16
C GLY A 159 -49.70 -16.82 40.44
N LYS A 160 -48.88 -15.90 40.97
CA LYS A 160 -47.58 -15.64 40.35
C LYS A 160 -46.68 -16.86 40.42
N LEU A 161 -46.68 -17.56 41.56
CA LEU A 161 -45.86 -18.76 41.70
C LEU A 161 -46.32 -19.85 40.73
N GLU A 162 -47.64 -20.00 40.59
CA GLU A 162 -48.16 -21.01 39.66
C GLU A 162 -47.87 -20.62 38.23
N LYS A 163 -48.09 -19.35 37.89
CA LYS A 163 -47.85 -18.89 36.52
C LYS A 163 -46.38 -19.07 36.14
N LYS A 164 -45.47 -18.77 37.07
CA LYS A 164 -44.05 -18.93 36.80
C LYS A 164 -43.70 -20.38 36.47
N ALA A 165 -44.21 -21.31 37.28
CA ALA A 165 -43.94 -22.72 37.03
C ALA A 165 -44.56 -23.18 35.72
N TYR A 166 -45.79 -22.74 35.44
CA TYR A 166 -46.45 -23.14 34.19
C TYR A 166 -45.73 -22.59 32.98
N GLU A 167 -45.34 -21.31 33.03
CA GLU A 167 -44.64 -20.71 31.91
C GLU A 167 -43.28 -21.36 31.69
N ASN A 168 -42.58 -21.71 32.78
CA ASN A 168 -41.29 -22.37 32.64
C ASN A 168 -41.46 -23.72 31.96
N ALA A 169 -42.48 -24.48 32.37
CA ALA A 169 -42.73 -25.78 31.76
C ALA A 169 -43.14 -25.60 30.29
N LYS A 170 -44.02 -24.64 30.02
CA LYS A 170 -44.45 -24.40 28.64
C LYS A 170 -43.31 -23.84 27.80
N GLY A 171 -42.31 -23.24 28.44
CA GLY A 171 -41.19 -22.71 27.69
C GLY A 171 -40.47 -23.77 26.88
N TYR A 172 -40.36 -24.98 27.44
CA TYR A 172 -39.72 -26.07 26.72
C TYR A 172 -40.48 -26.38 25.44
N ASN A 173 -41.81 -26.54 25.54
CA ASN A 173 -42.64 -26.84 24.39
C ASN A 173 -42.45 -25.81 23.28
N THR A 174 -42.25 -24.55 23.64
CA THR A 174 -42.06 -23.50 22.65
C THR A 174 -40.77 -23.70 21.86
N ILE A 175 -39.72 -24.15 22.53
CA ILE A 175 -38.41 -24.36 21.90
C ILE A 175 -38.24 -25.84 21.59
N SER A 176 -39.36 -26.53 21.34
CA SER A 176 -39.39 -27.97 21.06
C SER A 176 -39.05 -28.70 22.35
N ASP A 177 -37.88 -29.32 22.43
CA ASP A 177 -37.43 -30.04 23.62
C ASP A 177 -38.60 -30.75 24.30
N TYR A 178 -39.37 -31.47 23.49
CA TYR A 178 -40.56 -32.15 23.98
C TYR A 178 -40.26 -33.15 25.09
N LYS A 179 -39.06 -33.73 25.09
CA LYS A 179 -38.73 -34.68 26.14
C LYS A 179 -38.72 -34.01 27.50
N SER A 180 -38.16 -32.79 27.58
CA SER A 180 -38.12 -32.08 28.85
C SER A 180 -39.47 -31.49 29.22
N ALA A 181 -40.30 -31.19 28.22
CA ALA A 181 -41.62 -30.62 28.51
C ALA A 181 -42.51 -31.62 29.23
N LEU A 182 -42.41 -32.90 28.89
CA LEU A 182 -43.22 -33.91 29.55
C LEU A 182 -42.88 -33.99 31.03
N VAL A 183 -41.60 -34.01 31.36
CA VAL A 183 -41.18 -34.08 32.75
C VAL A 183 -41.58 -32.82 33.50
N ALA A 184 -41.37 -31.66 32.88
CA ALA A 184 -41.72 -30.40 33.53
C ALA A 184 -43.23 -30.31 33.78
N PHE A 185 -44.03 -30.69 32.79
CA PHE A 185 -45.48 -30.63 32.97
C PHE A 185 -45.96 -31.66 33.98
N ASP A 186 -45.34 -32.84 34.02
CA ASP A 186 -45.75 -33.84 34.99
C ASP A 186 -45.59 -33.33 36.41
N ASN A 187 -44.50 -32.63 36.68
CA ASN A 187 -44.27 -32.09 38.01
C ASN A 187 -45.22 -30.94 38.32
N PHE A 188 -45.50 -30.11 37.33
CA PHE A 188 -46.39 -28.97 37.54
C PHE A 188 -47.80 -29.40 37.92
N ILE A 189 -48.34 -30.41 37.24
CA ILE A 189 -49.69 -30.89 37.51
C ILE A 189 -49.72 -31.65 38.82
N ALA A 190 -48.57 -31.76 39.47
CA ALA A 190 -48.47 -32.46 40.76
C ALA A 190 -48.08 -31.53 41.89
N ASP A 191 -47.19 -30.56 41.63
CA ASP A 191 -46.76 -29.64 42.68
C ASP A 191 -47.80 -28.56 42.96
N PHE A 192 -48.67 -28.25 42.00
CA PHE A 192 -49.70 -27.24 42.14
C PHE A 192 -51.06 -27.86 41.82
N PRO A 193 -51.61 -28.66 42.73
CA PRO A 193 -52.91 -29.28 42.47
C PRO A 193 -54.04 -28.27 42.54
N GLY A 194 -55.14 -28.61 41.86
CA GLY A 194 -56.31 -27.75 41.82
C GLY A 194 -56.00 -26.33 41.37
N THR A 195 -55.57 -26.18 40.13
CA THR A 195 -55.24 -24.87 39.59
C THR A 195 -56.01 -24.62 38.30
N PRO A 196 -56.39 -23.37 38.02
CA PRO A 196 -57.14 -23.08 36.79
C PRO A 196 -56.35 -23.36 35.52
N LEU A 197 -55.03 -23.45 35.60
CA LEU A 197 -54.17 -23.71 34.46
C LEU A 197 -53.99 -25.19 34.18
N LYS A 198 -54.64 -26.07 34.94
CA LYS A 198 -54.46 -27.50 34.72
C LYS A 198 -54.93 -27.93 33.34
N GLU A 199 -56.04 -27.37 32.86
CA GLU A 199 -56.53 -27.76 31.53
C GLU A 199 -55.49 -27.46 30.46
N ASP A 200 -54.86 -26.29 30.51
CA ASP A 200 -53.85 -25.95 29.53
C ASP A 200 -52.64 -26.88 29.65
N ALA A 201 -52.22 -27.16 30.89
CA ALA A 201 -51.08 -28.04 31.09
C ALA A 201 -51.36 -29.44 30.53
N LEU A 202 -52.59 -29.94 30.71
CA LEU A 202 -52.94 -31.25 30.21
C LEU A 202 -52.83 -31.31 28.69
N PHE A 203 -53.32 -30.27 28.00
CA PHE A 203 -53.25 -30.27 26.55
C PHE A 203 -51.81 -30.19 26.07
N TYR A 204 -51.03 -29.26 26.61
CA TYR A 204 -49.64 -29.13 26.18
C TYR A 204 -48.86 -30.40 26.49
N LYS A 205 -49.23 -31.12 27.55
CA LYS A 205 -48.55 -32.38 27.83
C LYS A 205 -48.84 -33.38 26.73
N TYR A 206 -50.08 -33.37 26.24
CA TYR A 206 -50.47 -34.26 25.14
C TYR A 206 -49.75 -33.85 23.87
N ASP A 207 -49.67 -32.55 23.60
CA ASP A 207 -48.97 -32.07 22.42
C ASP A 207 -47.49 -32.43 22.48
N SER A 208 -46.88 -32.29 23.66
CA SER A 208 -45.47 -32.63 23.79
C SER A 208 -45.23 -34.10 23.48
N ALA A 209 -46.11 -34.99 23.96
CA ALA A 209 -45.96 -36.41 23.68
C ALA A 209 -46.31 -36.71 22.23
N TYR A 210 -47.30 -36.00 21.68
CA TYR A 210 -47.69 -36.24 20.29
C TYR A 210 -46.54 -35.92 19.34
N GLN A 211 -45.93 -34.75 19.50
CA GLN A 211 -44.81 -34.38 18.63
C GLN A 211 -43.61 -35.28 18.85
N LEU A 212 -43.41 -35.74 20.09
CA LEU A 212 -42.28 -36.62 20.39
C LEU A 212 -42.48 -38.00 19.78
N ALA A 213 -43.72 -38.45 19.64
CA ALA A 213 -43.98 -39.76 19.07
C ALA A 213 -43.99 -39.75 17.55
N ILE A 214 -44.63 -38.75 16.94
CA ILE A 214 -44.70 -38.68 15.48
C ILE A 214 -43.31 -38.60 14.86
N ASN A 215 -42.35 -37.98 15.56
CA ASN A 215 -40.97 -37.86 15.05
C ASN A 215 -40.05 -38.41 16.13
N SER A 216 -39.81 -39.72 16.09
CA SER A 216 -38.94 -40.37 17.05
C SER A 216 -38.32 -41.59 16.40
N VAL A 217 -37.31 -42.14 17.07
CA VAL A 217 -36.64 -43.33 16.53
C VAL A 217 -37.67 -44.44 16.38
N PRO A 218 -37.70 -45.17 15.26
CA PRO A 218 -38.70 -46.24 15.11
C PRO A 218 -38.59 -47.34 16.14
N SER A 219 -37.48 -47.41 16.89
CA SER A 219 -37.33 -48.45 17.90
C SER A 219 -38.30 -48.27 19.05
N LYS A 220 -38.46 -47.05 19.55
CA LYS A 220 -39.35 -46.78 20.67
C LYS A 220 -40.54 -45.91 20.27
N MET A 221 -41.02 -46.03 19.04
CA MET A 221 -42.17 -45.24 18.62
C MET A 221 -43.45 -45.72 19.31
N GLU A 222 -43.55 -47.02 19.57
CA GLU A 222 -44.73 -47.56 20.24
C GLU A 222 -44.87 -47.02 21.66
N GLU A 223 -43.75 -46.93 22.38
CA GLU A 223 -43.79 -46.44 23.75
C GLU A 223 -44.34 -45.02 23.80
N ARG A 224 -43.86 -44.15 22.90
CA ARG A 224 -44.33 -42.78 22.89
C ARG A 224 -45.78 -42.69 22.41
N LEU A 225 -46.19 -43.58 21.50
CA LEU A 225 -47.57 -43.55 21.03
C LEU A 225 -48.52 -43.85 22.18
N HIS A 226 -48.16 -44.81 23.04
CA HIS A 226 -49.00 -45.15 24.17
C HIS A 226 -49.11 -43.97 25.14
N VAL A 227 -48.00 -43.28 25.39
CA VAL A 227 -48.02 -42.13 26.29
C VAL A 227 -48.94 -41.06 25.74
N ALA A 228 -48.97 -40.89 24.41
CA ALA A 228 -49.84 -39.91 23.80
C ALA A 228 -51.30 -40.24 24.08
N GLN A 229 -51.66 -41.52 23.98
CA GLN A 229 -53.03 -41.93 24.25
C GLN A 229 -53.40 -41.67 25.70
N THR A 230 -52.48 -41.97 26.62
CA THR A 230 -52.74 -41.76 28.04
C THR A 230 -52.98 -40.28 28.32
N ALA A 231 -52.16 -39.41 27.73
CA ALA A 231 -52.32 -37.97 27.94
C ALA A 231 -53.66 -37.49 27.38
N TYR A 232 -54.07 -38.02 26.23
CA TYR A 232 -55.33 -37.61 25.65
C TYR A 232 -56.50 -37.99 26.55
N ALA A 233 -56.47 -39.20 27.12
CA ALA A 233 -57.54 -39.63 28.00
C ALA A 233 -57.61 -38.75 29.24
N ASN A 234 -56.46 -38.41 29.81
CA ASN A 234 -56.45 -37.55 30.99
C ASN A 234 -57.06 -36.18 30.69
N LEU A 235 -56.74 -35.62 29.52
CA LEU A 235 -57.30 -34.33 29.15
C LEU A 235 -58.81 -34.39 29.02
N MET A 236 -59.32 -35.41 28.33
CA MET A 236 -60.76 -35.54 28.16
C MET A 236 -61.45 -35.84 29.48
N LYS A 237 -60.84 -36.68 30.33
CA LYS A 237 -61.44 -37.01 31.61
C LYS A 237 -61.57 -35.78 32.50
N TYR A 238 -60.57 -34.88 32.45
CA TYR A 238 -60.63 -33.67 33.26
C TYR A 238 -61.84 -32.83 32.89
N LYS A 239 -61.90 -32.37 31.64
CA LYS A 239 -63.02 -31.58 31.13
C LYS A 239 -63.38 -32.16 29.77
N SER A 240 -64.51 -32.87 29.72
CA SER A 240 -64.95 -33.47 28.47
C SER A 240 -65.14 -32.43 27.38
N ASP A 241 -65.71 -31.28 27.73
CA ASP A 241 -65.94 -30.20 26.76
C ASP A 241 -64.76 -29.21 26.78
N THR A 242 -63.57 -29.75 26.57
CA THR A 242 -62.38 -28.90 26.55
C THR A 242 -62.37 -28.02 25.31
N LYS A 243 -61.72 -26.85 25.44
CA LYS A 243 -61.65 -25.92 24.32
C LYS A 243 -60.82 -26.47 23.18
N TYR A 244 -59.80 -27.27 23.49
CA TYR A 244 -58.93 -27.86 22.47
C TYR A 244 -59.44 -29.20 21.96
N LYS A 245 -60.75 -29.46 22.09
CA LYS A 245 -61.28 -30.74 21.63
C LYS A 245 -61.10 -30.93 20.13
N GLU A 246 -61.30 -29.87 19.34
CA GLU A 246 -61.14 -29.98 17.90
C GLU A 246 -59.72 -30.40 17.54
N LYS A 247 -58.72 -29.73 18.10
CA LYS A 247 -57.33 -30.08 17.79
C LYS A 247 -56.95 -31.42 18.43
N ALA A 248 -57.41 -31.67 19.66
CA ALA A 248 -57.08 -32.92 20.32
C ALA A 248 -57.60 -34.12 19.55
N ASP A 249 -58.84 -34.03 19.04
CA ASP A 249 -59.39 -35.14 18.27
C ASP A 249 -58.55 -35.42 17.03
N GLN A 250 -58.11 -34.35 16.36
CA GLN A 250 -57.28 -34.53 15.17
C GLN A 250 -55.96 -35.20 15.51
N MET A 251 -55.34 -34.81 16.63
CA MET A 251 -54.06 -35.40 17.03
C MET A 251 -54.22 -36.89 17.32
N ASN A 252 -55.30 -37.27 18.00
CA ASN A 252 -55.50 -38.68 18.32
C ASN A 252 -55.69 -39.52 17.06
N ALA A 253 -56.21 -38.92 16.00
CA ALA A 253 -56.41 -39.67 14.76
C ALA A 253 -55.08 -40.16 14.21
N ARG A 254 -54.06 -39.30 14.24
CA ARG A 254 -52.74 -39.69 13.75
C ARG A 254 -52.14 -40.80 14.60
N VAL A 255 -52.26 -40.67 15.92
CA VAL A 255 -51.70 -41.68 16.82
C VAL A 255 -52.35 -43.04 16.58
N GLU A 256 -53.68 -43.07 16.48
CA GLU A 256 -54.37 -44.32 16.22
C GLU A 256 -53.98 -44.89 14.87
N THR A 257 -53.90 -44.03 13.86
CA THR A 257 -53.53 -44.48 12.52
C THR A 257 -52.12 -45.05 12.53
N ASP A 258 -51.17 -44.34 13.14
CA ASP A 258 -49.79 -44.82 13.20
C ASP A 258 -49.67 -46.06 14.05
N LEU A 259 -50.52 -46.19 15.09
CA LEU A 259 -50.45 -47.36 15.95
C LEU A 259 -50.76 -48.65 15.18
N GLN A 260 -51.54 -48.55 14.11
CA GLN A 260 -51.87 -49.74 13.33
C GLN A 260 -50.65 -50.35 12.66
N LYS A 261 -49.60 -49.57 12.44
CA LYS A 261 -48.39 -50.10 11.82
C LYS A 261 -47.64 -51.02 12.76
N PHE A 262 -47.84 -50.89 14.07
CA PHE A 262 -47.19 -51.70 15.06
C PHE A 262 -48.11 -52.77 15.64
N THR A 263 -49.28 -52.98 15.03
CA THR A 263 -50.23 -53.99 15.49
C THR A 263 -49.70 -55.37 15.12
N LYS A 264 -48.75 -55.84 15.92
CA LYS A 264 -48.13 -57.14 15.71
C LYS A 264 -49.09 -58.27 16.08
N LYS B 283 14.07 -45.67 46.42
CA LYS B 283 13.22 -45.52 45.25
C LYS B 283 12.17 -46.62 45.23
N TYR B 284 10.98 -46.30 44.72
CA TYR B 284 9.88 -47.25 44.65
C TYR B 284 9.34 -47.31 43.23
N TYR B 285 9.01 -48.53 42.79
CA TYR B 285 8.48 -48.77 41.46
C TYR B 285 7.05 -49.28 41.54
N PHE B 286 6.22 -48.87 40.58
CA PHE B 286 4.82 -49.29 40.54
C PHE B 286 4.72 -50.75 40.16
N GLY B 287 3.60 -51.36 40.51
CA GLY B 287 3.37 -52.76 40.19
C GLY B 287 2.05 -53.31 40.66
N ASN B 288 1.43 -54.17 39.84
CA ASN B 288 0.17 -54.83 40.16
C ASN B 288 -0.97 -53.83 40.43
N ILE B 289 -1.34 -53.11 39.38
CA ILE B 289 -2.43 -52.14 39.47
C ILE B 289 -3.72 -52.86 39.11
N LYS B 290 -4.64 -52.96 40.05
CA LYS B 290 -5.92 -53.63 39.84
C LYS B 290 -7.08 -52.72 40.21
N PHE B 291 -8.22 -52.95 39.58
CA PHE B 291 -9.42 -52.16 39.80
C PHE B 291 -10.51 -53.03 40.42
N LEU B 292 -11.21 -52.47 41.40
CA LEU B 292 -12.30 -53.16 42.09
C LEU B 292 -13.56 -52.32 42.00
N GLY B 293 -14.70 -52.98 41.84
CA GLY B 293 -15.96 -52.29 41.73
C GLY B 293 -16.23 -51.64 40.40
N ASN B 294 -15.56 -52.09 39.34
CA ASN B 294 -15.74 -51.52 38.01
C ASN B 294 -16.67 -52.42 37.18
N THR B 295 -17.96 -52.32 37.50
CA THR B 295 -18.94 -53.13 36.78
C THR B 295 -19.25 -52.57 35.40
N VAL B 296 -19.33 -51.24 35.29
CA VAL B 296 -19.65 -50.62 34.00
C VAL B 296 -18.50 -50.78 33.02
N TYR B 297 -17.28 -50.50 33.45
CA TYR B 297 -16.11 -50.58 32.59
C TYR B 297 -15.21 -51.74 33.03
N SER B 298 -14.74 -52.52 32.05
CA SER B 298 -13.89 -53.65 32.34
C SER B 298 -12.50 -53.19 32.78
N ASP B 299 -11.73 -54.12 33.35
CA ASP B 299 -10.39 -53.81 33.80
C ASP B 299 -9.48 -53.43 32.64
N GLN B 300 -9.74 -53.96 31.45
CA GLN B 300 -8.92 -53.65 30.29
C GLN B 300 -9.09 -52.20 29.85
N GLN B 301 -10.34 -51.73 29.79
CA GLN B 301 -10.59 -50.35 29.38
C GLN B 301 -9.99 -49.36 30.36
N LEU B 302 -10.11 -49.63 31.65
CA LEU B 302 -9.57 -48.72 32.67
C LEU B 302 -8.05 -48.68 32.63
N ASN B 303 -7.41 -49.83 32.41
CA ASN B 303 -5.94 -49.84 32.34
C ASN B 303 -5.44 -48.92 31.25
N ARG B 304 -6.13 -48.90 30.10
CA ARG B 304 -5.74 -48.01 29.02
C ARG B 304 -5.88 -46.56 29.43
N TYR B 305 -6.96 -46.23 30.11
CA TYR B 305 -7.18 -44.85 30.55
C TYR B 305 -6.12 -44.42 31.55
N LEU B 306 -5.80 -45.30 32.51
CA LEU B 306 -4.79 -44.97 33.50
C LEU B 306 -3.43 -44.82 32.86
N GLY B 307 -3.06 -45.77 32.01
CA GLY B 307 -1.78 -45.73 31.32
C GLY B 307 -0.55 -45.85 32.19
N ILE B 308 -0.60 -46.70 33.21
CA ILE B 308 0.52 -46.91 34.13
C ILE B 308 0.92 -48.37 34.03
N LYS B 309 2.17 -48.64 33.69
CA LYS B 309 2.69 -49.99 33.54
C LYS B 309 3.63 -50.33 34.69
N LYS B 310 3.82 -51.63 34.89
CA LYS B 310 4.70 -52.11 35.95
C LYS B 310 6.14 -51.75 35.64
N GLY B 311 6.90 -51.48 36.71
CA GLY B 311 8.29 -51.11 36.58
C GLY B 311 8.56 -49.63 36.53
N GLU B 312 7.53 -48.80 36.42
CA GLU B 312 7.71 -47.36 36.39
C GLU B 312 7.93 -46.81 37.80
N THR B 313 8.58 -45.65 37.86
CA THR B 313 8.87 -45.03 39.15
C THR B 313 7.57 -44.58 39.83
N TYR B 314 7.52 -44.77 41.15
CA TYR B 314 6.34 -44.39 41.91
C TYR B 314 6.21 -42.87 41.96
N ASN B 315 5.10 -42.35 41.44
CA ASN B 315 4.82 -40.91 41.41
C ASN B 315 3.38 -40.74 41.90
N GLY B 316 3.23 -40.27 43.14
CA GLY B 316 1.89 -40.10 43.69
C GLY B 316 1.06 -39.07 42.92
N VAL B 317 1.68 -37.97 42.51
CA VAL B 317 0.97 -36.93 41.78
C VAL B 317 0.42 -37.48 40.47
N LEU B 318 1.22 -38.29 39.77
CA LEU B 318 0.77 -38.85 38.50
C LEU B 318 -0.46 -39.73 38.68
N LEU B 319 -0.48 -40.53 39.74
CA LEU B 319 -1.62 -41.42 39.98
C LEU B 319 -2.90 -40.62 40.22
N GLU B 320 -2.84 -39.62 41.11
CA GLU B 320 -4.02 -38.81 41.39
C GLU B 320 -4.46 -38.03 40.16
N LYS B 321 -3.50 -37.54 39.38
CA LYS B 321 -3.84 -36.78 38.18
C LYS B 321 -4.61 -37.64 37.19
N ARG B 322 -4.22 -38.91 37.04
CA ARG B 322 -4.90 -39.80 36.11
C ARG B 322 -6.25 -40.27 36.65
N ILE B 323 -6.40 -40.34 37.97
CA ILE B 323 -7.67 -40.78 38.54
C ILE B 323 -8.69 -39.65 38.57
N ALA B 324 -8.29 -38.49 39.07
CA ALA B 324 -9.19 -37.34 39.14
C ALA B 324 -8.37 -36.07 39.00
N ASP B 325 -8.39 -35.48 37.80
CA ASP B 325 -7.66 -34.25 37.53
C ASP B 325 -8.53 -33.09 37.96
N ASN B 326 -8.28 -32.57 39.17
CA ASN B 326 -9.06 -31.47 39.69
C ASN B 326 -8.68 -30.12 39.09
N THR B 327 -7.47 -30.00 38.54
CA THR B 327 -7.04 -28.73 37.97
C THR B 327 -7.95 -28.28 36.83
N LYS B 328 -8.36 -29.21 35.98
CA LYS B 328 -9.23 -28.87 34.87
C LYS B 328 -10.50 -29.72 34.89
N PRO B 329 -11.62 -29.19 34.41
CA PRO B 329 -12.87 -29.97 34.39
C PRO B 329 -13.02 -30.87 33.19
N ASP B 330 -12.22 -30.70 32.14
CA ASP B 330 -12.30 -31.50 30.93
C ASP B 330 -11.14 -32.50 30.81
N GLY B 331 -10.48 -32.82 31.91
CA GLY B 331 -9.39 -33.76 31.86
C GLY B 331 -9.84 -35.16 31.51
N GLU B 332 -8.92 -35.93 30.93
CA GLU B 332 -9.19 -37.30 30.53
C GLU B 332 -8.80 -38.23 31.67
N ASP B 333 -9.62 -38.24 32.72
CA ASP B 333 -9.40 -39.06 33.89
C ASP B 333 -10.53 -40.06 34.03
N ILE B 334 -10.32 -41.05 34.90
CA ILE B 334 -11.34 -42.08 35.11
C ILE B 334 -12.59 -41.48 35.75
N THR B 335 -12.41 -40.49 36.64
CA THR B 335 -13.56 -39.88 37.29
C THR B 335 -14.47 -39.21 36.27
N ASN B 336 -13.89 -38.46 35.32
CA ASN B 336 -14.71 -37.81 34.31
C ASN B 336 -15.42 -38.82 33.44
N LEU B 337 -14.84 -40.01 33.27
CA LEU B 337 -15.49 -41.03 32.46
C LEU B 337 -16.80 -41.48 33.08
N TYR B 338 -16.83 -41.59 34.41
CA TYR B 338 -18.05 -42.01 35.11
C TYR B 338 -19.03 -40.86 35.28
N GLN B 339 -18.56 -39.71 35.74
CA GLN B 339 -19.44 -38.57 35.97
C GLN B 339 -20.05 -38.01 34.69
N ASN B 340 -19.44 -38.26 33.53
CA ASN B 340 -20.01 -37.75 32.29
C ASN B 340 -21.08 -38.68 31.73
N ASN B 341 -21.37 -39.79 32.39
CA ASN B 341 -22.36 -40.75 31.90
C ASN B 341 -23.45 -41.05 32.93
N GLY B 342 -23.81 -40.07 33.75
CA GLY B 342 -24.86 -40.24 34.73
C GLY B 342 -24.46 -40.71 36.11
N TYR B 343 -23.20 -41.11 36.31
CA TYR B 343 -22.77 -41.58 37.63
C TYR B 343 -22.35 -40.39 38.47
N LEU B 344 -23.36 -39.75 39.07
CA LEU B 344 -23.14 -38.58 39.91
C LEU B 344 -22.44 -38.94 41.22
N PHE B 345 -22.75 -40.10 41.79
CA PHE B 345 -22.17 -40.54 43.05
C PHE B 345 -20.86 -41.30 42.88
N SER B 346 -20.22 -41.21 41.72
CA SER B 346 -18.97 -41.94 41.51
C SER B 346 -17.83 -41.33 42.30
N LYS B 347 -17.00 -42.19 42.89
CA LYS B 347 -15.85 -41.78 43.68
C LYS B 347 -14.77 -42.82 43.49
N ILE B 348 -13.58 -42.38 43.06
CA ILE B 348 -12.45 -43.26 42.82
C ILE B 348 -11.33 -42.88 43.79
N ASN B 349 -10.88 -43.87 44.58
CA ASN B 349 -9.83 -43.66 45.55
C ASN B 349 -8.82 -44.79 45.45
N ALA B 350 -7.53 -44.44 45.40
CA ALA B 350 -6.47 -45.43 45.31
C ALA B 350 -6.02 -45.85 46.69
N VAL B 351 -5.76 -47.15 46.85
CA VAL B 351 -5.33 -47.72 48.12
C VAL B 351 -4.10 -48.58 47.88
N GLU B 352 -3.05 -48.35 48.65
CA GLU B 352 -1.82 -49.12 48.54
C GLU B 352 -2.00 -50.42 49.30
N VAL B 353 -1.97 -51.55 48.58
CA VAL B 353 -2.19 -52.85 49.22
C VAL B 353 -0.91 -53.40 49.83
N LYS B 354 0.10 -53.66 48.99
CA LYS B 354 1.35 -54.21 49.47
C LYS B 354 2.53 -53.37 49.02
N THR B 355 3.63 -53.49 49.77
CA THR B 355 4.88 -52.77 49.51
C THR B 355 6.02 -53.72 49.87
N VAL B 356 6.51 -54.45 48.86
CA VAL B 356 7.59 -55.41 49.05
C VAL B 356 8.62 -55.23 47.93
N ASN B 357 9.90 -55.36 48.29
CA ASN B 357 11.01 -55.22 47.34
C ASN B 357 10.96 -53.90 46.59
N ASP B 358 10.67 -52.82 47.32
CA ASP B 358 10.58 -51.47 46.77
C ASP B 358 9.51 -51.35 45.69
N THR B 359 8.59 -52.30 45.61
CA THR B 359 7.52 -52.30 44.62
C THR B 359 6.20 -52.11 45.36
N ILE B 360 5.46 -51.08 44.98
CA ILE B 360 4.17 -50.76 45.60
C ILE B 360 3.04 -51.25 44.71
N ASP B 361 2.01 -51.81 45.32
CA ASP B 361 0.85 -52.33 44.63
C ASP B 361 -0.38 -51.51 45.01
N PHE B 362 -1.20 -51.17 44.02
CA PHE B 362 -2.39 -50.37 44.22
C PHE B 362 -3.64 -51.11 43.78
N GLU B 363 -4.73 -50.89 44.51
CA GLU B 363 -6.02 -51.49 44.24
C GLU B 363 -7.00 -50.33 44.09
N ILE B 364 -7.12 -49.83 42.86
CA ILE B 364 -8.02 -48.71 42.60
C ILE B 364 -9.45 -49.16 42.88
N ARG B 365 -10.10 -48.46 43.80
CA ARG B 365 -11.48 -48.77 44.19
C ARG B 365 -12.39 -47.74 43.56
N ILE B 366 -13.39 -48.22 42.81
CA ILE B 366 -14.34 -47.36 42.11
C ILE B 366 -15.72 -47.58 42.69
N THR B 367 -16.37 -46.49 43.10
CA THR B 367 -17.72 -46.51 43.65
C THR B 367 -18.62 -45.92 42.57
N GLU B 368 -19.13 -46.78 41.70
CA GLU B 368 -19.98 -46.32 40.60
C GLU B 368 -21.23 -45.61 41.10
N GLY B 369 -22.09 -46.34 41.80
CA GLY B 369 -23.31 -45.77 42.31
C GLY B 369 -24.41 -45.81 41.25
N PRO B 370 -25.63 -45.45 41.64
CA PRO B 370 -26.73 -45.47 40.69
C PRO B 370 -26.71 -44.27 39.73
N ILE B 371 -27.30 -44.48 38.56
CA ILE B 371 -27.37 -43.42 37.57
C ILE B 371 -28.42 -42.39 38.00
N ALA B 372 -28.14 -41.12 37.74
CA ALA B 372 -29.04 -40.04 38.11
C ALA B 372 -29.48 -39.25 36.89
N TYR B 373 -30.71 -38.74 36.96
CA TYR B 373 -31.32 -37.95 35.90
C TYR B 373 -31.74 -36.60 36.45
N PHE B 374 -31.78 -35.59 35.58
CA PHE B 374 -32.19 -34.25 35.99
C PHE B 374 -33.71 -34.21 36.10
N ASN B 375 -34.20 -33.81 37.28
CA ASN B 375 -35.64 -33.75 37.50
C ASN B 375 -36.20 -32.33 37.41
N LYS B 376 -35.73 -31.42 38.27
CA LYS B 376 -36.18 -30.05 38.29
C LYS B 376 -35.00 -29.11 38.09
N ILE B 377 -35.11 -28.22 37.11
CA ILE B 377 -34.07 -27.25 36.80
C ILE B 377 -34.70 -25.87 36.92
N TYR B 378 -34.29 -25.13 37.96
CA TYR B 378 -34.82 -23.80 38.19
C TYR B 378 -33.66 -22.85 38.48
N VAL B 379 -33.86 -21.58 38.13
CA VAL B 379 -32.85 -20.55 38.33
C VAL B 379 -33.39 -19.51 39.31
N THR B 380 -32.49 -18.94 40.10
CA THR B 380 -32.84 -17.94 41.09
C THR B 380 -31.82 -16.79 41.01
N GLY B 381 -32.26 -15.62 41.44
CA GLY B 381 -31.41 -14.44 41.43
C GLY B 381 -31.58 -13.52 40.24
N ASN B 382 -32.44 -13.87 39.29
CA ASN B 382 -32.67 -13.03 38.12
C ASN B 382 -33.70 -11.98 38.47
N ASP B 383 -33.23 -10.78 38.83
CA ASP B 383 -34.13 -9.69 39.20
C ASP B 383 -34.49 -8.80 38.02
N LYS B 384 -33.62 -8.68 37.03
CA LYS B 384 -33.88 -7.83 35.87
C LYS B 384 -33.96 -8.61 34.56
N THR B 385 -33.73 -9.91 34.57
CA THR B 385 -33.77 -10.72 33.36
C THR B 385 -34.91 -11.72 33.45
N ASN B 386 -35.66 -11.84 32.36
CA ASN B 386 -36.78 -12.78 32.32
C ASN B 386 -36.27 -14.21 32.32
N ASP B 387 -37.12 -15.12 32.82
CA ASP B 387 -36.72 -16.53 32.90
C ASP B 387 -36.57 -17.17 31.53
N HIS B 388 -37.44 -16.83 30.57
CA HIS B 388 -37.34 -17.45 29.24
C HIS B 388 -35.98 -17.22 28.61
N VAL B 389 -35.32 -16.10 28.91
CA VAL B 389 -34.00 -15.83 28.34
C VAL B 389 -32.96 -16.77 28.92
N ILE B 390 -33.08 -17.10 30.21
CA ILE B 390 -32.09 -17.95 30.86
C ILE B 390 -32.40 -19.43 30.63
N TYR B 391 -33.67 -19.83 30.73
CA TYR B 391 -34.02 -21.24 30.55
C TYR B 391 -33.73 -21.74 29.14
N ARG B 392 -33.72 -20.86 28.15
CA ARG B 392 -33.45 -21.31 26.78
C ARG B 392 -31.98 -21.56 26.52
N GLU B 393 -31.09 -21.17 27.43
CA GLU B 393 -29.66 -21.37 27.28
C GLU B 393 -29.10 -22.38 28.26
N LEU B 394 -29.95 -23.25 28.80
CA LEU B 394 -29.52 -24.28 29.75
C LEU B 394 -29.40 -25.60 29.02
N ARG B 395 -28.21 -26.20 29.09
CA ARG B 395 -27.96 -27.48 28.44
C ARG B 395 -28.38 -28.67 29.31
N THR B 396 -28.73 -28.43 30.57
CA THR B 396 -29.16 -29.49 31.49
C THR B 396 -30.68 -29.58 31.40
N LYS B 397 -31.15 -30.37 30.44
CA LYS B 397 -32.58 -30.55 30.21
C LYS B 397 -33.16 -31.58 31.19
N PRO B 398 -34.34 -31.31 31.75
CA PRO B 398 -34.95 -32.28 32.67
C PRO B 398 -35.22 -33.60 31.96
N GLY B 399 -35.04 -34.70 32.68
CA GLY B 399 -35.26 -36.01 32.12
C GLY B 399 -34.06 -36.61 31.43
N ASN B 400 -32.89 -36.00 31.54
CA ASN B 400 -31.68 -36.49 30.92
C ASN B 400 -30.69 -36.93 32.00
N LYS B 401 -29.85 -37.90 31.65
CA LYS B 401 -28.87 -38.41 32.60
C LYS B 401 -27.88 -37.31 32.97
N TYR B 402 -27.48 -37.30 34.24
CA TYR B 402 -26.55 -36.31 34.73
C TYR B 402 -25.23 -36.38 33.97
N SER B 403 -24.67 -35.20 33.67
CA SER B 403 -23.41 -35.13 32.94
C SER B 403 -22.67 -33.90 33.41
N LYS B 404 -21.40 -34.06 33.77
CA LYS B 404 -20.63 -32.92 34.22
C LYS B 404 -20.35 -31.95 33.08
N GLU B 405 -20.24 -32.46 31.85
CA GLU B 405 -19.98 -31.59 30.71
C GLU B 405 -21.15 -30.65 30.48
N GLU B 406 -22.37 -31.14 30.64
CA GLU B 406 -23.55 -30.28 30.45
C GLU B 406 -23.59 -29.17 31.49
N LEU B 407 -23.23 -29.48 32.74
CA LEU B 407 -23.23 -28.47 33.79
C LEU B 407 -22.17 -27.41 33.50
N VAL B 408 -20.98 -27.85 33.07
CA VAL B 408 -19.91 -26.90 32.76
C VAL B 408 -20.30 -26.06 31.55
N ARG B 409 -20.89 -26.70 30.54
CA ARG B 409 -21.31 -25.97 29.35
C ARG B 409 -22.38 -24.94 29.70
N THR B 410 -23.33 -25.32 30.56
CA THR B 410 -24.39 -24.41 30.95
C THR B 410 -23.80 -23.17 31.64
N ILE B 411 -22.82 -23.37 32.51
CA ILE B 411 -22.19 -22.24 33.19
C ILE B 411 -21.55 -21.32 32.17
N ARG B 412 -20.87 -21.90 31.17
CA ARG B 412 -20.23 -21.10 30.14
C ARG B 412 -21.26 -20.30 29.35
N GLU B 413 -22.38 -20.93 28.99
CA GLU B 413 -23.41 -20.24 28.23
C GLU B 413 -24.06 -19.14 29.04
N ILE B 414 -24.31 -19.38 30.34
CA ILE B 414 -24.91 -18.35 31.16
C ILE B 414 -23.97 -17.17 31.30
N GLY B 415 -22.66 -17.45 31.37
CA GLY B 415 -21.68 -16.38 31.48
C GLY B 415 -21.52 -15.61 30.18
N GLN B 416 -21.81 -16.25 29.05
CA GLN B 416 -21.69 -15.56 27.77
C GLN B 416 -22.72 -14.46 27.60
N LEU B 417 -23.84 -14.54 28.33
CA LEU B 417 -24.86 -13.52 28.23
C LEU B 417 -24.34 -12.17 28.71
N GLY B 418 -23.56 -12.18 29.80
CA GLY B 418 -22.99 -10.98 30.35
C GLY B 418 -23.83 -10.27 31.39
N PHE B 419 -25.06 -10.74 31.64
CA PHE B 419 -25.91 -10.10 32.62
C PHE B 419 -25.63 -10.55 34.06
N PHE B 420 -24.81 -11.58 34.25
CA PHE B 420 -24.53 -12.08 35.58
C PHE B 420 -23.05 -12.05 35.90
N ASP B 421 -22.75 -12.29 37.16
CA ASP B 421 -21.38 -12.29 37.65
C ASP B 421 -20.65 -13.54 37.17
N PRO B 422 -19.54 -13.40 36.45
CA PRO B 422 -18.82 -14.61 35.98
C PRO B 422 -18.28 -15.48 37.10
N GLU B 423 -18.12 -14.95 38.30
CA GLU B 423 -17.60 -15.71 39.43
C GLU B 423 -18.67 -16.22 40.39
N SER B 424 -19.96 -16.01 40.10
CA SER B 424 -20.99 -16.46 41.01
C SER B 424 -22.05 -17.33 40.34
N ILE B 425 -21.72 -17.98 39.24
CA ILE B 425 -22.68 -18.87 38.56
C ILE B 425 -22.50 -20.23 39.20
N LYS B 426 -23.14 -20.40 40.36
CA LYS B 426 -23.00 -21.62 41.14
C LYS B 426 -24.21 -22.55 41.00
N PRO B 427 -24.05 -23.71 40.37
CA PRO B 427 -25.17 -24.66 40.28
C PRO B 427 -25.20 -25.49 41.56
N GLU B 428 -26.31 -25.42 42.29
CA GLU B 428 -26.45 -26.12 43.55
C GLU B 428 -27.39 -27.31 43.41
N PHE B 429 -26.92 -28.48 43.80
CA PHE B 429 -27.71 -29.69 43.74
C PHE B 429 -28.75 -29.67 44.87
N ARG B 430 -29.99 -29.95 44.54
CA ARG B 430 -31.07 -29.94 45.52
C ARG B 430 -31.92 -31.19 45.37
N ASN B 431 -32.50 -31.62 46.51
CA ASN B 431 -33.38 -32.78 46.56
C ASN B 431 -32.73 -34.02 45.93
N VAL B 432 -31.46 -34.24 46.23
CA VAL B 432 -30.77 -35.40 45.68
C VAL B 432 -31.41 -36.66 46.23
N ASP B 433 -31.83 -37.54 45.34
CA ASP B 433 -32.50 -38.79 45.72
C ASP B 433 -31.75 -39.96 45.12
N PRO B 434 -30.76 -40.51 45.85
CA PRO B 434 -30.02 -41.66 45.31
C PRO B 434 -30.90 -42.86 45.01
N ALA B 435 -31.93 -43.10 45.81
CA ALA B 435 -32.82 -44.24 45.57
C ALA B 435 -33.61 -44.05 44.29
N ALA B 436 -34.23 -42.88 44.12
CA ALA B 436 -35.01 -42.60 42.93
C ALA B 436 -34.16 -42.24 41.72
N GLY B 437 -32.89 -41.93 41.93
CA GLY B 437 -32.00 -41.57 40.82
C GLY B 437 -32.34 -40.27 40.14
N THR B 438 -32.77 -39.26 40.88
CA THR B 438 -33.12 -37.96 40.34
C THR B 438 -32.45 -36.87 41.15
N VAL B 439 -31.94 -35.85 40.46
CA VAL B 439 -31.27 -34.72 41.09
C VAL B 439 -31.85 -33.43 40.53
N ASP B 440 -32.06 -32.45 41.41
CA ASP B 440 -32.59 -31.15 41.02
C ASP B 440 -31.46 -30.14 41.07
N ILE B 441 -31.33 -29.32 40.03
CA ILE B 441 -30.28 -28.32 39.94
C ILE B 441 -30.90 -26.92 40.05
N GLU B 442 -30.30 -26.09 40.90
CA GLU B 442 -30.73 -24.72 41.11
C GLU B 442 -29.58 -23.82 40.71
N TYR B 443 -29.81 -22.93 39.76
CA TYR B 443 -28.78 -22.01 39.29
C TYR B 443 -28.92 -20.68 40.02
N GLN B 444 -27.95 -20.36 40.87
CA GLN B 444 -27.93 -19.13 41.64
C GLN B 444 -27.11 -18.12 40.85
N LEU B 445 -27.77 -17.08 40.36
CA LEU B 445 -27.13 -16.05 39.56
C LEU B 445 -27.19 -14.70 40.26
N VAL B 446 -26.20 -13.86 39.98
CA VAL B 446 -26.08 -12.53 40.56
C VAL B 446 -26.06 -11.55 39.41
N GLU B 447 -27.13 -10.76 39.27
CA GLU B 447 -27.21 -9.78 38.20
C GLU B 447 -26.19 -8.66 38.43
N LYS B 448 -25.54 -8.22 37.36
CA LYS B 448 -24.53 -7.18 37.45
C LYS B 448 -24.71 -6.11 36.39
N GLY B 449 -25.93 -5.93 35.88
CA GLY B 449 -26.17 -4.92 34.87
C GLY B 449 -25.95 -5.40 33.45
N SER B 450 -26.90 -5.08 32.57
CA SER B 450 -26.81 -5.49 31.17
C SER B 450 -25.87 -4.62 30.35
N SER B 451 -25.78 -3.33 30.66
CA SER B 451 -24.91 -2.44 29.90
C SER B 451 -23.45 -2.85 30.05
N GLN B 452 -22.69 -2.70 28.97
CA GLN B 452 -21.28 -3.05 28.98
C GLN B 452 -20.50 -2.10 28.09
N VAL B 453 -19.20 -2.03 28.35
CA VAL B 453 -18.26 -1.20 27.60
C VAL B 453 -17.28 -2.11 26.90
N GLU B 454 -17.04 -1.86 25.62
CA GLU B 454 -16.14 -2.67 24.80
C GLU B 454 -14.88 -1.87 24.50
N LEU B 455 -13.73 -2.43 24.88
CA LEU B 455 -12.42 -1.82 24.64
C LEU B 455 -11.52 -2.95 24.15
N GLN B 456 -11.51 -3.16 22.84
CA GLN B 456 -10.71 -4.22 22.24
C GLN B 456 -9.65 -3.65 21.31
N GLY B 457 -8.62 -4.46 21.09
CA GLY B 457 -7.52 -4.08 20.22
C GLY B 457 -6.97 -5.30 19.53
N GLY B 458 -6.40 -5.08 18.34
CA GLY B 458 -5.83 -6.17 17.58
C GLY B 458 -4.77 -5.64 16.64
N TYR B 459 -3.98 -6.56 16.09
CA TYR B 459 -2.91 -6.22 15.17
C TYR B 459 -3.00 -7.16 13.97
N GLY B 460 -3.31 -6.60 12.81
CA GLY B 460 -3.42 -7.40 11.60
C GLY B 460 -3.13 -6.54 10.40
N GLY B 461 -2.72 -7.19 9.31
CA GLY B 461 -2.39 -6.46 8.10
C GLY B 461 -1.25 -5.49 8.29
N GLY B 462 -0.38 -5.74 9.27
CA GLY B 462 0.75 -4.88 9.53
C GLY B 462 0.42 -3.61 10.29
N GLY B 463 -0.79 -3.45 10.78
CA GLY B 463 -1.17 -2.25 11.50
C GLY B 463 -2.13 -2.55 12.63
N PHE B 464 -2.06 -1.73 13.66
CA PHE B 464 -2.93 -1.89 14.82
C PHE B 464 -4.36 -1.45 14.51
N ILE B 465 -5.32 -2.09 15.18
CA ILE B 465 -6.73 -1.78 15.03
C ILE B 465 -7.37 -1.81 16.41
N GLY B 466 -8.20 -0.81 16.68
CA GLY B 466 -8.87 -0.73 17.96
C GLY B 466 -10.34 -0.41 17.79
N THR B 467 -11.14 -0.93 18.70
CA THR B 467 -12.58 -0.72 18.68
C THR B 467 -13.07 -0.33 20.06
N LEU B 468 -13.95 0.66 20.12
CA LEU B 468 -14.53 1.17 21.35
C LEU B 468 -16.04 1.26 21.15
N GLY B 469 -16.80 0.75 22.10
CA GLY B 469 -18.25 0.81 21.97
C GLY B 469 -18.99 0.47 23.23
N LEU B 470 -20.25 0.88 23.26
CA LEU B 470 -21.16 0.65 24.37
C LEU B 470 -22.23 -0.32 23.89
N SER B 471 -22.54 -1.32 24.71
CA SER B 471 -23.54 -2.31 24.31
C SER B 471 -24.53 -2.60 25.41
N PHE B 472 -25.79 -2.73 25.01
CA PHE B 472 -26.90 -3.04 25.91
CA PHE B 472 -26.91 -3.03 25.91
C PHE B 472 -27.41 -4.39 25.47
N ASN B 473 -26.90 -5.45 26.11
CA ASN B 473 -27.23 -6.83 25.79
C ASN B 473 -28.61 -7.30 26.26
N ASN B 474 -29.42 -6.47 26.89
CA ASN B 474 -30.74 -6.93 27.33
C ASN B 474 -31.83 -5.97 26.87
N PHE B 475 -31.75 -5.53 25.62
CA PHE B 475 -32.72 -4.61 25.07
C PHE B 475 -34.02 -5.32 24.69
N SER B 476 -35.12 -4.58 24.71
CA SER B 476 -36.43 -5.11 24.36
C SER B 476 -37.11 -4.15 23.40
N ALA B 477 -37.23 -4.56 22.14
CA ALA B 477 -37.88 -3.72 21.15
C ALA B 477 -39.39 -3.67 21.32
N ARG B 478 -39.96 -4.63 22.05
CA ARG B 478 -41.40 -4.65 22.27
C ARG B 478 -41.87 -3.42 23.02
N LYS B 479 -41.12 -3.03 24.07
CA LYS B 479 -41.46 -1.88 24.90
C LYS B 479 -40.75 -0.61 24.45
N LEU B 480 -40.42 -0.50 23.16
CA LEU B 480 -39.74 0.69 22.67
C LEU B 480 -40.63 1.92 22.80
N PHE B 481 -41.88 1.80 22.35
CA PHE B 481 -42.80 2.93 22.43
C PHE B 481 -43.28 3.18 23.86
N ASP B 482 -43.15 2.21 24.75
CA ASP B 482 -43.57 2.37 26.13
C ASP B 482 -42.54 3.20 26.88
N LYS B 483 -42.91 4.43 27.24
CA LYS B 483 -42.02 5.33 27.96
C LYS B 483 -42.02 5.07 29.46
N ASP B 484 -42.96 4.26 29.96
CA ASP B 484 -43.02 3.99 31.39
C ASP B 484 -41.79 3.23 31.87
N ALA B 485 -41.30 2.28 31.08
CA ALA B 485 -40.11 1.48 31.42
C ALA B 485 -39.00 1.87 30.46
N TYR B 486 -38.26 2.92 30.83
CA TYR B 486 -37.15 3.39 29.99
C TYR B 486 -35.85 3.54 30.78
N LYS B 487 -35.71 2.83 31.89
CA LYS B 487 -34.47 2.90 32.65
C LYS B 487 -33.35 2.40 31.76
N PRO B 488 -32.23 3.16 31.62
CA PRO B 488 -31.14 2.76 30.72
C PRO B 488 -31.55 1.87 29.55
N LEU B 489 -32.56 2.34 28.79
CA LEU B 489 -33.17 1.69 27.63
C LEU B 489 -34.05 0.53 28.07
N PRO B 490 -35.15 0.27 27.38
CA PRO B 490 -36.05 -0.83 27.77
C PRO B 490 -35.31 -2.16 27.88
N MET B 491 -35.56 -2.85 28.98
CA MET B 491 -34.96 -4.15 29.28
C MET B 491 -35.97 -5.26 29.03
N GLY B 492 -35.55 -6.50 29.31
CA GLY B 492 -36.42 -7.63 29.10
C GLY B 492 -35.77 -8.69 28.24
N ASP B 493 -36.27 -8.86 27.01
CA ASP B 493 -35.76 -9.84 26.07
C ASP B 493 -34.23 -9.74 25.91
N GLY B 494 -33.61 -10.82 25.47
CA GLY B 494 -32.17 -10.85 25.30
C GLY B 494 -31.65 -10.17 24.06
N GLN B 495 -32.38 -9.19 23.52
CA GLN B 495 -31.92 -8.49 22.34
C GLN B 495 -30.72 -7.62 22.69
N LYS B 496 -29.87 -7.39 21.69
CA LYS B 496 -28.65 -6.62 21.90
C LYS B 496 -28.55 -5.45 20.92
N VAL B 497 -28.28 -4.27 21.46
CA VAL B 497 -28.09 -3.05 20.69
C VAL B 497 -26.72 -2.51 21.06
N ALA B 498 -25.90 -2.23 20.05
CA ALA B 498 -24.55 -1.76 20.31
C ALA B 498 -24.18 -0.59 19.41
N LEU B 499 -23.49 0.38 19.99
CA LEU B 499 -23.00 1.58 19.31
C LEU B 499 -21.49 1.52 19.50
N ARG B 500 -20.77 1.02 18.50
CA ARG B 500 -19.33 0.89 18.58
C ARG B 500 -18.62 1.74 17.54
N LEU B 501 -17.34 1.98 17.80
CA LEU B 501 -16.48 2.77 16.93
C LEU B 501 -15.19 1.99 16.73
N GLN B 502 -14.85 1.71 15.48
CA GLN B 502 -13.64 0.98 15.14
C GLN B 502 -12.77 1.87 14.26
N GLY B 503 -11.46 1.81 14.47
CA GLY B 503 -10.55 2.61 13.68
C GLY B 503 -9.20 1.97 13.52
N SER B 504 -8.49 2.42 12.50
CA SER B 504 -7.15 1.93 12.19
C SER B 504 -6.38 3.11 11.58
N THR B 505 -5.26 2.82 10.93
CA THR B 505 -4.47 3.89 10.33
C THR B 505 -5.16 4.49 9.12
N TYR B 506 -5.83 3.67 8.31
CA TYR B 506 -6.46 4.15 7.10
C TYR B 506 -7.99 4.18 7.12
N PHE B 507 -8.64 3.74 8.20
CA PHE B 507 -10.09 3.78 8.19
C PHE B 507 -10.64 3.98 9.60
N GLN B 508 -11.85 4.53 9.65
CA GLN B 508 -12.59 4.80 10.87
C GLN B 508 -14.04 4.51 10.57
N THR B 509 -14.71 3.77 11.43
CA THR B 509 -16.12 3.43 11.19
C THR B 509 -16.95 3.58 12.45
N TYR B 510 -18.15 4.11 12.28
CA TYR B 510 -19.12 4.33 13.35
C TYR B 510 -20.37 3.55 12.98
N SER B 511 -20.84 2.69 13.88
CA SER B 511 -22.01 1.88 13.55
C SER B 511 -22.95 1.70 14.73
N LEU B 512 -24.20 1.43 14.39
CA LEU B 512 -25.28 1.14 15.33
C LEU B 512 -25.85 -0.20 14.90
N SER B 513 -25.79 -1.18 15.78
CA SER B 513 -26.27 -2.52 15.44
C SER B 513 -27.30 -3.04 16.44
N PHE B 514 -28.29 -3.75 15.90
CA PHE B 514 -29.35 -4.37 16.68
C PHE B 514 -29.37 -5.85 16.31
N SER B 515 -29.32 -6.72 17.31
CA SER B 515 -29.31 -8.16 17.08
C SER B 515 -30.34 -8.86 17.95
N GLU B 516 -31.04 -9.81 17.33
CA GLU B 516 -32.06 -10.63 18.01
C GLU B 516 -31.54 -12.05 18.02
N PRO B 517 -31.03 -12.55 19.15
CA PRO B 517 -30.50 -13.93 19.18
C PRO B 517 -31.51 -15.00 18.86
N TRP B 518 -32.78 -14.85 19.27
CA TRP B 518 -33.82 -15.84 19.03
C TRP B 518 -34.97 -15.17 18.29
N PHE B 519 -34.87 -15.08 16.97
CA PHE B 519 -35.94 -14.48 16.18
C PHE B 519 -37.08 -15.47 16.05
N GLY B 520 -38.28 -15.02 16.39
CA GLY B 520 -39.47 -15.85 16.35
C GLY B 520 -39.80 -16.50 17.68
N GLY B 521 -38.83 -16.64 18.58
CA GLY B 521 -39.05 -17.22 19.88
C GLY B 521 -39.06 -18.74 19.94
N LYS B 522 -39.05 -19.42 18.80
CA LYS B 522 -39.07 -20.88 18.80
C LYS B 522 -37.72 -21.52 18.49
N LYS B 523 -36.92 -20.91 17.61
CA LYS B 523 -35.63 -21.45 17.25
C LYS B 523 -34.56 -20.38 17.38
N PRO B 524 -33.30 -20.78 17.60
CA PRO B 524 -32.23 -19.78 17.73
C PRO B 524 -31.88 -19.11 16.42
N VAL B 525 -32.84 -18.39 15.85
CA VAL B 525 -32.65 -17.68 14.59
C VAL B 525 -32.15 -16.28 14.92
N GLN B 526 -31.03 -15.89 14.33
CA GLN B 526 -30.45 -14.58 14.60
C GLN B 526 -30.86 -13.57 13.53
N PHE B 527 -31.40 -12.44 13.99
CA PHE B 527 -31.81 -11.34 13.13
C PHE B 527 -30.98 -10.14 13.54
N SER B 528 -30.21 -9.60 12.60
CA SER B 528 -29.36 -8.46 12.90
C SER B 528 -29.48 -7.38 11.83
N SER B 529 -29.36 -6.14 12.27
CA SER B 529 -29.42 -4.97 11.42
C SER B 529 -28.30 -4.03 11.85
N SER B 530 -27.84 -3.20 10.92
CA SER B 530 -26.75 -2.29 11.27
C SER B 530 -26.72 -1.11 10.31
N ILE B 531 -26.39 0.05 10.86
CA ILE B 531 -26.26 1.30 10.12
C ILE B 531 -24.89 1.85 10.47
N SER B 532 -24.02 2.01 9.48
CA SER B 532 -22.69 2.49 9.76
C SER B 532 -22.22 3.49 8.71
N TYR B 533 -21.25 4.30 9.12
CA TYR B 533 -20.61 5.31 8.30
C TYR B 533 -19.11 5.19 8.50
N SER B 534 -18.37 4.99 7.40
CA SER B 534 -16.93 4.83 7.48
C SER B 534 -16.24 5.76 6.49
N LYS B 535 -15.05 6.20 6.86
CA LYS B 535 -14.21 7.07 6.04
C LYS B 535 -12.89 6.34 5.84
N GLN B 536 -12.68 5.81 4.65
CA GLN B 536 -11.48 5.06 4.33
C GLN B 536 -10.51 5.90 3.51
N PHE B 537 -9.31 6.09 4.04
CA PHE B 537 -8.26 6.85 3.37
C PHE B 537 -7.47 5.94 2.45
N ASN B 538 -6.72 6.54 1.54
CA ASN B 538 -5.89 5.77 0.63
C ASN B 538 -4.67 5.28 1.40
N TYR B 539 -4.47 3.97 1.42
CA TYR B 539 -3.37 3.37 2.17
C TYR B 539 -2.54 2.47 1.27
N ASN B 540 -1.23 2.61 1.38
CA ASN B 540 -0.28 1.80 0.62
C ASN B 540 0.25 0.75 1.59
N TYR B 541 -0.28 -0.47 1.49
CA TYR B 541 0.14 -1.55 2.38
C TYR B 541 1.62 -1.87 2.23
N SER B 542 2.21 -1.57 1.08
CA SER B 542 3.62 -1.87 0.86
C SER B 542 4.51 -1.00 1.75
N SER B 543 4.27 0.32 1.76
CA SER B 543 5.06 1.25 2.56
C SER B 543 4.40 1.68 3.85
N ARG B 544 3.18 1.22 4.14
CA ARG B 544 2.46 1.56 5.37
C ARG B 544 2.29 3.07 5.52
N ASP B 545 2.09 3.77 4.41
CA ASP B 545 1.89 5.21 4.41
C ASP B 545 0.48 5.52 3.94
N VAL B 546 -0.14 6.52 4.56
CA VAL B 546 -1.51 6.92 4.26
C VAL B 546 -1.51 8.37 3.79
N ASN B 547 -2.17 8.63 2.65
CA ASN B 547 -2.30 9.97 2.11
C ASN B 547 -3.68 10.44 2.55
N ARG B 548 -3.72 11.28 3.59
CA ARG B 548 -4.98 11.76 4.13
C ARG B 548 -5.76 12.63 3.15
N ASN B 549 -5.12 13.10 2.08
CA ASN B 549 -5.81 13.94 1.11
C ASN B 549 -6.75 13.16 0.19
N GLN B 550 -6.63 11.84 0.13
CA GLN B 550 -7.48 11.01 -0.71
C GLN B 550 -8.26 10.04 0.17
N SER B 551 -9.59 10.14 0.13
CA SER B 551 -10.42 9.26 0.94
C SER B 551 -11.83 9.21 0.37
N PHE B 552 -12.58 8.20 0.82
CA PHE B 552 -13.96 8.02 0.41
C PHE B 552 -14.78 7.60 1.62
N ASN B 553 -16.05 7.97 1.60
CA ASN B 553 -16.98 7.67 2.68
C ASN B 553 -17.97 6.61 2.22
N ILE B 554 -18.26 5.66 3.10
CA ILE B 554 -19.17 4.56 2.82
C ILE B 554 -20.28 4.55 3.86
N PHE B 555 -21.53 4.61 3.39
CA PHE B 555 -22.70 4.55 4.25
C PHE B 555 -23.42 3.26 3.90
N THR B 556 -23.45 2.31 4.84
CA THR B 556 -24.07 1.02 4.60
C THR B 556 -25.16 0.70 5.61
N VAL B 557 -26.21 0.05 5.11
CA VAL B 557 -27.35 -0.41 5.89
C VAL B 557 -27.54 -1.87 5.52
N GLN B 558 -27.39 -2.76 6.50
CA GLN B 558 -27.52 -4.18 6.24
C GLN B 558 -28.49 -4.85 7.20
N VAL B 559 -29.16 -5.86 6.69
CA VAL B 559 -30.12 -6.68 7.43
C VAL B 559 -29.76 -8.13 7.14
N GLY B 560 -29.80 -8.97 8.16
CA GLY B 560 -29.44 -10.36 7.97
C GLY B 560 -30.24 -11.31 8.82
N LEU B 561 -30.37 -12.54 8.32
CA LEU B 561 -31.11 -13.60 8.99
C LEU B 561 -30.32 -14.88 8.85
N ALA B 562 -29.92 -15.47 9.97
CA ALA B 562 -29.17 -16.71 9.99
C ALA B 562 -29.89 -17.73 10.85
N LYS B 563 -30.03 -18.95 10.35
CA LYS B 563 -30.72 -19.99 11.08
C LYS B 563 -30.07 -21.34 10.81
N ARG B 564 -30.00 -22.18 11.85
CA ARG B 564 -29.43 -23.50 11.70
C ARG B 564 -30.45 -24.41 11.04
N LEU B 565 -30.01 -25.12 10.01
CA LEU B 565 -30.91 -26.01 9.28
C LEU B 565 -31.02 -27.37 9.95
N THR B 566 -32.20 -27.97 9.82
CA THR B 566 -32.44 -29.30 10.35
C THR B 566 -32.25 -30.37 9.30
N VAL B 567 -32.24 -29.96 8.03
CA VAL B 567 -32.06 -30.86 6.89
C VAL B 567 -31.13 -30.18 5.89
N PRO B 568 -30.18 -30.94 5.31
CA PRO B 568 -29.89 -32.38 5.45
C PRO B 568 -29.48 -32.85 6.83
N ASP B 569 -28.86 -31.99 7.65
CA ASP B 569 -28.47 -32.38 8.99
C ASP B 569 -28.52 -31.13 9.87
N ASP B 570 -28.20 -31.30 11.15
CA ASP B 570 -28.21 -30.21 12.10
C ASP B 570 -26.89 -29.45 12.14
N TYR B 571 -25.95 -29.77 11.27
CA TYR B 571 -24.67 -29.08 11.22
C TYR B 571 -24.63 -28.02 10.13
N PHE B 572 -25.75 -27.80 9.45
CA PHE B 572 -25.84 -26.81 8.37
C PHE B 572 -26.46 -25.53 8.90
N VAL B 573 -25.91 -24.39 8.47
CA VAL B 573 -26.40 -23.07 8.86
C VAL B 573 -26.55 -22.24 7.60
N LEU B 574 -27.71 -21.61 7.43
CA LEU B 574 -28.00 -20.77 6.28
C LEU B 574 -27.96 -19.32 6.71
N SER B 575 -27.21 -18.50 5.98
CA SER B 575 -27.07 -17.09 6.26
C SER B 575 -27.54 -16.29 5.05
N GLN B 576 -28.37 -15.29 5.29
CA GLN B 576 -28.89 -14.43 4.25
C GLN B 576 -28.68 -12.98 4.66
N SER B 577 -28.45 -12.12 3.68
CA SER B 577 -28.22 -10.72 4.01
C SER B 577 -28.54 -9.83 2.82
N VAL B 578 -29.07 -8.65 3.13
CA VAL B 578 -29.42 -7.63 2.14
C VAL B 578 -28.74 -6.35 2.60
N SER B 579 -28.02 -5.68 1.70
CA SER B 579 -27.33 -4.47 2.07
C SER B 579 -27.41 -3.41 0.99
N TYR B 580 -27.35 -2.16 1.44
CA TYR B 580 -27.36 -1.00 0.58
C TYR B 580 -26.21 -0.11 1.01
N GLN B 581 -25.35 0.27 0.09
CA GLN B 581 -24.20 1.10 0.40
C GLN B 581 -24.13 2.29 -0.55
N HIS B 582 -23.58 3.38 -0.05
CA HIS B 582 -23.40 4.61 -0.83
C HIS B 582 -21.96 5.06 -0.65
N TYR B 583 -21.19 5.00 -1.72
CA TYR B 583 -19.79 5.40 -1.70
C TYR B 583 -19.68 6.83 -2.20
N ASP B 584 -18.97 7.66 -1.44
CA ASP B 584 -18.76 9.07 -1.80
C ASP B 584 -17.26 9.31 -1.90
N LEU B 585 -16.75 9.34 -3.12
CA LEU B 585 -15.32 9.55 -3.34
C LEU B 585 -14.97 11.01 -3.15
N ASN B 586 -13.82 11.26 -2.52
CA ASN B 586 -13.32 12.61 -2.26
C ASN B 586 -11.85 12.65 -2.67
N ASN B 587 -11.59 13.08 -3.90
CA ASN B 587 -10.23 13.17 -4.43
C ASN B 587 -9.52 11.82 -4.35
N TYR B 588 -10.27 10.75 -4.64
CA TYR B 588 -9.74 9.39 -4.59
C TYR B 588 -9.35 8.99 -6.00
N TYR B 589 -8.20 9.49 -6.46
CA TYR B 589 -7.66 9.20 -7.79
C TYR B 589 -6.49 8.25 -7.59
N THR B 590 -6.79 6.95 -7.55
CA THR B 590 -5.75 5.94 -7.37
C THR B 590 -6.15 4.67 -8.09
N GLY B 591 -5.15 3.99 -8.65
CA GLY B 591 -5.36 2.74 -9.36
C GLY B 591 -6.34 2.82 -10.51
N LEU B 592 -7.48 2.16 -10.34
CA LEU B 592 -8.53 2.11 -11.34
C LEU B 592 -9.70 3.04 -11.02
N PHE B 593 -9.51 4.00 -10.12
CA PHE B 593 -10.55 4.95 -9.74
C PHE B 593 -10.29 6.27 -10.44
N THR B 594 -10.92 6.45 -11.60
CA THR B 594 -10.76 7.70 -12.34
C THR B 594 -11.79 8.74 -11.97
N PHE B 595 -12.90 8.33 -11.36
CA PHE B 595 -13.96 9.24 -10.92
C PHE B 595 -13.80 9.53 -9.43
N GLY B 596 -12.67 10.16 -9.11
CA GLY B 596 -12.31 10.49 -7.74
C GLY B 596 -13.25 11.43 -7.02
N ASN B 597 -14.21 12.04 -7.71
CA ASN B 597 -15.14 12.96 -7.07
C ASN B 597 -16.59 12.56 -7.28
N GLY B 598 -16.85 11.31 -7.64
CA GLY B 598 -18.19 10.83 -7.87
C GLY B 598 -18.72 10.01 -6.72
N ALA B 599 -19.81 9.29 -6.99
CA ALA B 599 -20.46 8.46 -5.99
C ALA B 599 -20.96 7.18 -6.63
N SER B 600 -21.01 6.12 -5.83
CA SER B 600 -21.48 4.81 -6.26
C SER B 600 -22.47 4.26 -5.24
N ARG B 601 -23.46 3.51 -5.72
CA ARG B 601 -24.48 2.91 -4.88
C ARG B 601 -24.48 1.41 -5.13
N ASN B 602 -24.46 0.63 -4.05
CA ASN B 602 -24.42 -0.82 -4.13
C ASN B 602 -25.61 -1.43 -3.39
N LEU B 603 -26.35 -2.28 -4.08
CA LEU B 603 -27.49 -2.99 -3.52
C LEU B 603 -27.26 -4.46 -3.85
N ALA B 604 -26.97 -5.27 -2.85
CA ALA B 604 -26.68 -6.68 -3.06
C ALA B 604 -27.38 -7.57 -2.06
N TYR B 605 -27.53 -8.83 -2.46
CA TYR B 605 -28.14 -9.88 -1.65
C TYR B 605 -27.12 -10.99 -1.52
N THR B 606 -26.85 -11.44 -0.30
CA THR B 606 -25.88 -12.49 -0.06
C THR B 606 -26.53 -13.66 0.66
N ILE B 607 -26.22 -14.87 0.19
CA ILE B 607 -26.73 -16.10 0.77
C ILE B 607 -25.55 -17.04 0.96
N GLY B 608 -25.45 -17.64 2.14
CA GLY B 608 -24.35 -18.55 2.39
C GLY B 608 -24.72 -19.82 3.13
N LEU B 609 -24.18 -20.94 2.67
CA LEU B 609 -24.42 -22.25 3.28
C LEU B 609 -23.12 -22.73 3.91
N SER B 610 -23.19 -23.07 5.20
CA SER B 610 -22.02 -23.54 5.91
C SER B 610 -22.36 -24.76 6.74
N ARG B 611 -21.39 -25.68 6.84
CA ARG B 611 -21.54 -26.90 7.61
C ARG B 611 -20.29 -27.06 8.46
N SER B 612 -20.46 -27.03 9.77
CA SER B 612 -19.33 -27.14 10.69
C SER B 612 -19.63 -28.18 11.75
N ASN B 613 -18.70 -29.12 11.93
CA ASN B 613 -18.80 -30.17 12.93
C ASN B 613 -17.50 -30.28 13.72
N LYS B 614 -16.72 -29.21 13.74
CA LYS B 614 -15.45 -29.19 14.45
C LYS B 614 -15.66 -29.21 15.96
N GLY B 615 -14.63 -29.65 16.66
CA GLY B 615 -14.68 -29.72 18.11
C GLY B 615 -13.32 -30.10 18.65
N VAL B 616 -13.16 -29.90 19.95
CA VAL B 616 -14.22 -29.36 20.79
C VAL B 616 -13.87 -27.90 21.12
N ASN B 617 -12.58 -27.61 21.14
CA ASN B 617 -12.10 -26.27 21.44
C ASN B 617 -11.97 -25.47 20.15
N PRO B 618 -12.63 -24.32 20.01
CA PRO B 618 -12.51 -23.54 18.78
C PRO B 618 -11.08 -23.06 18.52
N ILE B 619 -10.27 -22.90 19.56
CA ILE B 619 -8.90 -22.43 19.38
C ILE B 619 -8.03 -23.55 18.82
N PHE B 620 -8.17 -24.76 19.35
CA PHE B 620 -7.38 -25.92 18.91
C PHE B 620 -8.30 -27.08 18.59
N PRO B 621 -8.90 -27.09 17.40
CA PRO B 621 -9.79 -28.20 17.04
C PRO B 621 -9.00 -29.49 16.84
N THR B 622 -9.63 -30.61 17.20
CA THR B 622 -9.01 -31.92 17.06
C THR B 622 -9.74 -32.83 16.09
N TYR B 623 -10.97 -32.48 15.72
CA TYR B 623 -11.75 -33.28 14.78
C TYR B 623 -12.78 -32.39 14.14
N GLY B 624 -13.40 -32.88 13.08
CA GLY B 624 -14.41 -32.15 12.37
C GLY B 624 -13.90 -31.48 11.11
N SER B 625 -14.81 -30.70 10.50
CA SER B 625 -14.51 -29.98 9.28
C SER B 625 -15.49 -28.83 9.15
N GLU B 626 -15.13 -27.86 8.32
CA GLU B 626 -15.98 -26.70 8.08
C GLU B 626 -15.98 -26.36 6.60
N PHE B 627 -17.14 -26.49 5.97
CA PHE B 627 -17.32 -26.20 4.56
C PHE B 627 -18.26 -25.01 4.44
N SER B 628 -17.85 -23.99 3.71
CA SER B 628 -18.67 -22.80 3.54
C SER B 628 -18.68 -22.35 2.09
N ILE B 629 -19.87 -22.02 1.60
CA ILE B 629 -20.05 -21.54 0.23
C ILE B 629 -20.93 -20.30 0.30
N SER B 630 -20.47 -19.20 -0.29
CA SER B 630 -21.20 -17.95 -0.26
C SER B 630 -21.34 -17.39 -1.67
N ALA B 631 -22.35 -16.54 -1.85
CA ALA B 631 -22.60 -15.94 -3.15
C ALA B 631 -23.33 -14.62 -2.95
N LYS B 632 -22.68 -13.52 -3.32
CA LYS B 632 -23.25 -12.18 -3.23
C LYS B 632 -23.56 -11.73 -4.64
N VAL B 633 -24.82 -11.43 -4.91
CA VAL B 633 -25.26 -11.03 -6.24
C VAL B 633 -26.00 -9.69 -6.17
N THR B 634 -25.85 -8.90 -7.23
CA THR B 634 -26.48 -7.61 -7.41
C THR B 634 -27.47 -7.70 -8.56
N PRO B 635 -28.48 -6.83 -8.61
CA PRO B 635 -29.44 -6.88 -9.70
C PRO B 635 -28.76 -6.66 -11.04
N PRO B 636 -29.19 -7.37 -12.09
CA PRO B 636 -28.61 -7.22 -13.43
C PRO B 636 -29.19 -5.99 -14.15
N TYR B 637 -28.69 -4.82 -13.77
CA TYR B 637 -29.16 -3.58 -14.37
C TYR B 637 -28.87 -3.50 -15.85
N SER B 638 -27.74 -4.07 -16.29
CA SER B 638 -27.35 -4.01 -17.70
C SER B 638 -28.38 -4.61 -18.64
N LEU B 639 -29.10 -5.65 -18.20
CA LEU B 639 -30.07 -6.30 -19.07
C LEU B 639 -31.28 -5.41 -19.36
N PHE B 640 -31.85 -4.79 -18.33
CA PHE B 640 -33.05 -3.99 -18.52
C PHE B 640 -32.77 -2.60 -19.08
N ASN B 641 -31.78 -1.88 -18.54
CA ASN B 641 -31.50 -0.54 -19.06
C ASN B 641 -30.81 -0.67 -20.43
N ASN B 642 -31.35 0.02 -21.43
CA ASN B 642 -30.83 -0.04 -22.79
C ASN B 642 -29.71 0.99 -22.98
N ILE B 643 -28.57 0.68 -22.41
CA ILE B 643 -27.39 1.54 -22.50
C ILE B 643 -26.23 0.68 -22.98
N ASN B 644 -25.49 1.18 -23.97
CA ASN B 644 -24.34 0.48 -24.54
C ASN B 644 -23.09 1.01 -23.86
N TYR B 645 -22.55 0.20 -22.93
CA TYR B 645 -21.36 0.61 -22.20
C TYR B 645 -20.10 0.53 -23.06
N GLY B 646 -20.17 -0.05 -24.25
CA GLY B 646 -19.01 -0.13 -25.10
C GLY B 646 -18.83 1.08 -25.98
N ASP B 647 -19.94 1.70 -26.37
CA ASP B 647 -19.94 2.88 -27.23
C ASP B 647 -20.00 4.18 -26.45
N LEU B 648 -19.84 4.13 -25.12
CA LEU B 648 -19.90 5.36 -24.34
C LEU B 648 -18.75 6.29 -24.69
N GLN B 649 -17.56 5.75 -24.94
CA GLN B 649 -16.40 6.55 -25.28
C GLN B 649 -16.52 7.20 -26.65
N ASN B 650 -17.48 6.80 -27.48
CA ASN B 650 -17.67 7.34 -28.82
C ASN B 650 -18.93 8.21 -28.89
N GLN B 651 -19.21 8.96 -27.83
CA GLN B 651 -20.37 9.83 -27.79
C GLN B 651 -19.95 11.22 -27.34
N LYS B 652 -20.74 12.22 -27.77
CA LYS B 652 -20.44 13.61 -27.44
C LYS B 652 -20.47 13.86 -25.94
N GLU B 653 -21.43 13.27 -25.23
CA GLU B 653 -21.56 13.48 -23.80
C GLU B 653 -20.38 12.93 -23.00
N TYR B 654 -19.53 12.09 -23.59
CA TYR B 654 -18.40 11.52 -22.86
C TYR B 654 -17.07 11.96 -23.44
N LYS B 655 -17.03 13.14 -24.06
CA LYS B 655 -15.82 13.70 -24.64
C LYS B 655 -15.44 14.95 -23.86
N THR B 656 -14.14 15.18 -23.70
CA THR B 656 -13.67 16.35 -22.97
C THR B 656 -14.13 17.62 -23.67
N GLN B 657 -14.64 18.56 -22.88
CA GLN B 657 -15.12 19.83 -23.42
C GLN B 657 -14.78 20.96 -22.44
N TYR B 658 -14.76 22.17 -22.96
CA TYR B 658 -14.48 23.37 -22.18
C TYR B 658 -15.82 23.95 -21.71
N THR B 659 -16.06 23.89 -20.40
CA THR B 659 -17.31 24.37 -19.82
C THR B 659 -17.28 25.83 -19.43
N GLY B 660 -16.17 26.54 -19.65
CA GLY B 660 -16.12 27.94 -19.30
C GLY B 660 -16.92 28.80 -20.26
N THR B 661 -17.01 30.10 -19.93
CA THR B 661 -17.73 31.06 -20.75
C THR B 661 -16.85 32.21 -21.20
N THR B 662 -15.53 32.09 -21.03
CA THR B 662 -14.59 33.12 -21.43
C THR B 662 -13.59 32.51 -22.39
N THR B 663 -13.36 33.18 -23.52
CA THR B 663 -12.41 32.68 -24.50
C THR B 663 -11.02 32.60 -23.88
N THR B 664 -10.36 31.46 -24.04
CA THR B 664 -9.03 31.26 -23.49
C THR B 664 -8.09 30.77 -24.59
N THR B 665 -6.84 30.53 -24.21
CA THR B 665 -5.81 30.07 -25.13
C THR B 665 -5.27 28.73 -24.67
N GLY B 666 -5.14 27.78 -25.59
CA GLY B 666 -4.63 26.47 -25.27
C GLY B 666 -3.12 26.44 -25.28
N ILE B 667 -2.59 25.24 -25.00
CA ILE B 667 -1.14 25.07 -24.98
C ILE B 667 -0.55 25.33 -26.37
N ASP B 668 -1.35 25.15 -27.41
CA ASP B 668 -0.90 25.39 -28.78
C ASP B 668 -0.89 26.87 -29.13
N GLY B 669 -1.41 27.73 -28.26
CA GLY B 669 -1.44 29.15 -28.54
C GLY B 669 -2.62 29.59 -29.37
N GLN B 670 -3.67 28.79 -29.44
CA GLN B 670 -4.86 29.11 -30.21
C GLN B 670 -6.05 29.33 -29.29
N ALA B 671 -7.09 29.97 -29.83
CA ALA B 671 -8.29 30.27 -29.07
C ALA B 671 -9.08 29.02 -28.72
N ILE B 672 -9.72 29.07 -27.55
CA ILE B 672 -10.57 28.00 -27.05
C ILE B 672 -11.88 28.68 -26.67
N ASN B 673 -12.82 28.75 -27.61
CA ASN B 673 -14.09 29.39 -27.36
C ASN B 673 -14.94 28.55 -26.40
N PRO B 674 -15.84 29.17 -25.66
CA PRO B 674 -16.68 28.41 -24.74
C PRO B 674 -17.54 27.39 -25.48
N GLY B 675 -17.62 26.18 -24.92
CA GLY B 675 -18.40 25.12 -25.49
C GLY B 675 -17.72 24.26 -26.54
N ASP B 676 -16.49 24.57 -26.92
CA ASP B 676 -15.82 23.77 -27.93
C ASP B 676 -15.13 22.56 -27.30
N TYR B 677 -15.04 21.48 -28.06
CA TYR B 677 -14.40 20.28 -27.56
C TYR B 677 -12.89 20.48 -27.54
N THR B 678 -12.22 19.77 -26.64
CA THR B 678 -10.79 19.88 -26.49
C THR B 678 -10.09 18.54 -26.63
N LYS B 679 -8.77 18.63 -26.78
CA LYS B 679 -7.88 17.48 -26.92
C LYS B 679 -6.56 17.81 -26.23
N THR B 680 -5.85 16.79 -25.80
CA THR B 680 -4.58 16.96 -25.11
C THR B 680 -3.41 16.83 -26.08
N GLU B 681 -2.54 17.84 -26.10
CA GLU B 681 -1.37 17.87 -26.96
C GLU B 681 -0.16 18.30 -26.14
N THR B 682 1.00 17.72 -26.45
CA THR B 682 2.24 18.04 -25.75
C THR B 682 3.10 18.91 -26.66
N VAL B 683 3.14 20.20 -26.38
CA VAL B 683 3.93 21.15 -27.14
C VAL B 683 5.23 21.38 -26.38
N ASN B 684 6.35 21.04 -26.99
CA ASN B 684 7.68 21.18 -26.39
C ASN B 684 7.71 20.25 -25.16
N GLY B 685 8.27 20.69 -24.04
CA GLY B 685 8.30 19.82 -22.87
C GLY B 685 6.96 19.70 -22.17
N GLN B 686 6.30 20.83 -21.94
CA GLN B 686 5.02 20.82 -21.26
C GLN B 686 3.91 20.27 -22.15
N SER B 687 2.83 19.84 -21.51
CA SER B 687 1.67 19.29 -22.19
C SER B 687 0.42 20.01 -21.71
N GLY B 688 -0.57 20.09 -22.59
CA GLY B 688 -1.80 20.77 -22.23
C GLY B 688 -2.91 20.43 -23.19
N THR B 689 -4.04 21.10 -23.01
CA THR B 689 -5.21 20.89 -23.85
C THR B 689 -5.22 21.84 -25.04
N VAL B 690 -5.69 21.34 -26.17
CA VAL B 690 -5.77 22.11 -27.42
C VAL B 690 -7.19 21.98 -27.96
N SER B 691 -7.79 23.10 -28.32
CA SER B 691 -9.15 23.08 -28.85
C SER B 691 -9.21 22.36 -30.20
N VAL B 692 -10.23 21.53 -30.36
CA VAL B 692 -10.46 20.77 -31.58
C VAL B 692 -11.65 21.32 -32.36
N GLY B 693 -12.36 22.30 -31.81
CA GLY B 693 -13.51 22.87 -32.48
C GLY B 693 -14.77 22.10 -32.17
N SER B 694 -15.63 21.92 -33.16
CA SER B 694 -16.87 21.17 -32.99
C SER B 694 -16.73 19.72 -33.40
N ASP B 695 -15.52 19.28 -33.76
CA ASP B 695 -15.28 17.90 -34.17
C ASP B 695 -15.06 17.06 -32.92
N TYR B 696 -16.18 16.67 -32.30
CA TYR B 696 -16.11 15.87 -31.08
C TYR B 696 -15.48 14.50 -31.34
N LYS B 697 -15.54 14.01 -32.59
CA LYS B 697 -14.97 12.71 -32.90
C LYS B 697 -13.46 12.69 -32.67
N SER B 698 -12.80 13.84 -32.80
CA SER B 698 -11.35 13.91 -32.61
C SER B 698 -10.97 14.36 -31.21
N ALA B 699 -11.94 14.57 -30.32
CA ALA B 699 -11.63 15.00 -28.97
C ALA B 699 -11.22 13.82 -28.10
N ASP B 700 -10.77 14.12 -26.88
CA ASP B 700 -10.35 13.11 -25.94
C ASP B 700 -11.55 12.61 -25.14
N THR B 701 -11.65 11.30 -24.98
CA THR B 701 -12.75 10.72 -24.22
C THR B 701 -12.56 10.99 -22.74
N ASP B 702 -13.63 11.40 -22.07
CA ASP B 702 -13.59 11.70 -20.65
C ASP B 702 -13.71 10.38 -19.89
N VAL B 703 -12.58 9.85 -19.44
CA VAL B 703 -12.58 8.58 -18.72
C VAL B 703 -13.35 8.70 -17.42
N GLY B 704 -13.30 9.87 -16.78
CA GLY B 704 -14.03 10.04 -15.53
C GLY B 704 -15.53 9.89 -15.69
N LYS B 705 -16.07 10.45 -16.77
CA LYS B 705 -17.51 10.33 -17.01
C LYS B 705 -17.89 8.92 -17.40
N VAL B 706 -17.06 8.26 -18.22
CA VAL B 706 -17.35 6.90 -18.64
C VAL B 706 -17.34 5.95 -17.44
N ASP B 707 -16.33 6.09 -16.58
CA ASP B 707 -16.25 5.24 -15.40
C ASP B 707 -17.42 5.51 -14.45
N GLN B 708 -17.83 6.78 -14.33
CA GLN B 708 -18.95 7.11 -13.47
C GLN B 708 -20.22 6.43 -13.93
N LYS B 709 -20.50 6.50 -15.24
CA LYS B 709 -21.70 5.86 -15.77
C LYS B 709 -21.60 4.34 -15.63
N LYS B 710 -20.40 3.80 -15.81
CA LYS B 710 -20.21 2.36 -15.69
C LYS B 710 -20.36 1.89 -14.25
N TYR B 711 -19.90 2.69 -13.29
CA TYR B 711 -19.92 2.32 -11.88
C TYR B 711 -20.88 3.17 -11.05
N ASN B 712 -21.93 3.70 -11.64
CA ASN B 712 -22.89 4.49 -10.85
C ASN B 712 -23.66 3.57 -9.92
N TRP B 713 -23.97 2.36 -10.38
CA TRP B 713 -24.69 1.34 -9.62
C TRP B 713 -23.86 0.08 -9.76
N LEU B 714 -23.25 -0.37 -8.66
CA LEU B 714 -22.41 -1.55 -8.69
C LEU B 714 -23.19 -2.77 -9.16
N GLU B 715 -22.62 -3.47 -10.14
CA GLU B 715 -23.21 -4.68 -10.73
C GLU B 715 -22.11 -5.73 -10.76
N TYR B 716 -22.24 -6.77 -9.94
CA TYR B 716 -21.23 -7.81 -9.86
C TYR B 716 -21.81 -9.02 -9.15
N TYR B 717 -20.97 -10.05 -9.02
CA TYR B 717 -21.30 -11.29 -8.33
C TYR B 717 -20.01 -11.79 -7.69
N LYS B 718 -20.08 -12.18 -6.43
CA LYS B 718 -18.92 -12.68 -5.70
C LYS B 718 -19.23 -14.05 -5.12
N VAL B 719 -18.37 -15.01 -5.40
CA VAL B 719 -18.52 -16.39 -4.92
C VAL B 719 -17.27 -16.74 -4.11
N LYS B 720 -17.48 -17.24 -2.90
CA LYS B 720 -16.38 -17.63 -2.03
C LYS B 720 -16.61 -19.05 -1.53
N PHE B 721 -15.58 -19.89 -1.64
CA PHE B 721 -15.63 -21.27 -1.20
C PHE B 721 -14.46 -21.54 -0.26
N LYS B 722 -14.74 -22.18 0.87
CA LYS B 722 -13.71 -22.49 1.84
C LYS B 722 -13.95 -23.88 2.40
N ALA B 723 -12.87 -24.63 2.60
CA ALA B 723 -12.93 -25.99 3.13
C ALA B 723 -11.80 -26.16 4.13
N ASP B 724 -12.15 -26.51 5.37
CA ASP B 724 -11.18 -26.72 6.43
C ASP B 724 -11.44 -28.07 7.05
N TRP B 725 -10.40 -28.88 7.20
CA TRP B 725 -10.53 -30.22 7.77
C TRP B 725 -9.47 -30.42 8.84
N TYR B 726 -9.88 -30.99 9.98
CA TYR B 726 -8.99 -31.27 11.09
C TYR B 726 -9.01 -32.76 11.39
N THR B 727 -7.83 -33.32 11.65
CA THR B 727 -7.72 -34.74 11.95
C THR B 727 -6.49 -34.97 12.81
N LYS B 728 -6.54 -36.00 13.65
CA LYS B 728 -5.44 -36.35 14.53
C LYS B 728 -4.58 -37.41 13.83
N ILE B 729 -3.29 -37.11 13.67
CA ILE B 729 -2.40 -38.05 13.00
C ILE B 729 -1.84 -39.06 14.00
N TYR B 730 -1.11 -38.57 15.00
CA TYR B 730 -0.52 -39.43 16.01
C TYR B 730 -0.49 -38.69 17.34
N GLY B 731 -1.06 -39.31 18.37
CA GLY B 731 -1.08 -38.68 19.67
C GLY B 731 -1.84 -37.37 19.65
N LYS B 732 -1.22 -36.34 20.20
CA LYS B 732 -1.82 -35.01 20.24
C LYS B 732 -1.63 -34.23 18.95
N LEU B 733 -0.77 -34.70 18.05
CA LEU B 733 -0.53 -34.01 16.79
C LEU B 733 -1.76 -34.09 15.90
N VAL B 734 -2.17 -32.95 15.34
CA VAL B 734 -3.32 -32.89 14.45
C VAL B 734 -2.90 -32.23 13.15
N LEU B 735 -3.52 -32.68 12.05
CA LEU B 735 -3.24 -32.17 10.72
C LEU B 735 -4.42 -31.36 10.23
N ARG B 736 -4.15 -30.16 9.73
CA ARG B 736 -5.18 -29.26 9.23
C ARG B 736 -4.95 -28.97 7.75
N THR B 737 -6.01 -29.13 6.96
CA THR B 737 -5.97 -28.88 5.53
C THR B 737 -6.96 -27.77 5.23
N LEU B 738 -6.48 -26.71 4.58
CA LEU B 738 -7.31 -25.56 4.25
C LEU B 738 -7.22 -25.23 2.77
N THR B 739 -8.39 -25.02 2.15
CA THR B 739 -8.48 -24.67 0.73
C THR B 739 -9.52 -23.57 0.60
N GLU B 740 -9.12 -22.44 0.05
CA GLU B 740 -10.02 -21.30 -0.12
C GLU B 740 -10.03 -20.84 -1.57
N PHE B 741 -11.20 -20.41 -2.02
CA PHE B 741 -11.39 -19.90 -3.38
C PHE B 741 -12.22 -18.63 -3.32
N GLY B 742 -11.96 -17.74 -4.27
CA GLY B 742 -12.68 -16.48 -4.35
C GLY B 742 -12.79 -16.01 -5.77
N PHE B 743 -14.01 -15.70 -6.23
CA PHE B 743 -14.24 -15.25 -7.59
C PHE B 743 -15.10 -14.00 -7.60
N LEU B 744 -14.65 -12.99 -8.32
CA LEU B 744 -15.38 -11.73 -8.48
C LEU B 744 -15.57 -11.49 -9.96
N GLY B 745 -16.81 -11.24 -10.37
CA GLY B 745 -17.07 -11.02 -11.78
C GLY B 745 -18.17 -10.03 -12.08
N ALA B 746 -18.51 -9.88 -13.35
CA ALA B 746 -19.56 -8.98 -13.80
C ALA B 746 -20.48 -9.68 -14.77
N TYR B 747 -21.74 -9.25 -14.80
CA TYR B 747 -22.71 -9.85 -15.70
C TYR B 747 -22.45 -9.43 -17.14
N ASP B 748 -22.00 -8.20 -17.37
CA ASP B 748 -21.71 -7.68 -18.70
C ASP B 748 -20.23 -7.34 -18.75
N GLN B 749 -19.52 -7.94 -19.70
CA GLN B 749 -18.09 -7.67 -19.83
C GLN B 749 -17.82 -6.26 -20.31
N SER B 750 -18.75 -5.68 -21.07
CA SER B 750 -18.56 -4.31 -21.56
C SER B 750 -18.53 -3.33 -20.40
N ARG B 751 -19.39 -3.52 -19.40
CA ARG B 751 -19.42 -2.63 -18.25
C ARG B 751 -18.15 -2.75 -17.42
N GLY B 752 -17.55 -3.94 -17.37
CA GLY B 752 -16.33 -4.16 -16.63
C GLY B 752 -16.57 -4.54 -15.18
N VAL B 753 -15.52 -5.11 -14.58
CA VAL B 753 -15.60 -5.52 -13.18
C VAL B 753 -15.52 -4.28 -12.29
N VAL B 754 -16.30 -4.28 -11.22
CA VAL B 754 -16.34 -3.16 -10.29
C VAL B 754 -14.99 -2.97 -9.63
N PRO B 755 -14.61 -1.73 -9.30
CA PRO B 755 -13.30 -1.50 -8.66
C PRO B 755 -13.27 -1.85 -7.18
N PHE B 756 -14.41 -2.16 -6.57
CA PHE B 756 -14.49 -2.52 -5.17
C PHE B 756 -14.61 -4.03 -5.04
N GLU B 757 -14.68 -4.50 -3.79
CA GLU B 757 -14.84 -5.92 -3.47
C GLU B 757 -13.76 -6.78 -4.14
N ARG B 758 -12.51 -6.33 -4.03
CA ARG B 758 -11.39 -7.04 -4.62
C ARG B 758 -10.62 -7.82 -3.56
N PHE B 759 -9.70 -8.66 -4.03
CA PHE B 759 -8.89 -9.50 -3.17
C PHE B 759 -7.43 -9.07 -3.18
N TYR B 760 -6.82 -9.07 -2.00
CA TYR B 760 -5.41 -8.72 -1.81
C TYR B 760 -4.76 -9.89 -1.08
N LEU B 761 -3.76 -10.50 -1.72
CA LEU B 761 -3.09 -11.66 -1.16
C LEU B 761 -1.64 -11.35 -0.78
N GLY B 762 -1.19 -12.01 0.28
CA GLY B 762 0.18 -11.85 0.76
C GLY B 762 0.31 -11.18 2.11
N GLY B 763 1.18 -11.70 2.96
CA GLY B 763 1.42 -11.13 4.25
C GLY B 763 0.73 -11.85 5.40
N ASP B 764 0.56 -11.10 6.49
CA ASP B 764 -0.05 -11.63 7.70
C ASP B 764 -1.56 -11.76 7.55
N GLY B 765 -2.19 -10.94 6.72
CA GLY B 765 -3.62 -10.98 6.54
C GLY B 765 -4.35 -10.15 7.57
N MET B 766 -5.59 -9.79 7.22
CA MET B 766 -6.42 -8.99 8.11
C MET B 766 -7.87 -9.37 7.90
N ALA B 767 -8.68 -9.21 8.95
CA ALA B 767 -10.09 -9.53 8.85
C ALA B 767 -10.79 -8.53 7.95
N ASN B 768 -12.04 -8.81 7.62
CA ASN B 768 -12.84 -7.95 6.74
C ASN B 768 -13.41 -6.78 7.54
N TYR B 769 -12.49 -5.95 8.04
CA TYR B 769 -12.90 -4.79 8.83
C TYR B 769 -13.41 -3.64 7.95
N SER B 770 -12.92 -3.54 6.72
CA SER B 770 -13.36 -2.48 5.83
C SER B 770 -14.75 -2.77 5.29
N MET B 771 -15.50 -1.69 5.03
CA MET B 771 -16.86 -1.80 4.53
C MET B 771 -16.96 -1.74 3.02
N ASP B 772 -15.84 -1.68 2.31
CA ASP B 772 -15.85 -1.64 0.85
C ASP B 772 -15.74 -3.02 0.21
N GLY B 773 -15.70 -4.08 1.01
CA GLY B 773 -15.59 -5.42 0.49
C GLY B 773 -14.17 -5.92 0.30
N ARG B 774 -13.17 -5.07 0.53
CA ARG B 774 -11.79 -5.48 0.36
C ARG B 774 -11.46 -6.64 1.30
N GLU B 775 -10.83 -7.67 0.76
CA GLU B 775 -10.46 -8.86 1.52
C GLU B 775 -8.95 -9.04 1.45
N THR B 776 -8.32 -9.19 2.61
CA THR B 776 -6.88 -9.41 2.71
C THR B 776 -6.65 -10.86 3.08
N ILE B 777 -6.00 -11.60 2.20
CA ILE B 777 -5.73 -13.01 2.40
C ILE B 777 -4.29 -13.18 2.91
N GLN B 778 -4.09 -14.12 3.82
CA GLN B 778 -2.79 -14.37 4.39
C GLN B 778 -2.04 -15.47 3.66
N LEU B 779 -0.80 -15.17 3.26
CA LEU B 779 0.07 -16.14 2.59
C LEU B 779 1.44 -15.89 3.20
N ARG B 780 1.75 -16.65 4.26
CA ARG B 780 3.01 -16.53 4.98
C ARG B 780 4.20 -16.66 4.04
N GLY B 781 5.33 -16.09 4.43
CA GLY B 781 6.54 -16.12 3.64
C GLY B 781 6.71 -14.98 2.67
N TYR B 782 5.70 -14.13 2.51
CA TYR B 782 5.73 -13.00 1.61
C TYR B 782 5.24 -11.75 2.33
N PRO B 783 5.63 -10.56 1.86
CA PRO B 783 5.18 -9.33 2.51
C PRO B 783 3.69 -9.09 2.34
N ASN B 784 3.17 -8.05 2.99
CA ASN B 784 1.75 -7.74 2.91
C ASN B 784 1.39 -7.18 1.54
N ASN B 785 0.31 -7.73 0.96
CA ASN B 785 -0.19 -7.33 -0.36
C ASN B 785 0.89 -7.41 -1.43
N SER B 786 1.90 -8.25 -1.22
CA SER B 786 2.99 -8.38 -2.18
C SER B 786 2.63 -9.22 -3.39
N LEU B 787 1.60 -10.04 -3.32
CA LEU B 787 1.21 -10.89 -4.44
C LEU B 787 0.00 -10.39 -5.21
N THR B 788 -0.48 -9.21 -4.90
CA THR B 788 -1.62 -8.67 -5.64
C THR B 788 -1.17 -8.19 -7.02
N PRO B 789 -1.95 -8.45 -8.07
CA PRO B 789 -1.55 -7.99 -9.41
C PRO B 789 -1.38 -6.48 -9.43
N ILE B 790 -0.38 -6.02 -10.18
CA ILE B 790 -0.06 -4.60 -10.29
C ILE B 790 -0.31 -4.12 -11.72
N ILE B 791 -0.43 -2.81 -11.86
CA ILE B 791 -0.64 -2.21 -13.18
C ILE B 791 0.64 -2.40 -13.98
N GLU B 792 0.54 -3.04 -15.14
CA GLU B 792 1.68 -3.31 -16.00
C GLU B 792 1.72 -2.45 -17.25
N ASP B 793 0.89 -1.40 -17.33
CA ASP B 793 0.88 -0.55 -18.51
C ASP B 793 2.17 0.24 -18.66
N ARG B 794 2.99 0.32 -17.61
CA ARG B 794 4.27 1.04 -17.61
C ARG B 794 4.09 2.54 -17.85
N ASN B 795 3.63 2.92 -19.04
CA ASN B 795 3.45 4.31 -19.41
C ASN B 795 2.04 4.83 -19.11
N SER B 796 1.34 4.23 -18.15
CA SER B 796 -0.01 4.68 -17.82
C SER B 796 -0.05 5.73 -16.72
N SER B 797 1.10 6.19 -16.26
CA SER B 797 1.28 7.18 -15.19
C SER B 797 0.94 6.57 -13.84
N ARG B 798 0.44 5.32 -13.79
CA ARG B 798 0.08 4.64 -12.57
C ARG B 798 0.72 3.25 -12.50
N TYR B 799 1.80 3.05 -13.25
CA TYR B 799 2.47 1.75 -13.28
C TYR B 799 2.98 1.38 -11.89
N GLY B 800 2.86 0.10 -11.57
CA GLY B 800 3.30 -0.42 -10.29
C GLY B 800 2.25 -0.37 -9.19
N GLN B 801 1.14 0.31 -9.41
CA GLN B 801 0.10 0.37 -8.40
C GLN B 801 -0.69 -0.93 -8.37
N GLN B 802 -1.12 -1.31 -7.17
CA GLN B 802 -1.90 -2.52 -6.97
C GLN B 802 -3.37 -2.21 -7.22
N ILE B 803 -3.91 -2.74 -8.33
CA ILE B 803 -5.29 -2.51 -8.69
C ILE B 803 -6.25 -3.45 -7.96
N GLY B 804 -5.80 -4.63 -7.58
CA GLY B 804 -6.64 -5.59 -6.90
C GLY B 804 -6.89 -6.78 -7.79
N ALA B 805 -7.13 -7.93 -7.17
CA ALA B 805 -7.38 -9.17 -7.88
C ALA B 805 -8.85 -9.55 -7.82
N THR B 806 -9.31 -10.21 -8.87
CA THR B 806 -10.69 -10.67 -8.96
C THR B 806 -10.82 -12.14 -8.64
N ILE B 807 -9.72 -12.89 -8.68
CA ILE B 807 -9.70 -14.33 -8.40
C ILE B 807 -8.56 -14.61 -7.42
N TYR B 808 -8.77 -15.60 -6.56
CA TYR B 808 -7.75 -15.99 -5.59
C TYR B 808 -8.06 -17.39 -5.10
N ASN B 809 -7.02 -18.17 -4.87
CA ASN B 809 -7.16 -19.53 -4.37
C ASN B 809 -5.93 -19.85 -3.54
N LYS B 810 -6.16 -20.27 -2.29
CA LYS B 810 -5.07 -20.60 -1.38
C LYS B 810 -5.24 -22.01 -0.84
N PHE B 811 -4.14 -22.76 -0.82
CA PHE B 811 -4.12 -24.13 -0.32
C PHE B 811 -3.08 -24.18 0.79
N SER B 812 -3.49 -24.63 1.97
CA SER B 812 -2.58 -24.69 3.11
C SER B 812 -2.74 -26.00 3.86
N MET B 813 -1.63 -26.44 4.45
CA MET B 813 -1.54 -27.66 5.24
C MET B 813 -0.73 -27.33 6.48
N GLU B 814 -1.20 -27.78 7.64
CA GLU B 814 -0.49 -27.48 8.88
C GLU B 814 -0.50 -28.66 9.83
N LEU B 815 0.58 -28.76 10.62
CA LEU B 815 0.76 -29.77 11.65
C LEU B 815 0.90 -29.02 12.96
N ARG B 816 -0.08 -29.18 13.84
CA ARG B 816 -0.09 -28.48 15.12
C ARG B 816 0.04 -29.44 16.28
N TYR B 817 0.77 -29.02 17.31
CA TYR B 817 0.98 -29.81 18.52
C TYR B 817 0.65 -28.92 19.71
N PRO B 818 -0.25 -29.34 20.60
CA PRO B 818 -0.61 -28.50 21.74
C PRO B 818 0.35 -28.69 22.92
N ILE B 819 0.88 -27.57 23.41
CA ILE B 819 1.78 -27.63 24.57
C ILE B 819 1.03 -27.31 25.86
N THR B 820 -0.13 -26.66 25.77
CA THR B 820 -0.96 -26.32 26.91
C THR B 820 -2.32 -25.95 26.36
N LEU B 821 -3.38 -26.56 26.90
CA LEU B 821 -4.74 -26.30 26.43
C LEU B 821 -5.67 -26.03 27.61
N LYS B 822 -5.22 -25.20 28.53
CA LYS B 822 -6.02 -24.84 29.69
C LYS B 822 -6.85 -23.60 29.40
N SER B 823 -7.87 -23.37 30.22
CA SER B 823 -8.73 -22.22 30.04
C SER B 823 -7.96 -20.92 30.24
N SER B 824 -7.00 -20.91 31.15
CA SER B 824 -6.22 -19.70 31.40
C SER B 824 -5.35 -19.34 30.20
N ALA B 825 -4.68 -20.33 29.61
CA ALA B 825 -3.82 -20.07 28.46
C ALA B 825 -3.72 -21.32 27.60
N SER B 826 -3.93 -21.16 26.30
CA SER B 826 -3.86 -22.25 25.34
C SER B 826 -2.74 -21.92 24.37
N ILE B 827 -1.66 -22.71 24.40
CA ILE B 827 -0.50 -22.50 23.55
C ILE B 827 -0.28 -23.75 22.71
N TYR B 828 -0.08 -23.55 21.41
CA TYR B 828 0.18 -24.65 20.49
C TYR B 828 1.16 -24.18 19.42
N ALA B 829 1.98 -25.13 18.94
CA ALA B 829 2.96 -24.87 17.91
C ALA B 829 2.45 -25.40 16.58
N LEU B 830 2.92 -24.82 15.49
CA LEU B 830 2.46 -25.27 14.19
C LEU B 830 3.55 -25.16 13.14
N THR B 831 3.41 -25.98 12.10
CA THR B 831 4.28 -26.03 10.94
C THR B 831 3.36 -25.94 9.74
N PHE B 832 3.75 -25.21 8.71
CA PHE B 832 2.85 -25.06 7.57
C PHE B 832 3.55 -25.21 6.23
N LEU B 833 2.73 -25.45 5.22
CA LEU B 833 3.12 -25.60 3.81
C LEU B 833 1.99 -24.95 3.03
N GLU B 834 2.22 -23.72 2.56
CA GLU B 834 1.19 -22.98 1.84
C GLU B 834 1.58 -22.70 0.40
N ALA B 835 0.54 -22.42 -0.40
CA ALA B 835 0.66 -22.10 -1.81
C ALA B 835 -0.58 -21.32 -2.21
N GLY B 836 -0.40 -20.14 -2.78
CA GLY B 836 -1.53 -19.33 -3.19
C GLY B 836 -1.14 -18.31 -4.23
N SER B 837 -2.15 -17.80 -4.93
CA SER B 837 -1.94 -16.82 -5.98
C SER B 837 -3.22 -16.06 -6.23
N SER B 838 -3.07 -14.85 -6.77
CA SER B 838 -4.17 -13.98 -7.12
C SER B 838 -4.09 -13.65 -8.60
N TYR B 839 -5.26 -13.50 -9.23
CA TYR B 839 -5.30 -13.23 -10.66
C TYR B 839 -6.18 -12.04 -10.96
N PRO B 840 -5.87 -11.29 -12.02
CA PRO B 840 -6.66 -10.10 -12.35
C PRO B 840 -7.97 -10.39 -13.08
N THR B 841 -7.99 -11.40 -13.95
CA THR B 841 -9.19 -11.74 -14.70
C THR B 841 -9.30 -13.24 -14.85
N PHE B 842 -10.47 -13.69 -15.33
CA PHE B 842 -10.69 -15.11 -15.53
C PHE B 842 -9.83 -15.67 -16.66
N LYS B 843 -9.52 -14.85 -17.66
CA LYS B 843 -8.70 -15.31 -18.77
C LYS B 843 -7.27 -15.59 -18.35
N ASP B 844 -6.84 -15.06 -17.20
CA ASP B 844 -5.50 -15.27 -16.68
C ASP B 844 -5.49 -16.22 -15.49
N TYR B 845 -6.61 -16.90 -15.23
CA TYR B 845 -6.70 -17.80 -14.09
C TYR B 845 -5.91 -19.08 -14.35
N ASN B 846 -4.91 -19.33 -13.50
CA ASN B 846 -4.07 -20.52 -13.56
C ASN B 846 -4.07 -21.04 -12.14
N PRO B 847 -5.05 -21.88 -11.78
CA PRO B 847 -5.14 -22.38 -10.40
C PRO B 847 -3.95 -23.17 -9.92
N PHE B 848 -3.07 -23.67 -10.79
CA PHE B 848 -1.93 -24.44 -10.33
C PHE B 848 -0.61 -23.71 -10.44
N ASP B 849 -0.64 -22.41 -10.71
CA ASP B 849 0.56 -21.57 -10.78
C ASP B 849 0.49 -20.77 -9.49
N LEU B 850 1.09 -21.29 -8.43
CA LEU B 850 1.01 -20.68 -7.12
C LEU B 850 2.37 -20.31 -6.54
N ASN B 851 2.31 -19.45 -5.53
CA ASN B 851 3.49 -19.00 -4.79
C ASN B 851 3.57 -19.86 -3.55
N ARG B 852 4.58 -20.72 -3.48
CA ARG B 852 4.75 -21.64 -2.38
C ARG B 852 5.56 -21.03 -1.24
N SER B 853 5.32 -21.51 -0.03
CA SER B 853 6.02 -21.05 1.15
C SER B 853 5.94 -22.13 2.22
N ALA B 854 6.83 -22.03 3.20
CA ALA B 854 6.88 -22.98 4.30
C ALA B 854 7.48 -22.30 5.53
N GLY B 855 7.22 -22.87 6.69
CA GLY B 855 7.74 -22.31 7.92
C GLY B 855 7.08 -22.91 9.14
N ALA B 856 7.25 -22.22 10.27
CA ALA B 856 6.69 -22.65 11.53
C ALA B 856 6.27 -21.42 12.32
N GLY B 857 5.42 -21.65 13.32
CA GLY B 857 4.95 -20.55 14.14
C GLY B 857 4.43 -21.04 15.48
N LEU B 858 4.18 -20.07 16.36
CA LEU B 858 3.68 -20.32 17.70
C LEU B 858 2.46 -19.45 17.93
N ARG B 859 1.44 -20.01 18.58
CA ARG B 859 0.21 -19.29 18.86
C ARG B 859 -0.15 -19.44 20.33
N VAL B 860 -0.45 -18.31 20.97
CA VAL B 860 -0.83 -18.26 22.38
C VAL B 860 -2.16 -17.55 22.49
N PHE B 861 -3.09 -18.13 23.26
CA PHE B 861 -4.40 -17.54 23.45
C PHE B 861 -4.70 -17.40 24.93
N MET B 862 -4.94 -16.17 25.37
CA MET B 862 -5.28 -15.83 26.72
C MET B 862 -6.60 -15.08 26.69
N PRO B 863 -7.56 -15.41 27.55
CA PRO B 863 -8.86 -14.71 27.51
C PRO B 863 -8.77 -13.19 27.60
N ALA B 864 -7.89 -12.67 28.45
CA ALA B 864 -7.78 -11.23 28.59
C ALA B 864 -6.96 -10.60 27.46
N PHE B 865 -5.85 -11.22 27.08
CA PHE B 865 -4.99 -10.68 26.03
C PHE B 865 -5.37 -11.12 24.63
N GLY B 866 -6.32 -12.04 24.49
CA GLY B 866 -6.73 -12.48 23.16
C GLY B 866 -5.78 -13.48 22.55
N LEU B 867 -5.89 -13.61 21.23
CA LEU B 867 -5.09 -14.53 20.45
C LEU B 867 -3.82 -13.83 19.98
N LEU B 868 -2.67 -14.42 20.30
CA LEU B 868 -1.36 -13.89 19.92
C LEU B 868 -0.65 -14.93 19.07
N GLY B 869 -0.12 -14.50 17.93
CA GLY B 869 0.57 -15.41 17.06
C GLY B 869 1.81 -14.86 16.40
N ILE B 870 2.86 -15.66 16.34
CA ILE B 870 4.13 -15.29 15.72
C ILE B 870 4.49 -16.41 14.74
N ASP B 871 4.76 -16.03 13.49
CA ASP B 871 5.08 -17.02 12.47
C ASP B 871 6.31 -16.60 11.67
N PHE B 872 7.05 -17.60 11.22
CA PHE B 872 8.25 -17.41 10.40
C PHE B 872 8.07 -18.25 9.14
N GLY B 873 7.92 -17.59 8.00
CA GLY B 873 7.74 -18.27 6.74
C GLY B 873 8.81 -17.94 5.73
N TYR B 874 9.08 -18.88 4.83
CA TYR B 874 10.08 -18.73 3.80
C TYR B 874 9.40 -18.76 2.44
N GLY B 875 9.62 -17.74 1.63
CA GLY B 875 9.03 -17.68 0.31
C GLY B 875 9.91 -18.35 -0.72
N PHE B 876 9.38 -19.37 -1.39
CA PHE B 876 10.14 -20.09 -2.40
C PHE B 876 10.01 -19.50 -3.79
N ASP B 877 9.30 -18.39 -3.95
CA ASP B 877 9.12 -17.77 -5.25
C ASP B 877 9.42 -16.28 -5.17
N ALA B 878 9.59 -15.67 -6.34
CA ALA B 878 9.87 -14.26 -6.45
C ALA B 878 8.59 -13.45 -6.47
N LEU B 879 8.67 -12.23 -5.96
CA LEU B 879 7.51 -11.36 -5.94
C LEU B 879 7.15 -10.93 -7.36
N PRO B 880 5.88 -10.65 -7.63
CA PRO B 880 5.49 -10.23 -8.98
C PRO B 880 6.21 -8.95 -9.38
N GLY B 881 6.60 -8.88 -10.64
CA GLY B 881 7.30 -7.73 -11.15
C GLY B 881 8.78 -7.68 -10.85
N SER B 882 9.35 -8.78 -10.35
CA SER B 882 10.76 -8.84 -10.03
C SER B 882 11.57 -9.24 -11.26
N THR B 883 12.67 -8.53 -11.48
CA THR B 883 13.51 -8.83 -12.64
C THR B 883 14.24 -10.17 -12.48
N THR B 884 14.83 -10.39 -11.32
CA THR B 884 15.56 -11.63 -11.05
C THR B 884 14.61 -12.66 -10.45
N ASN B 885 14.66 -13.88 -10.98
CA ASN B 885 13.82 -14.97 -10.50
C ASN B 885 14.52 -15.61 -9.31
N LYS B 886 14.45 -14.92 -8.17
CA LYS B 886 15.07 -15.36 -6.94
C LYS B 886 14.02 -15.49 -5.86
N ALA B 887 14.22 -16.47 -4.96
CA ALA B 887 13.27 -16.70 -3.87
C ALA B 887 13.12 -15.46 -3.01
N ASN B 888 11.89 -15.23 -2.53
CA ASN B 888 11.63 -14.07 -1.69
C ASN B 888 12.43 -14.12 -0.39
N GLY B 889 12.54 -15.28 0.22
CA GLY B 889 13.29 -15.43 1.44
C GLY B 889 12.42 -15.50 2.68
N TRP B 890 13.10 -15.44 3.83
CA TRP B 890 12.43 -15.49 5.11
C TRP B 890 11.59 -14.26 5.37
N GLU B 891 10.55 -14.44 6.17
CA GLU B 891 9.63 -13.37 6.54
C GLU B 891 9.10 -13.65 7.93
N THR B 892 8.72 -12.59 8.63
CA THR B 892 8.18 -12.68 9.98
C THR B 892 6.79 -12.05 10.01
N HIS B 893 5.84 -12.76 10.63
CA HIS B 893 4.46 -12.29 10.72
C HIS B 893 3.99 -12.34 12.16
N PHE B 894 3.39 -11.26 12.62
CA PHE B 894 2.86 -11.14 13.97
C PHE B 894 1.45 -10.60 13.88
N ILE B 895 0.51 -11.25 14.55
CA ILE B 895 -0.89 -10.83 14.53
C ILE B 895 -1.51 -11.02 15.90
N ILE B 896 -2.55 -10.24 16.17
CA ILE B 896 -3.31 -10.30 17.41
C ILE B 896 -4.77 -10.41 17.04
N GLY B 897 -5.40 -11.52 17.42
CA GLY B 897 -6.80 -11.76 17.11
C GLY B 897 -6.95 -12.70 15.92
N GLN B 898 -8.21 -12.95 15.58
CA GLN B 898 -8.52 -13.83 14.45
C GLN B 898 -8.54 -12.99 13.19
N GLN B 899 -7.39 -12.92 12.52
CA GLN B 899 -7.25 -12.15 11.29
C GLN B 899 -7.48 -13.02 10.05
N PHE B 900 -8.70 -13.53 9.95
CA PHE B 900 -9.08 -14.38 8.82
C PHE B 900 -10.15 -13.70 7.97
N CYS C 1 13.09 -24.61 -5.20
CA CYS C 1 14.42 -24.48 -5.79
C CYS C 1 14.44 -25.01 -7.23
N ASP C 2 13.71 -24.32 -8.11
CA ASP C 2 13.61 -24.71 -9.52
C ASP C 2 13.81 -23.51 -10.43
N LYS C 3 14.72 -22.61 -10.06
CA LYS C 3 14.98 -21.41 -10.85
C LYS C 3 16.24 -21.52 -11.71
N ASP C 4 16.80 -22.72 -11.83
CA ASP C 4 18.02 -22.91 -12.61
C ASP C 4 17.70 -23.23 -14.07
N PHE C 5 18.60 -22.83 -14.95
CA PHE C 5 18.48 -23.06 -16.38
C PHE C 5 19.37 -24.24 -16.79
N ASN C 6 19.14 -24.73 -18.00
CA ASN C 6 19.92 -25.85 -18.52
C ASN C 6 20.05 -25.68 -20.03
N ALA C 7 21.00 -26.41 -20.61
CA ALA C 7 21.26 -26.36 -22.04
C ALA C 7 20.93 -27.68 -22.73
N ILE C 8 19.86 -28.35 -22.28
CA ILE C 8 19.43 -29.63 -22.84
C ILE C 8 18.08 -29.46 -23.49
N GLY C 9 17.97 -29.86 -24.76
CA GLY C 9 16.73 -29.79 -25.49
C GLY C 9 16.46 -28.50 -26.24
N GLY C 10 17.48 -27.65 -26.44
CA GLY C 10 17.26 -26.40 -27.15
C GLY C 10 16.90 -26.58 -28.61
N ASP C 11 17.28 -27.71 -29.21
CA ASP C 11 16.98 -27.94 -30.61
C ASP C 11 15.52 -28.33 -30.85
N LEU C 12 14.81 -28.79 -29.82
CA LEU C 12 13.42 -29.18 -29.98
C LEU C 12 12.48 -27.98 -30.03
N ILE C 13 12.84 -26.88 -29.38
CA ILE C 13 11.99 -25.70 -29.38
C ILE C 13 12.02 -25.03 -30.74
N GLY C 14 10.88 -24.49 -31.17
CA GLY C 14 10.80 -23.84 -32.46
C GLY C 14 11.56 -22.52 -32.48
N ASP C 15 11.91 -22.11 -33.70
CA ASP C 15 12.65 -20.87 -33.90
C ASP C 15 11.73 -19.66 -33.76
N ASP C 16 12.31 -18.56 -33.30
CA ASP C 16 11.58 -17.32 -33.12
C ASP C 16 11.23 -16.71 -34.47
N HIS C 17 10.57 -15.55 -34.43
CA HIS C 17 10.16 -14.85 -35.65
C HIS C 17 10.86 -13.52 -35.83
N PHE C 18 12.02 -13.33 -35.22
CA PHE C 18 12.77 -12.09 -35.35
C PHE C 18 14.23 -12.42 -35.66
N GLY C 19 14.84 -11.59 -36.51
CA GLY C 19 16.23 -11.80 -36.87
C GLY C 19 17.14 -10.70 -36.39
N LEU C 20 17.99 -11.03 -35.42
CA LEU C 20 18.93 -10.05 -34.85
C LEU C 20 20.18 -10.01 -35.72
N GLU C 21 20.33 -8.93 -36.49
CA GLU C 21 21.47 -8.77 -37.38
C GLU C 21 21.95 -7.33 -37.35
N SER C 22 23.17 -7.12 -37.82
CA SER C 22 23.80 -5.81 -37.86
C SER C 22 24.08 -5.39 -39.29
N GLU C 23 24.03 -4.09 -39.53
CA GLU C 23 24.29 -3.49 -40.83
C GLU C 23 25.38 -2.45 -40.71
N LYS C 24 26.10 -2.23 -41.81
CA LYS C 24 27.18 -1.26 -41.87
C LYS C 24 26.84 -0.17 -42.88
N TYR C 25 27.07 1.08 -42.49
CA TYR C 25 26.80 2.22 -43.35
C TYR C 25 28.01 3.13 -43.37
N ASP C 26 28.24 3.75 -44.53
CA ASP C 26 29.36 4.65 -44.69
C ASP C 26 29.05 6.03 -44.10
N VAL C 27 30.11 6.74 -43.72
CA VAL C 27 29.99 8.05 -43.12
C VAL C 27 30.90 9.04 -43.84
N LEU C 28 30.41 10.27 -43.97
CA LEU C 28 31.14 11.36 -44.60
C LEU C 28 31.75 12.19 -43.47
N SER C 29 33.07 12.19 -43.37
CA SER C 29 33.77 12.93 -42.33
C SER C 29 34.90 13.74 -42.92
N TYR C 30 34.96 15.02 -42.60
CA TYR C 30 36.00 15.92 -43.07
C TYR C 30 36.47 16.77 -41.89
N ASN C 31 37.60 17.44 -42.08
CA ASN C 31 38.20 18.28 -41.06
C ASN C 31 37.75 19.74 -41.20
N GLN C 32 37.60 20.41 -40.06
CA GLN C 32 37.19 21.80 -40.03
C GLN C 32 38.00 22.51 -38.95
N GLU C 33 38.86 23.43 -39.36
CA GLU C 33 39.68 24.17 -38.42
C GLU C 33 38.81 25.10 -37.59
N VAL C 34 39.19 25.26 -36.32
CA VAL C 34 38.48 26.12 -35.39
C VAL C 34 39.28 27.41 -35.26
N THR C 35 38.71 28.50 -35.76
CA THR C 35 39.36 29.81 -35.71
C THR C 35 39.19 30.38 -34.31
N SER C 36 39.44 31.68 -34.14
CA SER C 36 39.31 32.33 -32.84
C SER C 36 37.95 32.02 -32.21
N VAL C 37 37.98 31.41 -31.03
CA VAL C 37 36.79 31.04 -30.28
C VAL C 37 36.70 31.92 -29.04
N GLN C 38 35.52 31.92 -28.45
CA GLN C 38 35.28 32.69 -27.24
C GLN C 38 35.93 32.00 -26.05
N SER C 39 36.74 32.75 -25.30
CA SER C 39 37.43 32.25 -24.12
C SER C 39 37.09 33.13 -22.92
N ASN C 40 35.85 33.59 -22.84
CA ASN C 40 35.41 34.48 -21.79
C ASN C 40 34.86 33.78 -20.55
N VAL C 41 34.15 32.66 -20.71
CA VAL C 41 33.56 32.00 -19.55
C VAL C 41 34.14 30.60 -19.33
N LEU C 42 35.41 30.42 -19.61
CA LEU C 42 36.04 29.11 -19.41
C LEU C 42 36.28 28.88 -17.92
N PRO C 43 35.73 27.82 -17.33
CA PRO C 43 35.95 27.58 -15.90
C PRO C 43 37.41 27.36 -15.55
N THR C 44 38.18 26.75 -16.44
CA THR C 44 39.59 26.46 -16.23
C THR C 44 40.38 27.02 -17.41
N SER C 45 41.50 27.66 -17.12
CA SER C 45 42.36 28.25 -18.14
C SER C 45 43.76 27.65 -18.08
N ALA C 46 44.46 27.75 -19.20
CA ALA C 46 45.81 27.24 -19.35
C ALA C 46 46.80 28.40 -19.32
N LEU C 47 47.93 28.18 -18.67
CA LEU C 47 48.98 29.19 -18.54
C LEU C 47 50.33 28.50 -18.70
N GLY C 48 50.98 28.72 -19.83
CA GLY C 48 52.27 28.14 -20.11
C GLY C 48 52.41 27.82 -21.58
N ILE C 49 53.49 27.11 -21.91
CA ILE C 49 53.79 26.71 -23.28
C ILE C 49 53.87 25.20 -23.32
N TYR C 50 53.09 24.59 -24.21
CA TYR C 50 53.05 23.14 -24.37
C TYR C 50 53.55 22.79 -25.76
N SER C 51 54.50 21.86 -25.83
CA SER C 51 55.08 21.41 -27.09
C SER C 51 54.62 20.00 -27.37
N ASN C 52 53.81 19.84 -28.43
CA ASN C 52 53.29 18.55 -28.84
C ASN C 52 54.05 18.09 -30.08
N PRO C 53 54.62 16.88 -30.07
CA PRO C 53 55.39 16.43 -31.24
C PRO C 53 54.62 16.38 -32.54
N VAL C 54 53.34 16.00 -32.51
CA VAL C 54 52.57 15.88 -33.75
C VAL C 54 51.81 17.17 -34.08
N PHE C 55 51.03 17.70 -33.14
CA PHE C 55 50.26 18.90 -33.42
C PHE C 55 51.12 20.15 -33.44
N GLY C 56 52.05 20.30 -32.50
CA GLY C 56 52.88 21.48 -32.49
C GLY C 56 53.06 22.10 -31.12
N GLU C 57 53.32 23.40 -31.09
CA GLU C 57 53.53 24.13 -29.84
C GLU C 57 52.42 25.16 -29.67
N THR C 58 51.86 25.21 -28.46
CA THR C 58 50.78 26.13 -28.13
C THR C 58 51.18 26.96 -26.92
N THR C 59 51.01 28.27 -27.02
CA THR C 59 51.32 29.21 -25.95
C THR C 59 50.00 29.77 -25.42
N ALA C 60 49.79 29.64 -24.12
CA ALA C 60 48.56 30.09 -23.48
C ALA C 60 48.83 31.22 -22.51
N ASN C 61 48.09 32.32 -22.66
CA ASN C 61 48.18 33.49 -21.80
C ASN C 61 46.84 33.67 -21.11
N TYR C 62 46.77 34.60 -20.17
CA TYR C 62 45.52 34.82 -19.45
C TYR C 62 45.42 36.26 -19.00
N VAL C 63 44.22 36.82 -19.10
CA VAL C 63 43.92 38.18 -18.68
C VAL C 63 42.66 38.11 -17.81
N THR C 64 42.68 38.83 -16.69
CA THR C 64 41.54 38.80 -15.78
C THR C 64 41.33 40.16 -15.17
N GLN C 65 40.13 40.36 -14.64
CA GLN C 65 39.75 41.60 -13.96
C GLN C 65 39.88 41.39 -12.47
N VAL C 66 40.34 42.41 -11.77
CA VAL C 66 40.53 42.33 -10.34
C VAL C 66 39.34 43.00 -9.64
N ALA C 67 39.12 42.61 -8.40
CA ALA C 67 38.03 43.16 -7.60
C ALA C 67 38.46 43.21 -6.14
N LEU C 68 37.77 44.04 -5.37
CA LEU C 68 38.04 44.21 -3.96
C LEU C 68 36.98 43.47 -3.15
N VAL C 69 37.41 42.81 -2.08
CA VAL C 69 36.46 42.06 -1.25
C VAL C 69 35.42 43.00 -0.66
N ALA C 70 35.87 44.13 -0.13
CA ALA C 70 34.98 45.14 0.45
C ALA C 70 35.36 46.49 -0.13
N TYR C 71 34.44 47.09 -0.88
CA TYR C 71 34.72 48.39 -1.48
C TYR C 71 34.60 49.50 -0.45
N ALA C 72 35.12 50.67 -0.82
CA ALA C 72 35.15 51.85 0.04
C ALA C 72 35.83 51.48 1.35
N PRO C 73 37.05 50.94 1.31
CA PRO C 73 37.72 50.53 2.54
C PRO C 73 38.36 51.71 3.27
N SER C 74 38.72 51.43 4.52
CA SER C 74 39.36 52.39 5.41
C SER C 74 40.79 51.88 5.59
N ILE C 75 41.68 52.29 4.68
CA ILE C 75 43.07 51.83 4.74
C ILE C 75 43.74 52.28 6.03
N GLY C 76 43.51 53.52 6.44
CA GLY C 76 44.09 54.06 7.65
C GLY C 76 44.91 55.28 7.37
N GLU C 77 45.60 55.76 8.41
CA GLU C 77 46.44 56.94 8.33
C GLU C 77 47.90 56.52 8.22
N ASP C 78 48.63 57.16 7.31
CA ASP C 78 50.04 56.88 7.06
C ASP C 78 50.28 55.38 6.82
N PRO C 79 49.75 54.84 5.72
CA PRO C 79 49.94 53.41 5.45
C PRO C 79 51.28 53.15 4.77
N VAL C 80 51.99 52.13 5.24
CA VAL C 80 53.28 51.72 4.70
C VAL C 80 53.16 50.26 4.28
N ILE C 81 53.26 50.01 2.98
CA ILE C 81 53.14 48.64 2.46
C ILE C 81 54.35 47.83 2.85
N GLU C 82 54.10 46.60 3.32
CA GLU C 82 55.17 45.69 3.71
C GLU C 82 55.42 44.64 2.64
N SER C 83 54.37 44.03 2.10
CA SER C 83 54.54 43.02 1.06
C SER C 83 53.26 42.90 0.25
N ALA C 84 53.43 42.47 -1.00
CA ALA C 84 52.34 42.26 -1.94
C ALA C 84 52.59 40.89 -2.57
N VAL C 85 51.81 39.89 -2.14
CA VAL C 85 51.97 38.52 -2.60
C VAL C 85 50.72 38.05 -3.32
N LEU C 86 50.92 37.47 -4.51
CA LEU C 86 49.84 36.93 -5.33
C LEU C 86 49.85 35.42 -5.14
N SER C 87 48.71 34.86 -4.75
CA SER C 87 48.59 33.42 -4.50
C SER C 87 47.46 32.83 -5.33
N ILE C 88 47.80 31.82 -6.13
CA ILE C 88 46.82 31.11 -6.97
C ILE C 88 46.99 29.62 -6.68
N PRO C 89 46.04 28.99 -6.00
CA PRO C 89 46.17 27.56 -5.69
C PRO C 89 46.28 26.70 -6.94
N TYR C 90 47.11 25.67 -6.86
CA TYR C 90 47.34 24.72 -7.94
C TYR C 90 46.54 23.45 -7.70
N PHE C 91 46.19 22.77 -8.78
CA PHE C 91 45.47 21.50 -8.66
C PHE C 91 46.48 20.47 -8.18
N SER C 92 46.37 20.05 -6.92
CA SER C 92 47.33 19.09 -6.38
C SER C 92 46.64 18.08 -5.48
N HIS C 93 47.30 16.95 -5.29
CA HIS C 93 46.81 15.86 -4.47
C HIS C 93 47.92 15.42 -3.52
N VAL C 94 47.56 15.12 -2.27
CA VAL C 94 48.54 14.67 -1.30
C VAL C 94 48.96 13.25 -1.68
N THR C 95 50.27 13.02 -1.76
CA THR C 95 50.76 11.70 -2.16
C THR C 95 51.44 10.92 -1.05
N ALA C 96 51.96 11.56 -0.01
CA ALA C 96 52.63 10.82 1.05
C ALA C 96 52.65 11.64 2.33
N ASN C 97 51.89 11.21 3.33
CA ASN C 97 51.88 11.90 4.61
C ASN C 97 53.21 11.64 5.31
N ASN C 98 53.89 12.72 5.69
CA ASN C 98 55.19 12.66 6.33
C ASN C 98 55.08 12.99 7.81
N THR C 99 56.13 12.64 8.56
CA THR C 99 56.20 12.92 9.99
C THR C 99 56.28 14.42 10.19
N ASP C 100 56.37 14.88 11.44
CA ASP C 100 56.43 16.30 11.78
C ASP C 100 55.38 17.09 11.02
N GLY C 101 54.16 16.53 10.97
CA GLY C 101 53.11 17.19 10.22
C GLY C 101 53.50 17.23 8.77
N SER C 102 53.22 18.37 8.12
CA SER C 102 53.57 18.58 6.72
C SER C 102 52.94 17.53 5.81
N HIS C 103 53.15 17.69 4.50
CA HIS C 103 52.61 16.77 3.51
C HIS C 103 53.48 16.86 2.27
N THR C 104 53.24 15.92 1.35
CA THR C 104 53.95 15.86 0.08
C THR C 104 52.88 15.88 -1.00
N TYR C 105 52.96 16.84 -1.91
CA TYR C 105 51.97 17.00 -2.96
C TYR C 105 52.58 16.75 -4.33
N GLU C 106 51.70 16.42 -5.27
CA GLU C 106 52.05 16.19 -6.66
C GLU C 106 51.12 17.06 -7.49
N LEU C 107 51.70 17.90 -8.35
CA LEU C 107 50.89 18.77 -9.18
C LEU C 107 50.08 17.98 -10.19
N ASP C 108 48.86 18.43 -10.43
CA ASP C 108 47.96 17.78 -11.37
C ASP C 108 47.61 18.74 -12.51
N SER C 109 47.27 18.14 -13.65
CA SER C 109 46.89 18.89 -14.85
C SER C 109 48.07 19.69 -15.41
N ILE C 110 49.29 19.15 -15.25
CA ILE C 110 50.50 19.77 -15.77
C ILE C 110 50.83 19.03 -17.06
N TYR C 111 50.89 19.76 -18.16
CA TYR C 111 51.17 19.19 -19.47
C TYR C 111 52.59 19.57 -19.90
N GLY C 112 53.37 18.57 -20.28
CA GLY C 112 54.73 18.79 -20.72
C GLY C 112 55.73 18.19 -19.74
N PRO C 113 57.02 18.37 -20.02
CA PRO C 113 58.05 17.83 -19.13
C PRO C 113 57.94 18.39 -17.73
N ALA C 114 58.28 17.54 -16.75
CA ALA C 114 58.22 17.96 -15.36
C ALA C 114 59.30 18.95 -14.98
N ASN C 115 60.37 19.03 -15.76
CA ASN C 115 61.48 19.94 -15.50
C ASN C 115 61.37 21.23 -16.32
N GLY C 116 60.22 21.48 -16.94
CA GLY C 116 60.07 22.67 -17.73
C GLY C 116 60.06 23.94 -16.90
N LYS C 117 60.57 25.02 -17.50
CA LYS C 117 60.63 26.33 -16.88
C LYS C 117 60.21 27.37 -17.90
N LEU C 118 59.46 28.37 -17.46
CA LEU C 118 59.00 29.43 -18.34
C LEU C 118 59.21 30.79 -17.70
N LYS C 119 59.35 31.80 -18.55
CA LYS C 119 59.55 33.18 -18.11
C LYS C 119 58.17 33.79 -17.90
N LEU C 120 57.76 33.89 -16.64
CA LEU C 120 56.46 34.43 -16.30
C LEU C 120 56.54 35.94 -16.08
N SER C 121 55.61 36.68 -16.68
CA SER C 121 55.56 38.12 -16.57
C SER C 121 54.13 38.52 -16.23
N VAL C 122 53.95 39.20 -15.10
CA VAL C 122 52.64 39.66 -14.65
C VAL C 122 52.60 41.17 -14.82
N TYR C 123 51.76 41.64 -15.73
CA TYR C 123 51.62 43.05 -16.01
C TYR C 123 50.24 43.56 -15.61
N GLU C 124 50.14 44.87 -15.46
CA GLU C 124 48.88 45.52 -15.13
C GLU C 124 48.20 45.85 -16.46
N SER C 125 47.04 45.26 -16.69
CA SER C 125 46.33 45.49 -17.94
C SER C 125 45.81 46.93 -18.02
N GLY C 126 45.84 47.46 -19.24
CA GLY C 126 45.38 48.81 -19.50
C GLY C 126 44.24 48.80 -20.50
N TYR C 127 43.55 47.67 -20.59
CA TYR C 127 42.41 47.49 -21.49
C TYR C 127 41.19 47.18 -20.64
N GLN C 128 40.23 48.10 -20.63
CA GLN C 128 39.02 47.90 -19.85
C GLN C 128 38.18 46.78 -20.46
N MET C 129 37.67 45.91 -19.59
CA MET C 129 36.85 44.78 -20.01
C MET C 129 35.45 44.93 -19.44
N ARG C 130 34.46 44.51 -20.24
CA ARG C 130 33.06 44.58 -19.87
C ARG C 130 32.40 43.23 -20.12
N SER C 131 31.33 42.97 -19.40
CA SER C 131 30.61 41.71 -19.57
C SER C 131 29.49 41.80 -20.60
N SER C 132 28.95 43.00 -20.83
CA SER C 132 27.89 43.20 -21.80
C SER C 132 27.92 44.66 -22.24
N PHE C 133 27.32 44.93 -23.39
CA PHE C 133 27.29 46.28 -23.91
C PHE C 133 25.98 46.56 -24.64
N PRO C 134 25.39 47.74 -24.42
CA PRO C 134 24.14 48.07 -25.11
C PRO C 134 24.38 48.26 -26.60
N SER C 135 23.39 47.87 -27.39
CA SER C 135 23.45 47.97 -28.85
C SER C 135 22.21 48.72 -29.30
N ASN C 136 21.88 48.60 -30.59
CA ASN C 136 20.73 49.29 -31.16
C ASN C 136 19.45 48.71 -30.57
N GLY C 137 19.18 49.09 -29.32
CA GLY C 137 18.01 48.64 -28.60
C GLY C 137 18.12 47.31 -27.91
N THR C 138 19.27 46.65 -27.94
CA THR C 138 19.44 45.36 -27.31
C THR C 138 20.74 45.35 -26.50
N GLU C 139 20.77 44.48 -25.50
CA GLU C 139 21.94 44.33 -24.62
C GLU C 139 22.67 43.06 -25.05
N LEU C 140 23.67 43.21 -25.88
CA LEU C 140 24.47 42.10 -26.40
C LEU C 140 25.57 41.71 -25.42
N PRO C 141 25.98 40.45 -25.42
CA PRO C 141 27.06 40.02 -24.52
C PRO C 141 28.42 40.32 -25.11
N GLN C 142 29.40 40.45 -24.23
CA GLN C 142 30.78 40.74 -24.63
C GLN C 142 31.56 39.44 -24.70
N TYR C 143 32.26 39.23 -25.81
CA TYR C 143 33.05 38.04 -26.04
C TYR C 143 34.50 38.40 -26.29
N TYR C 144 35.40 37.65 -25.66
CA TYR C 144 36.84 37.83 -25.82
C TYR C 144 37.36 36.54 -26.43
N TYR C 145 38.05 36.66 -27.56
CA TYR C 145 38.53 35.50 -28.28
C TYR C 145 39.98 35.15 -27.93
N THR C 146 40.38 33.94 -28.36
CA THR C 146 41.71 33.41 -28.12
C THR C 146 42.79 34.06 -28.98
N SER C 147 42.41 34.82 -30.01
CA SER C 147 43.37 35.47 -30.88
C SER C 147 43.58 36.93 -30.54
N GLN C 148 43.07 37.40 -29.40
CA GLN C 148 43.21 38.79 -29.00
C GLN C 148 44.40 39.02 -28.08
N ASN C 149 45.46 38.23 -28.22
CA ASN C 149 46.64 38.42 -27.38
C ASN C 149 47.33 39.74 -27.68
N SER C 150 47.34 40.15 -28.95
CA SER C 150 48.00 41.39 -29.32
C SER C 150 47.32 42.59 -28.68
N THR C 151 45.99 42.61 -28.65
CA THR C 151 45.28 43.74 -28.06
C THR C 151 45.61 43.91 -26.59
N PHE C 152 45.65 42.81 -25.84
CA PHE C 152 45.96 42.91 -24.42
C PHE C 152 47.46 43.13 -24.18
N ASP C 153 48.30 42.63 -25.08
CA ASP C 153 49.74 42.80 -24.91
C ASP C 153 50.19 44.21 -25.25
N GLN C 154 49.54 44.87 -26.21
CA GLN C 154 49.94 46.23 -26.55
C GLN C 154 49.46 47.23 -25.52
N ALA C 155 48.31 46.99 -24.90
CA ALA C 155 47.74 47.90 -23.91
C ALA C 155 48.10 47.47 -22.48
N LYS C 156 49.39 47.36 -22.22
CA LYS C 156 49.90 47.00 -20.91
C LYS C 156 50.72 48.17 -20.38
N VAL C 157 50.53 48.49 -19.11
CA VAL C 157 51.22 49.62 -18.50
C VAL C 157 52.39 49.14 -17.64
N GLY C 158 53.46 49.94 -17.62
CA GLY C 158 54.66 49.69 -16.86
C GLY C 158 55.35 48.39 -17.21
N THR C 159 56.07 47.86 -16.23
CA THR C 159 56.81 46.62 -16.33
C THR C 159 56.13 45.55 -15.48
N ARG C 160 56.61 44.32 -15.61
CA ARG C 160 56.04 43.21 -14.86
C ARG C 160 56.15 43.46 -13.36
N LEU C 161 55.05 43.19 -12.65
CA LEU C 161 55.02 43.40 -11.21
C LEU C 161 55.99 42.47 -10.50
N ASN C 162 56.08 41.21 -10.94
CA ASN C 162 56.98 40.23 -10.34
C ASN C 162 58.39 40.55 -10.82
N ASP C 163 58.96 41.62 -10.25
CA ASP C 163 60.29 42.09 -10.63
C ASP C 163 61.33 41.86 -9.54
N ASP C 164 61.10 40.91 -8.63
CA ASP C 164 62.06 40.64 -7.57
C ASP C 164 63.18 39.78 -8.14
N LEU C 165 64.28 40.44 -8.55
CA LEU C 165 65.41 39.73 -9.12
C LEU C 165 66.11 38.82 -8.13
N THR C 166 65.91 39.01 -6.83
CA THR C 166 66.55 38.15 -5.85
C THR C 166 66.01 36.72 -5.89
N LYS C 167 64.80 36.54 -6.41
CA LYS C 167 64.17 35.22 -6.49
C LYS C 167 63.91 34.90 -7.96
N PRO C 168 64.82 34.21 -8.64
CA PRO C 168 64.60 33.89 -10.05
C PRO C 168 63.55 32.81 -10.28
N PHE C 169 63.08 32.14 -9.23
CA PHE C 169 62.07 31.11 -9.40
C PHE C 169 60.68 31.68 -9.59
N GLN C 170 60.53 33.01 -9.48
CA GLN C 170 59.26 33.68 -9.68
C GLN C 170 59.23 34.50 -10.96
N ASN C 171 60.38 34.66 -11.62
CA ASN C 171 60.47 35.41 -12.86
C ASN C 171 61.76 35.01 -13.57
N ASP C 172 61.66 34.85 -14.89
CA ASP C 172 62.74 34.47 -15.81
C ASP C 172 63.11 32.99 -15.68
N GLN C 173 62.71 32.35 -14.59
CA GLN C 173 62.98 30.93 -14.38
C GLN C 173 61.82 30.30 -13.62
N PHE C 174 60.62 30.80 -13.86
CA PHE C 174 59.44 30.30 -13.16
C PHE C 174 59.15 28.84 -13.50
N PHE C 175 58.66 28.11 -12.50
CA PHE C 175 58.31 26.72 -12.65
C PHE C 175 57.23 26.38 -11.63
N PHE C 176 56.24 25.61 -12.06
CA PHE C 176 55.15 25.22 -11.16
C PHE C 176 55.72 24.30 -10.08
N SER C 177 55.83 24.83 -8.87
CA SER C 177 56.38 24.07 -7.75
C SER C 177 55.30 23.32 -6.99
N SER C 178 55.74 22.43 -6.09
CA SER C 178 54.85 21.63 -5.28
C SER C 178 55.17 21.73 -3.79
N GLU C 179 55.74 22.84 -3.35
CA GLU C 179 56.08 23.00 -1.94
C GLU C 179 54.81 23.10 -1.09
N GLU C 180 54.98 22.97 0.23
CA GLU C 180 53.90 23.06 1.18
C GLU C 180 53.87 24.40 1.91
N TYR C 181 54.87 25.25 1.69
CA TYR C 181 54.98 26.57 2.30
C TYR C 181 54.66 26.55 3.80
N LYS C 182 55.51 25.87 4.54
CA LYS C 182 55.34 25.77 5.99
C LYS C 182 55.54 27.13 6.64
N THR C 183 54.62 27.51 7.53
CA THR C 183 54.68 28.77 8.25
C THR C 183 54.52 28.50 9.74
N VAL C 184 55.32 29.19 10.56
CA VAL C 184 55.28 29.04 12.00
C VAL C 184 55.14 30.43 12.63
N THR C 185 54.22 30.54 13.58
CA THR C 185 53.97 31.81 14.27
C THR C 185 53.90 31.55 15.77
N LYS C 186 54.78 32.20 16.53
CA LYS C 186 54.81 32.07 17.98
C LYS C 186 53.86 33.04 18.65
N ASP C 187 52.82 33.48 17.93
CA ASP C 187 51.83 34.43 18.43
C ASP C 187 50.86 33.84 19.44
N SER C 188 50.89 32.53 19.68
CA SER C 188 49.98 31.95 20.66
C SER C 188 50.50 32.20 22.07
N ASN C 189 50.78 33.47 22.38
CA ASN C 189 51.31 33.96 23.65
C ASN C 189 52.74 33.46 23.89
N ASP C 190 53.27 32.61 23.01
CA ASP C 190 54.61 32.01 23.03
C ASP C 190 54.59 30.73 22.21
N LYS C 191 53.46 30.02 22.21
CA LYS C 191 53.33 28.78 21.48
C LYS C 191 53.32 29.03 19.97
N GLU C 192 53.81 28.04 19.22
CA GLU C 192 53.87 28.12 17.77
C GLU C 192 52.59 27.60 17.12
N THR C 193 52.38 28.02 15.88
CA THR C 193 51.21 27.62 15.08
C THR C 193 51.74 27.17 13.72
N THR C 194 52.08 25.90 13.61
CA THR C 194 52.59 25.34 12.36
C THR C 194 51.43 25.15 11.39
N THR C 195 51.22 26.12 10.51
CA THR C 195 50.15 26.07 9.52
C THR C 195 50.75 25.79 8.15
N TYR C 196 50.15 24.86 7.43
CA TYR C 196 50.58 24.46 6.10
C TYR C 196 49.56 24.86 5.05
N THR C 197 50.06 25.20 3.87
CA THR C 197 49.20 25.58 2.74
C THR C 197 49.57 24.73 1.54
N ALA C 198 48.56 24.26 0.83
CA ALA C 198 48.74 23.42 -0.35
C ALA C 198 49.59 24.15 -1.40
N PRO C 199 50.14 23.45 -2.39
CA PRO C 199 50.96 24.14 -3.40
C PRO C 199 50.15 25.24 -4.08
N GLU C 200 50.81 26.37 -4.31
CA GLU C 200 50.18 27.51 -4.94
C GLU C 200 51.24 28.35 -5.62
N MET C 201 50.79 29.27 -6.48
CA MET C 201 51.67 30.17 -7.20
C MET C 201 51.84 31.42 -6.36
N ARG C 202 52.99 31.56 -5.71
CA ARG C 202 53.29 32.71 -4.87
C ARG C 202 54.30 33.60 -5.58
N LEU C 203 53.92 34.86 -5.78
CA LEU C 203 54.77 35.83 -6.45
C LEU C 203 54.82 37.10 -5.62
N ASN C 204 56.00 37.70 -5.53
CA ASN C 204 56.20 38.95 -4.80
C ASN C 204 56.12 40.08 -5.82
N LEU C 205 55.05 40.86 -5.73
CA LEU C 205 54.82 41.96 -6.65
C LEU C 205 55.47 43.24 -6.14
N ASN C 206 55.66 44.18 -7.07
CA ASN C 206 56.29 45.46 -6.74
C ASN C 206 55.51 46.17 -5.64
N SER C 207 56.16 46.36 -4.50
CA SER C 207 55.51 47.02 -3.37
C SER C 207 55.21 48.49 -3.66
N ALA C 208 56.11 49.16 -4.38
CA ALA C 208 55.89 50.57 -4.70
C ALA C 208 54.65 50.77 -5.54
N PHE C 209 54.38 49.84 -6.47
CA PHE C 209 53.20 49.96 -7.32
C PHE C 209 51.91 49.93 -6.50
N PHE C 210 51.81 48.99 -5.56
CA PHE C 210 50.61 48.89 -4.75
C PHE C 210 50.52 49.96 -3.68
N GLN C 211 51.63 50.64 -3.36
CA GLN C 211 51.57 51.69 -2.35
C GLN C 211 50.70 52.84 -2.82
N ASP C 212 50.92 53.32 -4.04
CA ASP C 212 50.15 54.43 -4.58
C ASP C 212 48.91 53.98 -5.32
N LYS C 213 48.84 52.72 -5.75
CA LYS C 213 47.67 52.25 -6.47
C LYS C 213 46.49 52.00 -5.53
N ILE C 214 46.76 51.57 -4.30
CA ILE C 214 45.67 51.29 -3.37
C ILE C 214 45.87 52.03 -2.04
N LEU C 215 47.02 51.81 -1.40
CA LEU C 215 47.28 52.43 -0.11
C LEU C 215 47.34 53.95 -0.19
N LYS C 216 47.75 54.50 -1.33
CA LYS C 216 47.85 55.94 -1.51
C LYS C 216 47.06 56.36 -2.75
N ALA C 217 45.84 55.87 -2.86
CA ALA C 217 44.99 56.18 -3.99
C ALA C 217 43.78 57.01 -3.56
N PRO C 218 43.24 57.83 -4.45
CA PRO C 218 42.07 58.64 -4.08
C PRO C 218 40.90 57.74 -3.71
N ALA C 219 40.16 58.16 -2.67
CA ALA C 219 39.02 57.37 -2.22
C ALA C 219 37.94 57.25 -3.28
N SER C 220 37.93 58.13 -4.28
CA SER C 220 36.93 58.07 -5.33
C SER C 220 37.19 56.95 -6.33
N LYS C 221 38.36 56.31 -6.28
CA LYS C 221 38.68 55.24 -7.21
C LYS C 221 38.40 53.85 -6.66
N ILE C 222 38.29 53.70 -5.33
CA ILE C 222 38.02 52.41 -4.72
C ILE C 222 36.67 52.41 -4.01
N ALA C 223 35.78 53.33 -4.39
CA ALA C 223 34.46 53.40 -3.75
C ALA C 223 33.52 52.30 -4.22
N SER C 224 33.61 51.89 -5.48
CA SER C 224 32.73 50.84 -6.00
C SER C 224 33.48 50.00 -7.02
N THR C 225 32.82 48.93 -7.47
CA THR C 225 33.45 48.02 -8.42
C THR C 225 33.62 48.67 -9.79
N ASP C 226 32.63 49.43 -10.25
CA ASP C 226 32.72 50.06 -11.56
C ASP C 226 33.90 51.03 -11.62
N VAL C 227 34.07 51.85 -10.59
CA VAL C 227 35.17 52.81 -10.60
C VAL C 227 36.51 52.09 -10.40
N PHE C 228 36.55 51.08 -9.53
CA PHE C 228 37.79 50.37 -9.30
C PHE C 228 38.25 49.62 -10.54
N GLN C 229 37.32 48.93 -11.21
CA GLN C 229 37.69 48.19 -12.42
C GLN C 229 38.18 49.13 -13.51
N GLU C 230 37.72 50.38 -13.50
CA GLU C 230 38.20 51.34 -14.50
C GLU C 230 39.59 51.83 -14.10
N TYR C 231 39.86 51.90 -12.80
CA TYR C 231 41.16 52.32 -12.29
C TYR C 231 42.18 51.20 -12.43
N PHE C 232 41.90 50.05 -11.83
CA PHE C 232 42.74 48.86 -11.91
C PHE C 232 42.00 47.95 -12.88
N ARG C 233 42.32 48.09 -14.16
CA ARG C 233 41.63 47.32 -15.21
C ARG C 233 41.80 45.82 -15.03
N GLY C 234 43.01 45.35 -14.72
CA GLY C 234 43.19 43.93 -14.55
C GLY C 234 44.66 43.55 -14.57
N LEU C 235 44.88 42.23 -14.56
CA LEU C 235 46.21 41.64 -14.59
C LEU C 235 46.36 40.79 -15.84
N TYR C 236 47.53 40.90 -16.47
CA TYR C 236 47.85 40.17 -17.69
C TYR C 236 49.02 39.23 -17.41
N PHE C 237 48.82 37.95 -17.69
CA PHE C 237 49.84 36.94 -17.48
C PHE C 237 50.45 36.55 -18.81
N LYS C 238 51.74 36.83 -18.99
CA LYS C 238 52.47 36.52 -20.20
C LYS C 238 53.51 35.44 -19.91
N VAL C 239 53.65 34.49 -20.81
CA VAL C 239 54.59 33.40 -20.65
C VAL C 239 55.52 33.33 -21.86
N GLU C 240 56.78 33.03 -21.60
CA GLU C 240 57.80 32.90 -22.63
C GLU C 240 58.70 31.73 -22.27
N LYS C 241 59.47 31.26 -23.24
CA LYS C 241 60.36 30.14 -23.02
C LYS C 241 61.58 30.59 -22.22
N ALA C 242 61.92 29.83 -21.19
CA ALA C 242 63.06 30.15 -20.35
C ALA C 242 64.36 29.87 -21.11
N ASP C 243 65.44 30.48 -20.62
CA ASP C 243 66.75 30.32 -21.25
C ASP C 243 67.31 28.93 -20.98
N GLY C 244 67.46 28.15 -22.04
CA GLY C 244 68.00 26.81 -21.95
C GLY C 244 67.21 25.80 -21.12
N SER C 245 65.89 25.75 -21.29
CA SER C 245 65.07 24.82 -20.54
C SER C 245 63.77 24.59 -21.30
N PRO C 246 63.18 23.41 -21.20
CA PRO C 246 61.92 23.15 -21.91
C PRO C 246 60.78 23.93 -21.28
N SER C 247 59.59 23.86 -21.88
CA SER C 247 58.43 24.55 -21.38
C SER C 247 57.28 23.59 -21.13
N ASN C 248 56.47 23.92 -20.13
CA ASN C 248 55.31 23.13 -19.75
C ASN C 248 54.12 24.05 -19.57
N MET C 249 52.94 23.46 -19.63
CA MET C 249 51.69 24.19 -19.48
C MET C 249 50.87 23.56 -18.37
N ALA C 250 50.09 24.39 -17.68
CA ALA C 250 49.25 23.91 -16.59
C ALA C 250 47.88 24.56 -16.67
N LEU C 251 46.87 23.82 -16.23
CA LEU C 251 45.50 24.29 -16.21
C LEU C 251 45.22 24.76 -14.80
N MET C 252 44.85 26.03 -14.65
CA MET C 252 44.60 26.60 -13.33
C MET C 252 43.19 27.17 -13.22
N ASP C 253 42.76 27.29 -11.96
CA ASP C 253 41.46 27.86 -11.61
C ASP C 253 41.78 29.21 -10.98
N PHE C 254 41.76 30.26 -11.80
CA PHE C 254 42.07 31.60 -11.33
C PHE C 254 40.98 32.20 -10.47
N SER C 255 39.82 31.55 -10.34
CA SER C 255 38.76 32.11 -9.50
C SER C 255 39.16 32.19 -8.04
N LYS C 256 40.14 31.39 -7.62
CA LYS C 256 40.63 31.38 -6.25
C LYS C 256 41.90 32.18 -6.07
N GLY C 257 42.35 32.88 -7.10
CA GLY C 257 43.57 33.66 -6.98
C GLY C 257 43.30 35.02 -6.36
N LYS C 258 44.28 35.50 -5.60
CA LYS C 258 44.14 36.80 -4.95
C LYS C 258 45.50 37.32 -4.55
N ILE C 259 45.62 38.64 -4.51
CA ILE C 259 46.85 39.33 -4.12
C ILE C 259 46.54 40.07 -2.82
N THR C 260 47.24 39.69 -1.76
CA THR C 260 47.06 40.29 -0.44
C THR C 260 48.14 41.34 -0.20
N ILE C 261 47.71 42.53 0.20
CA ILE C 261 48.62 43.63 0.47
C ILE C 261 48.69 43.81 1.98
N THR C 262 49.87 43.60 2.55
CA THR C 262 50.08 43.75 3.98
C THR C 262 50.79 45.07 4.23
N TYR C 263 50.22 45.89 5.11
CA TYR C 263 50.79 47.20 5.41
C TYR C 263 50.59 47.52 6.89
N LYS C 264 51.13 48.68 7.29
CA LYS C 264 51.03 49.16 8.65
C LYS C 264 50.46 50.56 8.65
N ALA C 265 49.39 50.78 9.40
CA ALA C 265 48.72 52.06 9.52
C ALA C 265 49.03 52.67 10.88
N LYS C 266 48.45 53.85 11.14
CA LYS C 266 48.70 54.52 12.41
C LYS C 266 47.75 54.12 13.52
N THR C 267 46.88 53.12 13.28
CA THR C 267 45.92 52.63 14.28
C THR C 267 44.84 53.66 14.62
N ASP C 268 43.69 53.20 15.11
CA ASP C 268 42.62 54.12 15.47
C ASP C 268 43.05 55.09 16.56
N ILE C 269 44.10 54.72 17.32
CA ILE C 269 44.70 55.49 18.42
C ILE C 269 43.67 56.29 19.22
N THR C 270 43.98 57.57 19.46
CA THR C 270 43.18 58.53 20.21
C THR C 270 43.22 58.26 21.71
N THR C 271 43.76 57.10 22.09
CA THR C 271 43.88 56.75 23.51
C THR C 271 45.30 57.04 23.97
N ASP C 272 46.27 56.48 23.26
CA ASP C 272 47.68 56.68 23.52
C ASP C 272 48.25 57.79 22.66
N ALA C 273 47.68 57.95 21.45
CA ALA C 273 48.05 58.91 20.42
C ALA C 273 49.55 58.95 20.13
N PRO C 274 50.25 57.81 20.09
CA PRO C 274 51.68 57.84 19.80
C PRO C 274 51.93 57.57 18.32
N GLU C 275 53.19 57.44 17.94
CA GLU C 275 53.54 57.11 16.58
C GLU C 275 53.45 55.61 16.30
N THR C 276 52.72 54.89 17.14
CA THR C 276 52.55 53.45 17.00
C THR C 276 51.85 53.10 15.70
N THR C 277 52.05 51.87 15.24
CA THR C 277 51.47 51.38 14.00
C THR C 277 50.84 50.01 14.19
N GLU C 278 49.77 49.75 13.43
CA GLU C 278 49.05 48.49 13.46
C GLU C 278 49.19 47.79 12.11
N GLU C 279 49.05 46.46 12.14
CA GLU C 279 49.15 45.63 10.95
C GLU C 279 47.77 45.50 10.31
N ARG C 280 47.68 45.82 9.03
CA ARG C 280 46.43 45.74 8.27
C ARG C 280 46.67 44.97 6.99
N THR C 281 45.60 44.45 6.40
CA THR C 281 45.71 43.68 5.16
C THR C 281 44.49 43.90 4.27
N ILE C 282 44.75 44.10 2.98
CA ILE C 282 43.70 44.26 1.97
C ILE C 282 43.92 43.17 0.94
N VAL C 283 42.82 42.58 0.46
CA VAL C 283 42.88 41.50 -0.51
C VAL C 283 42.24 41.95 -1.82
N ILE C 284 42.96 41.73 -2.92
CA ILE C 284 42.51 42.07 -4.25
C ILE C 284 42.24 40.75 -4.95
N ASN C 285 41.00 40.28 -4.89
CA ASN C 285 40.63 39.02 -5.51
C ASN C 285 40.49 39.14 -7.01
N LEU C 286 40.72 38.02 -7.70
CA LEU C 286 40.58 37.95 -9.14
C LEU C 286 39.13 37.61 -9.47
N VAL C 287 38.60 38.25 -10.50
CA VAL C 287 37.21 38.01 -10.87
C VAL C 287 36.98 36.55 -11.23
N ASN C 288 35.77 36.07 -10.97
CA ASN C 288 35.40 34.70 -11.24
C ASN C 288 35.12 34.53 -12.73
N PRO C 289 35.78 33.60 -13.42
CA PRO C 289 35.52 33.43 -14.86
C PRO C 289 34.10 33.02 -15.20
N THR C 290 33.36 32.42 -14.27
CA THR C 290 31.99 32.00 -14.54
C THR C 290 30.97 33.10 -14.25
N SER C 291 31.15 33.84 -13.16
CA SER C 291 30.23 34.90 -12.80
C SER C 291 30.51 36.22 -13.52
N SER C 292 31.66 36.34 -14.19
CA SER C 292 32.01 37.56 -14.89
C SER C 292 32.57 37.23 -16.26
N GLY C 293 32.48 38.20 -17.17
CA GLY C 293 32.97 38.04 -18.51
C GLY C 293 34.22 38.85 -18.77
N GLY C 294 34.96 39.14 -17.70
CA GLY C 294 36.18 39.92 -17.82
C GLY C 294 37.44 39.09 -17.74
N THR C 295 37.38 37.86 -18.25
CA THR C 295 38.52 36.96 -18.25
C THR C 295 38.64 36.31 -19.62
N ALA C 296 39.83 36.33 -20.20
CA ALA C 296 40.06 35.74 -21.50
C ALA C 296 41.31 34.87 -21.48
N ASN C 297 41.26 33.77 -22.22
CA ASN C 297 42.36 32.83 -22.33
C ASN C 297 42.97 33.01 -23.71
N LEU C 298 44.12 33.68 -23.78
CA LEU C 298 44.80 33.95 -25.03
C LEU C 298 45.61 32.72 -25.42
N LEU C 299 45.09 31.94 -26.36
CA LEU C 299 45.73 30.72 -26.83
C LEU C 299 46.28 30.92 -28.24
N GLN C 300 47.59 30.79 -28.38
CA GLN C 300 48.29 30.92 -29.65
C GLN C 300 48.97 29.60 -29.93
N ASP C 301 48.74 29.04 -31.12
CA ASP C 301 49.31 27.75 -31.47
C ASP C 301 50.11 27.83 -32.77
N ALA C 302 51.23 27.11 -32.79
CA ALA C 302 52.12 27.02 -33.95
C ALA C 302 51.89 25.62 -34.51
N LYS C 303 50.89 25.50 -35.38
CA LYS C 303 50.53 24.21 -35.95
C LYS C 303 51.69 23.61 -36.73
N SER C 304 51.84 22.29 -36.62
CA SER C 304 52.91 21.59 -37.31
C SER C 304 52.56 21.47 -38.80
N ALA C 305 53.52 20.98 -39.57
CA ALA C 305 53.32 20.83 -41.00
C ALA C 305 52.20 19.85 -41.32
N GLY C 306 52.22 18.67 -40.68
CA GLY C 306 51.19 17.68 -40.93
C GLY C 306 49.81 18.12 -40.49
N TYR C 307 49.72 18.71 -39.29
CA TYR C 307 48.44 19.15 -38.78
C TYR C 307 47.86 20.29 -39.62
N SER C 308 48.68 21.27 -39.97
CA SER C 308 48.19 22.40 -40.76
C SER C 308 47.75 21.94 -42.14
N GLY C 309 48.49 21.01 -42.75
CA GLY C 309 48.13 20.55 -44.08
C GLY C 309 46.82 19.78 -44.10
N ALA C 310 46.59 18.95 -43.09
CA ALA C 310 45.35 18.16 -43.05
C ALA C 310 44.12 19.05 -42.84
N ILE C 311 44.21 20.03 -41.94
CA ILE C 311 43.07 20.90 -41.67
C ILE C 311 42.93 22.05 -42.66
N SER C 312 43.86 22.18 -43.60
CA SER C 312 43.78 23.26 -44.58
C SER C 312 42.60 23.04 -45.51
N SER C 313 42.00 24.16 -45.95
CA SER C 313 40.85 24.07 -46.85
C SER C 313 41.21 23.49 -48.21
N SER C 314 42.49 23.52 -48.58
CA SER C 314 42.90 22.98 -49.88
C SER C 314 42.99 21.45 -49.85
N ASN C 315 43.22 20.86 -48.68
CA ASN C 315 43.35 19.42 -48.56
C ASN C 315 42.15 18.75 -47.88
N VAL C 316 40.98 19.40 -47.92
CA VAL C 316 39.77 18.84 -47.33
C VAL C 316 38.78 18.58 -48.44
N ASN C 317 38.22 17.37 -48.45
CA ASN C 317 37.25 16.96 -49.45
C ASN C 317 35.90 16.82 -48.75
N LYS C 318 34.99 17.74 -49.04
CA LYS C 318 33.67 17.70 -48.41
C LYS C 318 32.72 16.73 -49.10
N THR C 319 33.06 16.24 -50.30
CA THR C 319 32.20 15.31 -50.99
C THR C 319 32.47 13.88 -50.56
N GLU C 320 33.71 13.41 -50.74
CA GLU C 320 34.06 12.05 -50.35
C GLU C 320 34.38 11.97 -48.86
N GLY C 321 35.25 12.85 -48.37
CA GLY C 321 35.66 12.89 -46.99
C GLY C 321 37.16 12.97 -46.87
N ASP C 322 37.65 12.78 -45.66
CA ASP C 322 39.08 12.83 -45.37
C ASP C 322 39.53 11.48 -44.83
N GLU C 323 40.74 11.07 -45.20
CA GLU C 323 41.27 9.79 -44.74
C GLU C 323 41.67 9.84 -43.28
N ARG C 324 42.20 10.97 -42.83
CA ARG C 324 42.63 11.14 -41.46
C ARG C 324 41.92 12.34 -40.84
N LEU C 325 41.45 12.20 -39.61
CA LEU C 325 40.75 13.25 -38.90
C LEU C 325 41.63 13.76 -37.77
N TYR C 326 41.94 15.05 -37.80
CA TYR C 326 42.76 15.70 -36.78
C TYR C 326 41.84 16.56 -35.92
N ILE C 327 41.57 16.12 -34.70
CA ILE C 327 40.73 16.86 -33.78
C ILE C 327 41.60 17.29 -32.59
N LYS C 328 41.70 18.59 -32.38
CA LYS C 328 42.49 19.14 -31.30
C LYS C 328 41.65 20.13 -30.52
N GLY C 329 41.92 20.21 -29.22
CA GLY C 329 41.19 21.12 -28.36
C GLY C 329 41.68 22.55 -28.50
N GLY C 330 41.02 23.43 -27.74
CA GLY C 330 41.38 24.84 -27.80
C GLY C 330 41.07 25.37 -29.18
N GLN C 331 41.94 26.26 -29.67
CA GLN C 331 41.76 26.82 -31.00
C GLN C 331 42.39 25.86 -32.03
N GLY C 332 41.86 24.64 -32.04
CA GLY C 332 42.36 23.61 -32.92
C GLY C 332 41.48 23.25 -34.08
N SER C 333 40.91 22.03 -34.07
CA SER C 333 40.06 21.59 -35.15
C SER C 333 39.01 20.61 -34.63
N ALA C 334 38.00 20.39 -35.46
CA ALA C 334 36.91 19.49 -35.17
C ALA C 334 36.65 18.66 -36.42
N ALA C 335 35.69 17.74 -36.34
CA ALA C 335 35.34 16.89 -37.46
C ALA C 335 33.84 16.92 -37.69
N VAL C 336 33.44 17.10 -38.94
CA VAL C 336 32.03 17.13 -39.34
C VAL C 336 31.68 15.73 -39.81
N ILE C 337 30.69 15.12 -39.17
CA ILE C 337 30.26 13.76 -39.49
C ILE C 337 28.83 13.78 -39.98
N LYS C 338 28.60 13.22 -41.17
CA LYS C 338 27.29 13.14 -41.79
C LYS C 338 26.95 11.69 -42.10
N LEU C 339 25.76 11.27 -41.69
CA LEU C 339 25.31 9.90 -41.93
C LEU C 339 24.41 9.88 -43.17
N ASN C 340 25.03 10.21 -44.31
CA ASN C 340 24.30 10.27 -45.57
C ASN C 340 23.85 8.89 -46.05
N ASP C 341 24.71 7.87 -45.89
CA ASP C 341 24.35 6.53 -46.35
C ASP C 341 23.12 6.01 -45.63
N PHE C 342 23.04 6.22 -44.31
CA PHE C 342 21.89 5.74 -43.55
C PHE C 342 20.62 6.47 -43.96
N ALA C 343 20.72 7.77 -44.24
CA ALA C 343 19.54 8.54 -44.63
C ALA C 343 18.96 8.07 -45.96
N SER C 344 19.83 7.67 -46.89
CA SER C 344 19.36 7.21 -48.19
C SER C 344 18.47 5.97 -48.07
N LYS C 345 18.86 5.04 -47.20
CA LYS C 345 18.11 3.82 -46.99
C LYS C 345 17.10 3.93 -45.86
N LEU C 346 16.97 5.11 -45.25
CA LEU C 346 16.04 5.29 -44.14
C LEU C 346 14.61 4.98 -44.54
N ASP C 347 14.24 5.25 -45.80
CA ASP C 347 12.88 4.98 -46.25
C ASP C 347 12.55 3.50 -46.19
N ASP C 348 13.49 2.65 -46.63
CA ASP C 348 13.26 1.22 -46.61
C ASP C 348 13.36 0.62 -45.21
N ILE C 349 14.18 1.21 -44.34
CA ILE C 349 14.32 0.69 -42.98
C ILE C 349 13.01 0.82 -42.21
N ARG C 350 12.34 1.97 -42.35
CA ARG C 350 11.09 2.19 -41.65
C ARG C 350 9.94 1.41 -42.28
N ALA C 351 10.04 1.09 -43.57
CA ALA C 351 8.97 0.35 -44.24
C ALA C 351 8.97 -1.11 -43.86
N LYS C 352 10.12 -1.67 -43.47
CA LYS C 352 10.22 -3.07 -43.09
C LYS C 352 9.97 -3.31 -41.61
N ASN C 353 9.59 -2.28 -40.87
CA ASN C 353 9.28 -2.38 -39.43
C ASN C 353 10.50 -2.81 -38.62
N TRP C 354 11.70 -2.51 -39.08
CA TRP C 354 12.89 -2.89 -38.34
C TRP C 354 13.04 -2.04 -37.08
N LYS C 355 13.56 -2.66 -36.04
CA LYS C 355 13.79 -2.00 -34.76
C LYS C 355 15.29 -1.97 -34.51
N VAL C 356 15.76 -0.90 -33.86
CA VAL C 356 17.18 -0.71 -33.60
C VAL C 356 17.51 -1.17 -32.19
N ASN C 357 18.40 -2.16 -32.10
CA ASN C 357 18.84 -2.64 -30.80
C ASN C 357 19.94 -1.75 -30.24
N GLU C 358 20.86 -1.32 -31.10
CA GLU C 358 21.96 -0.45 -30.71
C GLU C 358 22.66 0.05 -31.96
N ALA C 359 23.14 1.28 -31.90
CA ALA C 359 23.86 1.94 -32.98
C ALA C 359 25.16 2.46 -32.38
N ASN C 360 26.26 2.34 -33.12
CA ASN C 360 27.52 2.80 -32.59
C ASN C 360 28.45 3.29 -33.68
N LEU C 361 29.33 4.20 -33.29
CA LEU C 361 30.35 4.79 -34.15
C LEU C 361 31.68 4.51 -33.49
N ILE C 362 32.53 3.72 -34.16
CA ILE C 362 33.84 3.34 -33.62
C ILE C 362 34.91 4.13 -34.37
N PHE C 363 35.64 4.96 -33.64
CA PHE C 363 36.71 5.76 -34.20
C PHE C 363 38.04 5.08 -33.85
N ASN C 364 38.81 4.71 -34.86
CA ASN C 364 40.08 4.05 -34.67
C ASN C 364 41.21 5.08 -34.68
N ILE C 365 42.05 5.03 -33.66
CA ILE C 365 43.17 5.96 -33.55
C ILE C 365 44.31 5.50 -34.41
N ASP C 366 45.01 6.45 -35.05
CA ASP C 366 46.16 6.14 -35.89
C ASP C 366 47.36 6.06 -34.94
N SER C 367 47.65 4.84 -34.47
CA SER C 367 48.75 4.64 -33.53
C SER C 367 50.10 5.04 -34.12
N ASP C 368 50.33 4.72 -35.40
CA ASP C 368 51.61 5.07 -36.03
C ASP C 368 51.83 6.58 -36.04
N LEU C 369 50.82 7.35 -36.45
CA LEU C 369 50.97 8.79 -36.47
C LEU C 369 50.92 9.40 -35.07
N MET C 370 50.05 8.87 -34.22
CA MET C 370 49.91 9.37 -32.86
C MET C 370 50.86 8.64 -31.91
N THR C 371 52.15 8.84 -32.14
CA THR C 371 53.19 8.22 -31.33
C THR C 371 54.00 9.30 -30.63
N GLY C 372 54.25 9.11 -29.34
CA GLY C 372 55.01 10.05 -28.55
C GLY C 372 54.25 11.26 -28.06
N ALA C 373 52.94 11.33 -28.27
CA ALA C 373 52.14 12.45 -27.83
C ALA C 373 51.06 11.98 -26.88
N ASP C 374 50.71 12.85 -25.93
CA ASP C 374 49.67 12.51 -24.95
C ASP C 374 48.34 12.36 -25.66
N GLU C 375 47.57 11.35 -25.26
CA GLU C 375 46.30 11.16 -25.93
C GLU C 375 45.13 11.64 -25.08
N PRO C 376 44.11 12.23 -25.72
CA PRO C 376 42.94 12.68 -24.97
C PRO C 376 42.25 11.50 -24.31
N LYS C 377 41.75 11.71 -23.10
CA LYS C 377 41.08 10.66 -22.37
C LYS C 377 39.63 10.43 -22.80
N ARG C 378 39.05 11.35 -23.56
CA ARG C 378 37.67 11.19 -23.99
C ARG C 378 37.37 12.13 -25.15
N VAL C 379 36.39 11.74 -25.97
CA VAL C 379 35.95 12.52 -27.11
C VAL C 379 34.45 12.73 -26.94
N TYR C 380 33.94 13.79 -27.57
CA TYR C 380 32.53 14.14 -27.47
C TYR C 380 31.92 14.32 -28.85
N LEU C 381 30.70 13.83 -29.00
CA LEU C 381 29.94 13.94 -30.24
C LEU C 381 28.67 14.71 -29.94
N TYR C 382 28.41 15.75 -30.72
CA TYR C 382 27.22 16.58 -30.50
C TYR C 382 26.55 16.84 -31.85
N ASP C 383 25.53 17.68 -31.82
CA ASP C 383 24.76 18.06 -33.00
C ASP C 383 25.30 19.40 -33.49
N LEU C 384 25.93 19.41 -34.66
CA LEU C 384 26.50 20.64 -35.20
C LEU C 384 25.42 21.57 -35.76
N THR C 385 24.32 21.03 -36.26
CA THR C 385 23.27 21.89 -36.83
C THR C 385 22.57 22.71 -35.75
N ASN C 386 22.13 22.07 -34.68
CA ASN C 386 21.42 22.75 -33.60
C ASN C 386 22.33 23.12 -32.44
N ASN C 387 23.60 22.72 -32.46
CA ASN C 387 24.56 23.02 -31.39
C ASN C 387 24.02 22.62 -30.02
N VAL C 388 23.49 21.41 -29.95
CA VAL C 388 22.93 20.85 -28.72
C VAL C 388 23.35 19.40 -28.58
N PRO C 389 23.36 18.89 -27.36
CA PRO C 389 23.76 17.48 -27.16
C PRO C 389 22.78 16.53 -27.83
N LEU C 390 23.29 15.36 -28.21
CA LEU C 390 22.45 14.36 -28.85
C LEU C 390 21.49 13.76 -27.84
N ALA C 391 20.42 13.15 -28.37
CA ALA C 391 19.40 12.54 -27.50
C ALA C 391 20.00 11.43 -26.64
N ASP C 392 21.04 10.76 -27.13
CA ASP C 392 21.66 9.69 -26.36
C ASP C 392 22.37 10.23 -25.12
N TYR C 393 22.89 11.45 -25.20
CA TYR C 393 23.59 12.03 -24.05
C TYR C 393 22.65 12.22 -22.87
N TYR C 394 21.44 12.74 -23.14
CA TYR C 394 20.49 12.96 -22.07
C TYR C 394 19.89 11.65 -21.57
N ALA C 395 19.70 10.69 -22.47
CA ALA C 395 19.12 9.41 -22.09
C ALA C 395 20.06 8.54 -21.27
N ASP C 396 21.34 8.86 -21.20
CA ASP C 396 22.31 8.07 -20.44
C ASP C 396 22.55 8.75 -19.09
N GLN C 397 22.16 8.06 -18.02
CA GLN C 397 22.32 8.55 -16.66
C GLN C 397 23.36 7.76 -15.87
N THR C 398 24.15 6.93 -16.55
CA THR C 398 25.14 6.13 -15.87
C THR C 398 26.25 7.01 -15.28
N THR C 399 26.77 6.59 -14.14
CA THR C 399 27.84 7.28 -13.44
C THR C 399 29.07 6.38 -13.42
N SER C 400 30.24 7.00 -13.35
CA SER C 400 31.48 6.25 -13.34
C SER C 400 31.54 5.30 -12.15
N LEU C 401 32.09 4.11 -12.40
CA LEU C 401 32.21 3.10 -11.34
C LEU C 401 33.13 3.58 -10.23
N THR C 402 34.25 4.21 -10.61
CA THR C 402 35.19 4.71 -9.62
C THR C 402 34.56 5.84 -8.81
N VAL C 403 34.73 5.77 -7.49
CA VAL C 403 34.15 6.79 -6.62
C VAL C 403 34.88 8.11 -6.81
N GLY C 404 34.11 9.18 -7.01
CA GLY C 404 34.68 10.50 -7.20
C GLY C 404 35.19 10.82 -8.58
N ASP C 405 34.92 9.97 -9.57
CA ASP C 405 35.37 10.20 -10.94
C ASP C 405 34.19 10.71 -11.77
N THR C 406 33.94 12.01 -11.67
CA THR C 406 32.84 12.59 -12.42
C THR C 406 33.14 12.70 -13.91
N LYS C 407 34.41 12.57 -14.32
CA LYS C 407 34.80 12.65 -15.71
C LYS C 407 34.52 11.37 -16.48
N GLY C 408 34.31 10.24 -15.81
CA GLY C 408 34.05 8.99 -16.48
C GLY C 408 32.59 8.58 -16.51
N ALA C 409 31.70 9.55 -16.29
CA ALA C 409 30.27 9.26 -16.30
C ALA C 409 29.78 9.03 -17.72
N LYS C 410 28.55 8.54 -17.82
CA LYS C 410 27.89 8.26 -19.10
C LYS C 410 28.73 7.32 -19.96
N TYR C 411 29.12 6.17 -19.39
CA TYR C 411 29.92 5.23 -20.15
C TYR C 411 29.12 4.54 -21.25
N VAL C 412 27.79 4.50 -21.12
CA VAL C 412 26.97 3.89 -22.17
C VAL C 412 27.01 4.75 -23.42
N PHE C 413 26.99 6.07 -23.25
CA PHE C 413 27.06 6.97 -24.39
C PHE C 413 28.38 6.79 -25.13
N GLY C 414 29.46 6.59 -24.39
CA GLY C 414 30.76 6.36 -24.97
C GLY C 414 31.67 7.58 -24.99
N GLY C 415 32.67 7.49 -25.85
CA GLY C 415 33.66 8.53 -26.02
C GLY C 415 34.95 8.31 -25.27
N LEU C 416 34.95 7.42 -24.27
CA LEU C 416 36.15 7.15 -23.50
C LEU C 416 37.17 6.38 -24.32
N ILE C 417 38.45 6.63 -24.05
CA ILE C 417 39.52 5.97 -24.77
C ILE C 417 39.62 4.52 -24.35
N ASN C 418 39.94 3.65 -25.31
CA ASN C 418 40.09 2.22 -25.08
C ASN C 418 41.56 1.89 -25.30
N LEU C 419 42.33 1.95 -24.22
CA LEU C 419 43.76 1.69 -24.27
C LEU C 419 44.05 0.20 -24.39
N GLY C 420 45.11 -0.12 -25.14
CA GLY C 420 45.54 -1.49 -25.31
C GLY C 420 46.52 -1.88 -24.23
N ASP C 421 47.13 -3.06 -24.41
CA ASP C 421 48.11 -3.53 -23.44
C ASP C 421 49.34 -2.65 -23.40
N ASN C 422 49.63 -1.93 -24.48
CA ASN C 422 50.80 -1.05 -24.56
C ASN C 422 50.58 0.28 -23.86
N LYS C 423 49.42 0.50 -23.24
CA LYS C 423 49.03 1.72 -22.54
C LYS C 423 48.77 2.86 -23.52
N ARG C 424 48.61 2.56 -24.80
CA ARG C 424 48.34 3.55 -25.82
C ARG C 424 46.90 3.42 -26.28
N GLY C 425 46.33 4.53 -26.75
CA GLY C 425 44.95 4.51 -27.21
C GLY C 425 44.77 3.63 -28.42
N LYS C 426 43.59 3.03 -28.52
CA LYS C 426 43.27 2.16 -29.64
C LYS C 426 42.02 2.58 -30.38
N THR C 427 40.97 3.03 -29.69
CA THR C 427 39.76 3.45 -30.36
C THR C 427 38.81 4.12 -29.39
N TYR C 428 37.85 4.84 -29.96
CA TYR C 428 36.79 5.55 -29.23
C TYR C 428 35.47 5.08 -29.79
N LYS C 429 34.58 4.60 -28.94
CA LYS C 429 33.26 4.13 -29.37
C LYS C 429 32.18 4.98 -28.74
N ILE C 430 31.28 5.50 -29.58
CA ILE C 430 30.17 6.33 -29.15
C ILE C 430 28.89 5.67 -29.62
N ARG C 431 27.92 5.53 -28.72
CA ARG C 431 26.64 4.92 -29.03
C ARG C 431 25.59 5.99 -29.27
N ILE C 432 24.92 5.90 -30.42
CA ILE C 432 23.89 6.86 -30.81
C ILE C 432 22.57 6.15 -31.06
N THR C 433 22.30 5.12 -30.25
CA THR C 433 21.07 4.34 -30.40
C THR C 433 19.82 5.21 -30.42
N GLU C 434 19.70 6.13 -29.46
CA GLU C 434 18.51 6.98 -29.39
C GLU C 434 18.39 7.89 -30.62
N TYR C 435 19.51 8.40 -31.12
CA TYR C 435 19.46 9.27 -32.28
C TYR C 435 18.96 8.53 -33.51
N ILE C 436 19.43 7.30 -33.72
CA ILE C 436 18.99 6.52 -34.88
C ILE C 436 17.55 6.08 -34.71
N ARG C 437 17.15 5.71 -33.49
CA ARG C 437 15.78 5.28 -33.24
C ARG C 437 14.79 6.38 -33.60
N ASN C 438 15.07 7.62 -33.21
CA ASN C 438 14.17 8.73 -33.51
C ASN C 438 14.04 8.95 -35.01
N LEU C 439 15.14 8.78 -35.76
CA LEU C 439 15.08 8.99 -37.20
C LEU C 439 14.13 8.01 -37.86
N ILE C 440 14.16 6.74 -37.45
CA ILE C 440 13.28 5.75 -38.07
C ILE C 440 11.88 5.83 -37.48
N LYS C 441 11.77 6.11 -36.18
CA LYS C 441 10.46 6.18 -35.54
C LYS C 441 9.68 7.40 -36.00
N ASP C 442 10.32 8.56 -36.03
CA ASP C 442 9.68 9.81 -36.41
C ASP C 442 10.01 10.14 -37.86
N LYS C 443 8.97 10.32 -38.68
CA LYS C 443 9.15 10.63 -40.09
C LYS C 443 9.53 12.08 -40.32
N THR C 444 9.05 13.00 -39.48
CA THR C 444 9.37 14.41 -39.66
C THR C 444 10.78 14.77 -39.20
N ALA C 445 11.48 13.87 -38.53
CA ALA C 445 12.83 14.17 -38.08
C ALA C 445 13.78 14.26 -39.27
N LYS C 446 14.81 15.08 -39.13
CA LYS C 446 15.80 15.29 -40.19
C LYS C 446 17.19 14.93 -39.67
N ASN C 447 17.99 14.31 -40.54
CA ASN C 447 19.34 13.92 -40.19
C ASN C 447 20.21 15.17 -40.12
N VAL C 448 20.63 15.53 -38.91
CA VAL C 448 21.44 16.72 -38.69
C VAL C 448 22.92 16.36 -38.78
N ASN C 449 23.75 17.38 -38.92
CA ASN C 449 25.19 17.19 -38.98
C ASN C 449 25.72 16.93 -37.58
N LEU C 450 26.70 16.05 -37.48
CA LEU C 450 27.31 15.70 -36.21
C LEU C 450 28.75 16.18 -36.18
N GLY C 451 29.17 16.68 -35.02
CA GLY C 451 30.52 17.19 -34.84
C GLY C 451 31.26 16.43 -33.76
N LEU C 452 32.49 16.04 -34.06
CA LEU C 452 33.35 15.31 -33.14
C LEU C 452 34.47 16.23 -32.69
N VAL C 453 34.65 16.35 -31.37
CA VAL C 453 35.69 17.21 -30.83
C VAL C 453 36.09 16.68 -29.46
N VAL C 454 37.37 16.93 -29.11
CA VAL C 454 37.89 16.49 -27.83
C VAL C 454 37.16 17.23 -26.70
N THR C 455 36.99 16.55 -25.58
CA THR C 455 36.32 17.14 -24.43
C THR C 455 37.12 16.90 -23.16
N GLU C 456 37.07 17.87 -22.25
CA GLU C 456 37.77 17.77 -20.97
C GLU C 456 36.89 17.12 -19.92
N SER C 457 35.63 17.54 -19.84
CA SER C 457 34.67 17.00 -18.89
C SER C 457 33.35 16.79 -19.60
N ILE C 458 32.73 15.62 -19.38
CA ILE C 458 31.47 15.32 -20.02
C ILE C 458 30.33 16.16 -19.42
N GLY C 459 30.52 16.68 -18.21
CA GLY C 459 29.47 17.49 -17.60
C GLY C 459 29.27 18.83 -18.28
N ILE C 460 30.36 19.48 -18.68
CA ILE C 460 30.29 20.78 -19.33
C ILE C 460 29.78 20.58 -20.75
N THR C 461 28.51 20.94 -20.99
CA THR C 461 27.90 20.79 -22.31
C THR C 461 27.59 22.12 -22.98
N THR C 462 28.05 23.24 -22.42
CA THR C 462 27.80 24.53 -23.01
C THR C 462 28.63 24.70 -24.28
N SER C 463 28.39 25.80 -24.99
CA SER C 463 29.10 26.08 -26.23
C SER C 463 29.62 27.51 -26.24
N ASN C 464 30.73 27.70 -26.96
CA ASN C 464 31.38 28.99 -27.11
C ASN C 464 31.31 29.39 -28.57
N PHE C 465 31.04 30.66 -28.82
CA PHE C 465 30.91 31.15 -30.18
C PHE C 465 32.26 31.49 -30.80
N LEU C 466 32.27 31.49 -32.13
CA LEU C 466 33.44 31.82 -32.93
C LEU C 466 33.33 33.28 -33.34
N GLU C 467 34.48 33.93 -33.50
CA GLU C 467 34.46 35.34 -33.89
C GLU C 467 33.79 35.52 -35.25
N ASN C 468 34.08 34.62 -36.19
CA ASN C 468 33.50 34.67 -37.52
C ASN C 468 32.97 33.28 -37.86
N ARG C 469 31.68 33.20 -38.18
CA ARG C 469 31.09 31.92 -38.52
C ARG C 469 31.62 31.41 -39.85
N ILE C 470 31.77 30.10 -39.95
CA ILE C 470 32.28 29.44 -41.15
C ILE C 470 31.11 28.85 -41.92
N VAL C 471 31.17 28.94 -43.24
CA VAL C 471 30.13 28.43 -44.12
C VAL C 471 30.54 27.04 -44.57
N LEU C 472 29.97 26.01 -43.94
CA LEU C 472 30.29 24.64 -44.32
C LEU C 472 29.78 24.32 -45.72
N GLN C 473 28.54 24.70 -46.01
CA GLN C 473 27.89 24.48 -47.29
C GLN C 473 26.96 25.67 -47.55
N PRO C 474 26.28 25.75 -48.72
CA PRO C 474 25.38 26.88 -49.01
C PRO C 474 24.57 27.43 -47.83
N ASN C 475 23.84 26.57 -47.12
CA ASN C 475 23.02 27.01 -46.00
C ASN C 475 23.38 26.27 -44.71
N GLU C 476 24.65 25.89 -44.56
CA GLU C 476 25.14 25.19 -43.38
C GLU C 476 26.27 26.02 -42.79
N TYR C 477 26.24 26.22 -41.46
CA TYR C 477 27.24 27.01 -40.78
C TYR C 477 27.84 26.28 -39.60
N PHE C 478 29.06 26.66 -39.25
CA PHE C 478 29.83 26.14 -38.12
C PHE C 478 30.10 27.39 -37.29
N SER C 479 29.17 27.70 -36.38
CA SER C 479 29.26 28.91 -35.57
C SER C 479 29.75 28.68 -34.14
N GLN C 480 29.47 27.54 -33.52
CA GLN C 480 29.87 27.32 -32.15
C GLN C 480 30.62 26.01 -31.99
N VAL C 481 31.31 25.91 -30.85
CA VAL C 481 32.07 24.72 -30.49
C VAL C 481 31.86 24.46 -29.00
N PRO C 482 31.87 23.19 -28.61
CA PRO C 482 31.65 22.88 -27.18
C PRO C 482 32.70 23.56 -26.31
N ARG C 483 32.23 24.08 -25.16
CA ARG C 483 33.12 24.76 -24.25
C ARG C 483 34.19 23.84 -23.67
N ALA C 484 33.85 22.56 -23.45
CA ALA C 484 34.83 21.63 -22.92
C ALA C 484 35.95 21.34 -23.90
N SER C 485 35.75 21.63 -25.18
CA SER C 485 36.78 21.39 -26.18
C SER C 485 37.89 22.43 -26.10
N ILE C 486 37.55 23.69 -25.83
CA ILE C 486 38.55 24.74 -25.75
C ILE C 486 39.48 24.51 -24.57
N MET C 487 38.95 23.99 -23.45
CA MET C 487 39.78 23.77 -22.28
C MET C 487 40.81 22.66 -22.49
N ASN C 488 40.48 21.65 -23.29
CA ASN C 488 41.43 20.56 -23.52
C ASN C 488 42.50 21.00 -24.50
N PRO C 489 43.78 20.93 -24.15
CA PRO C 489 44.84 21.33 -25.08
C PRO C 489 45.38 20.20 -25.94
N LEU C 490 44.93 18.98 -25.71
CA LEU C 490 45.40 17.82 -26.47
C LEU C 490 44.54 17.57 -27.69
N GLY C 491 45.03 16.68 -28.56
CA GLY C 491 44.32 16.32 -29.76
C GLY C 491 44.65 14.89 -30.14
N THR C 492 43.87 14.35 -31.07
CA THR C 492 44.09 12.98 -31.51
C THR C 492 43.84 12.87 -33.01
N ILE C 493 44.41 11.82 -33.60
CA ILE C 493 44.30 11.51 -35.01
C ILE C 493 43.49 10.23 -35.15
N LEU C 494 42.47 10.27 -36.01
CA LEU C 494 41.61 9.12 -36.22
C LEU C 494 41.44 8.82 -37.70
N TYR C 495 41.10 7.57 -37.99
CA TYR C 495 40.89 7.15 -39.36
C TYR C 495 39.56 7.69 -39.87
N GLY C 496 39.56 8.23 -41.09
CA GLY C 496 38.37 8.78 -41.68
C GLY C 496 37.48 7.74 -42.33
N GLY C 497 36.38 8.23 -42.89
CA GLY C 497 35.41 7.40 -43.56
C GLY C 497 35.54 7.29 -45.06
N LYS C 498 36.65 7.74 -45.64
CA LYS C 498 36.83 7.66 -47.09
C LYS C 498 36.84 6.20 -47.54
N ALA C 499 36.31 5.96 -48.74
CA ALA C 499 36.27 4.60 -49.28
C ALA C 499 37.67 4.03 -49.46
N SER C 500 38.69 4.88 -49.54
CA SER C 500 40.06 4.40 -49.71
C SER C 500 40.61 3.81 -48.43
N VAL C 501 40.11 4.22 -47.28
CA VAL C 501 40.60 3.69 -46.01
C VAL C 501 40.25 2.21 -45.90
N PRO C 502 41.14 1.37 -45.37
CA PRO C 502 40.82 -0.06 -45.26
C PRO C 502 39.56 -0.28 -44.44
N ASP C 503 38.79 -1.29 -44.82
CA ASP C 503 37.54 -1.59 -44.13
C ASP C 503 37.73 -1.91 -42.66
N ASP C 504 38.89 -2.45 -42.29
CA ASP C 504 39.11 -2.78 -40.88
C ASP C 504 39.33 -1.54 -40.02
N LYS C 505 39.82 -0.45 -40.62
CA LYS C 505 40.06 0.79 -39.88
C LYS C 505 39.16 1.93 -40.30
N ARG C 506 38.44 1.81 -41.41
CA ARG C 506 37.57 2.89 -41.86
C ARG C 506 36.43 3.14 -40.88
N LEU C 507 36.03 4.40 -40.81
CA LEU C 507 34.94 4.82 -39.93
C LEU C 507 33.60 4.50 -40.61
N ARG C 508 32.74 3.79 -39.91
CA ARG C 508 31.44 3.46 -40.48
C ARG C 508 30.45 3.19 -39.36
N LEU C 509 29.19 3.50 -39.63
CA LEU C 509 28.12 3.32 -38.66
C LEU C 509 27.66 1.87 -38.66
N GLU C 510 27.54 1.28 -37.47
CA GLU C 510 27.10 -0.10 -37.31
C GLU C 510 25.80 -0.08 -36.51
N VAL C 511 24.72 -0.56 -37.14
CA VAL C 511 23.41 -0.59 -36.52
C VAL C 511 22.96 -2.04 -36.38
N TYR C 512 22.50 -2.40 -35.19
CA TYR C 512 22.01 -3.74 -34.90
C TYR C 512 20.50 -3.69 -34.93
N TYR C 513 19.89 -4.39 -35.87
CA TYR C 513 18.45 -4.40 -36.04
C TYR C 513 17.82 -5.71 -35.58
N THR C 514 16.53 -5.62 -35.27
CA THR C 514 15.70 -6.74 -34.87
C THR C 514 14.69 -6.84 -36.00
N LYS C 515 15.03 -7.60 -37.02
CA LYS C 515 14.18 -7.76 -38.20
C LYS C 515 13.04 -8.74 -37.93
N PRO C 516 11.81 -8.25 -37.80
CA PRO C 516 10.68 -9.16 -37.55
C PRO C 516 10.26 -9.85 -38.84
N ASN C 517 10.07 -11.16 -38.76
CA ASN C 517 9.67 -11.94 -39.93
C ASN C 517 8.37 -12.68 -39.65
N GLN D 20 7.74 -21.78 -10.77
CA GLN D 20 6.44 -22.27 -10.34
C GLN D 20 5.87 -23.24 -11.35
N GLN D 21 6.67 -23.57 -12.36
CA GLN D 21 6.25 -24.47 -13.42
C GLN D 21 6.02 -25.88 -12.87
N GLY D 22 5.24 -26.66 -13.62
CA GLY D 22 4.92 -28.01 -13.23
C GLY D 22 5.76 -29.08 -13.88
N THR D 23 6.43 -28.71 -14.97
CA THR D 23 7.27 -29.65 -15.70
C THR D 23 8.52 -28.95 -16.20
N ALA D 24 9.54 -29.75 -16.49
CA ALA D 24 10.81 -29.24 -17.00
C ALA D 24 11.21 -29.94 -18.29
N SER D 25 10.36 -30.79 -18.82
CA SER D 25 10.63 -31.54 -20.05
C SER D 25 10.50 -30.64 -21.27
N PRO D 26 11.48 -30.64 -22.17
CA PRO D 26 11.35 -29.81 -23.38
C PRO D 26 10.23 -30.28 -24.28
N TYR D 27 9.74 -31.51 -24.11
CA TYR D 27 8.65 -32.01 -24.92
C TYR D 27 7.32 -31.33 -24.62
N SER D 28 7.24 -30.59 -23.51
CA SER D 28 6.01 -29.88 -23.18
C SER D 28 5.71 -28.76 -24.16
N PHE D 29 6.68 -28.38 -24.98
CA PHE D 29 6.47 -27.32 -25.96
C PHE D 29 5.46 -27.73 -27.01
N TYR D 30 5.51 -28.99 -27.45
CA TYR D 30 4.60 -29.49 -28.45
C TYR D 30 3.23 -29.81 -27.85
N GLY D 31 2.21 -29.78 -28.69
CA GLY D 31 0.86 -30.05 -28.25
C GLY D 31 0.40 -29.04 -27.22
N ILE D 32 -0.39 -29.51 -26.26
CA ILE D 32 -0.91 -28.65 -25.20
C ILE D 32 -0.09 -28.80 -23.93
N GLY D 33 1.05 -29.46 -23.99
CA GLY D 33 1.91 -29.66 -22.85
C GLY D 33 1.91 -31.11 -22.40
N ASP D 34 2.60 -31.34 -21.29
CA ASP D 34 2.68 -32.68 -20.71
C ASP D 34 1.44 -33.01 -19.90
N ILE D 35 0.92 -34.22 -20.08
CA ILE D 35 -0.26 -34.64 -19.35
C ILE D 35 0.14 -34.79 -17.88
N LYS D 36 -0.44 -33.96 -17.02
CA LYS D 36 -0.12 -33.99 -15.59
C LYS D 36 -0.98 -34.94 -14.80
N PHE D 37 -2.30 -34.76 -14.85
CA PHE D 37 -3.20 -35.60 -14.08
C PHE D 37 -3.30 -36.99 -14.68
N LYS D 38 -3.06 -38.00 -13.85
CA LYS D 38 -3.14 -39.40 -14.23
C LYS D 38 -3.86 -40.21 -13.16
N GLY D 39 -4.66 -39.55 -12.33
CA GLY D 39 -5.40 -40.19 -11.26
C GLY D 39 -4.87 -39.79 -9.90
N THR D 40 -5.69 -40.09 -8.89
CA THR D 40 -5.32 -39.78 -7.52
C THR D 40 -4.20 -40.71 -7.08
N LEU D 41 -3.50 -40.32 -6.00
CA LEU D 41 -2.39 -41.13 -5.53
C LEU D 41 -2.80 -42.56 -5.25
N GLU D 42 -4.02 -42.79 -4.78
CA GLU D 42 -4.46 -44.15 -4.51
C GLU D 42 -4.48 -44.97 -5.81
N TYR D 43 -4.91 -44.34 -6.90
CA TYR D 43 -4.95 -45.02 -8.18
C TYR D 43 -3.69 -44.77 -9.01
N ARG D 44 -3.04 -43.62 -8.82
CA ARG D 44 -1.81 -43.35 -9.57
C ARG D 44 -0.71 -44.33 -9.18
N SER D 45 -0.73 -44.82 -7.94
CA SER D 45 0.27 -45.78 -7.49
C SER D 45 0.02 -47.17 -8.04
N MET D 46 -1.12 -47.39 -8.70
CA MET D 46 -1.47 -48.66 -9.30
C MET D 46 -1.47 -48.56 -10.82
N ALA D 47 -0.73 -47.60 -11.37
CA ALA D 47 -0.62 -47.36 -12.81
C ALA D 47 -1.96 -46.97 -13.44
N GLY D 48 -2.82 -46.34 -12.65
CA GLY D 48 -4.12 -45.92 -13.16
C GLY D 48 -5.18 -47.00 -13.25
N VAL D 49 -4.95 -48.16 -12.63
CA VAL D 49 -5.93 -49.24 -12.67
C VAL D 49 -6.95 -48.98 -11.57
N ALA D 50 -8.18 -48.66 -11.96
CA ALA D 50 -9.27 -48.35 -11.04
C ALA D 50 -10.49 -49.21 -11.34
N VAL D 51 -10.29 -50.52 -11.44
CA VAL D 51 -11.39 -51.43 -11.75
C VAL D 51 -12.35 -51.59 -10.57
N GLU D 52 -11.83 -51.72 -9.35
CA GLU D 52 -12.70 -51.94 -8.19
C GLU D 52 -13.53 -50.71 -7.88
N GLN D 53 -14.74 -50.96 -7.38
CA GLN D 53 -15.68 -49.89 -7.01
C GLN D 53 -15.44 -49.60 -5.53
N ASP D 54 -14.52 -48.67 -5.27
CA ASP D 54 -14.15 -48.29 -3.92
C ASP D 54 -15.26 -47.49 -3.25
N SER D 55 -15.24 -47.51 -1.91
CA SER D 55 -16.22 -46.80 -1.10
C SER D 55 -15.65 -45.59 -0.38
N ILE D 56 -14.32 -45.44 -0.32
CA ILE D 56 -13.70 -44.32 0.36
C ILE D 56 -12.78 -43.51 -0.53
N HIS D 57 -12.50 -43.95 -1.76
CA HIS D 57 -11.62 -43.23 -2.66
C HIS D 57 -12.38 -42.73 -3.88
N LEU D 58 -11.89 -41.63 -4.45
CA LEU D 58 -12.49 -41.00 -5.61
C LEU D 58 -11.76 -41.39 -6.88
N ASN D 59 -12.51 -41.95 -7.84
CA ASN D 59 -11.96 -42.34 -9.14
C ASN D 59 -12.45 -41.27 -10.11
N ILE D 60 -11.69 -40.17 -10.17
CA ILE D 60 -12.04 -39.02 -11.01
C ILE D 60 -12.11 -39.39 -12.48
N GLU D 61 -11.30 -40.34 -12.93
CA GLU D 61 -11.32 -40.71 -14.34
C GLU D 61 -12.58 -41.46 -14.77
N ASN D 62 -13.34 -42.01 -13.83
CA ASN D 62 -14.57 -42.73 -14.17
C ASN D 62 -15.73 -42.12 -13.39
N PRO D 63 -16.69 -41.49 -14.06
CA PRO D 63 -17.81 -40.87 -13.32
C PRO D 63 -18.71 -41.87 -12.61
N ALA D 64 -18.75 -43.13 -13.03
CA ALA D 64 -19.61 -44.11 -12.37
C ALA D 64 -19.18 -44.38 -10.95
N SER D 65 -17.90 -44.21 -10.64
CA SER D 65 -17.41 -44.47 -9.29
C SER D 65 -18.02 -43.54 -8.25
N TYR D 66 -18.57 -42.39 -8.66
CA TYR D 66 -19.15 -41.46 -7.70
C TYR D 66 -20.33 -42.07 -6.97
N ALA D 67 -21.03 -43.01 -7.59
CA ALA D 67 -22.18 -43.64 -6.94
C ALA D 67 -21.78 -44.62 -5.85
N SER D 68 -20.58 -45.20 -5.95
CA SER D 68 -20.11 -46.17 -4.97
C SER D 68 -19.62 -45.55 -3.66
N LEU D 69 -19.49 -44.23 -3.60
CA LEU D 69 -19.03 -43.59 -2.37
C LEU D 69 -20.03 -43.78 -1.24
N MET D 70 -19.51 -44.08 -0.06
CA MET D 70 -20.34 -44.28 1.13
C MET D 70 -20.30 -43.12 2.09
N GLN D 71 -19.22 -42.33 2.07
CA GLN D 71 -19.07 -41.17 2.94
C GLN D 71 -18.48 -40.03 2.14
N THR D 72 -18.69 -38.80 2.61
CA THR D 72 -18.17 -37.63 1.94
C THR D 72 -16.64 -37.72 1.89
N THR D 73 -16.06 -37.47 0.72
CA THR D 73 -14.63 -37.56 0.54
C THR D 73 -14.05 -36.24 0.06
N PHE D 74 -12.93 -35.84 0.67
CA PHE D 74 -12.20 -34.62 0.33
C PHE D 74 -10.77 -35.05 0.06
N THR D 75 -10.30 -34.85 -1.16
CA THR D 75 -8.95 -35.26 -1.54
C THR D 75 -8.11 -34.08 -2.02
N VAL D 76 -6.82 -34.14 -1.65
CA VAL D 76 -5.83 -33.14 -2.03
C VAL D 76 -4.51 -33.88 -2.22
N GLY D 77 -3.75 -33.52 -3.25
CA GLY D 77 -2.51 -34.20 -3.51
C GLY D 77 -1.43 -33.27 -4.05
N GLY D 78 -0.18 -33.64 -3.78
CA GLY D 78 0.96 -32.87 -4.23
C GLY D 78 2.11 -33.82 -4.51
N THR D 79 3.03 -33.37 -5.35
CA THR D 79 4.17 -34.20 -5.72
C THR D 79 5.45 -33.38 -5.81
N PHE D 80 6.57 -34.07 -5.66
CA PHE D 80 7.92 -33.50 -5.75
C PHE D 80 8.65 -34.34 -6.79
N GLY D 81 8.76 -33.82 -8.00
CA GLY D 81 9.40 -34.53 -9.10
C GLY D 81 10.87 -34.15 -9.28
N THR D 82 11.67 -35.17 -9.61
CA THR D 82 13.10 -35.03 -9.86
C THR D 82 13.38 -35.69 -11.19
N SER D 83 13.94 -34.93 -12.13
CA SER D 83 14.23 -35.46 -13.46
C SER D 83 15.62 -35.05 -13.89
N THR D 84 16.23 -35.88 -14.74
CA THR D 84 17.57 -35.63 -15.28
C THR D 84 17.49 -35.70 -16.79
N LEU D 85 17.52 -34.55 -17.45
CA LEU D 85 17.47 -34.51 -18.90
C LEU D 85 18.80 -34.95 -19.49
N LYS D 86 18.76 -35.86 -20.46
CA LYS D 86 19.96 -36.37 -21.10
C LYS D 86 19.84 -36.28 -22.61
N SER D 87 20.94 -35.88 -23.25
CA SER D 87 21.00 -35.76 -24.70
C SER D 87 22.36 -36.25 -25.16
N ASN D 88 22.60 -36.18 -26.47
CA ASN D 88 23.89 -36.62 -27.00
C ASN D 88 25.00 -35.65 -26.63
N THR D 89 24.68 -34.44 -26.17
CA THR D 89 25.68 -33.46 -25.79
C THR D 89 26.04 -33.57 -24.31
N GLY D 90 25.05 -33.45 -23.44
CA GLY D 90 25.29 -33.55 -22.02
C GLY D 90 24.05 -33.95 -21.25
N SER D 91 24.10 -33.73 -19.94
CA SER D 91 22.98 -34.06 -19.07
C SER D 91 22.78 -32.93 -18.07
N ALA D 92 21.54 -32.79 -17.60
CA ALA D 92 21.18 -31.76 -16.63
C ALA D 92 20.16 -32.32 -15.66
N LYS D 93 20.11 -31.73 -14.47
CA LYS D 93 19.20 -32.15 -13.41
C LYS D 93 18.16 -31.06 -13.17
N ALA D 94 16.90 -31.47 -13.04
CA ALA D 94 15.80 -30.54 -12.80
C ALA D 94 14.84 -31.13 -11.78
N GLN D 95 14.24 -30.25 -10.97
CA GLN D 95 13.29 -30.67 -9.96
C GLN D 95 12.10 -29.74 -9.98
N ARG D 96 10.90 -30.30 -9.79
CA ARG D 96 9.67 -29.53 -9.81
C ARG D 96 8.74 -29.99 -8.70
N THR D 97 8.06 -29.04 -8.09
CA THR D 97 7.09 -29.29 -7.02
C THR D 97 5.75 -28.69 -7.43
N THR D 98 4.68 -29.46 -7.31
CA THR D 98 3.38 -28.95 -7.73
C THR D 98 2.24 -29.51 -6.90
N PHE D 99 1.09 -28.87 -7.05
CA PHE D 99 -0.17 -29.24 -6.42
C PHE D 99 -0.90 -30.07 -7.47
N ASP D 100 -1.26 -31.30 -7.12
CA ASP D 100 -1.87 -32.19 -8.10
C ASP D 100 -3.38 -32.13 -8.22
N TYR D 101 -4.15 -32.12 -7.14
CA TYR D 101 -5.60 -32.12 -7.36
C TYR D 101 -6.34 -31.68 -6.11
N LEU D 102 -7.65 -31.50 -6.30
CA LEU D 102 -8.58 -31.11 -5.24
C LEU D 102 -9.94 -31.59 -5.71
N ALA D 103 -10.49 -32.61 -5.04
CA ALA D 103 -11.79 -33.16 -5.42
C ALA D 103 -12.64 -33.40 -4.19
N VAL D 104 -13.96 -33.31 -4.38
CA VAL D 104 -14.94 -33.52 -3.31
C VAL D 104 -16.00 -34.47 -3.82
N GLY D 105 -16.32 -35.48 -3.00
CA GLY D 105 -17.34 -36.46 -3.34
C GLY D 105 -18.44 -36.44 -2.30
N ILE D 106 -19.70 -36.46 -2.74
CA ILE D 106 -20.85 -36.41 -1.84
C ILE D 106 -21.85 -37.51 -2.18
N PRO D 107 -22.12 -38.45 -1.29
CA PRO D 107 -23.12 -39.49 -1.57
C PRO D 107 -24.52 -38.94 -1.35
N VAL D 108 -25.38 -39.09 -2.35
CA VAL D 108 -26.77 -38.61 -2.28
C VAL D 108 -27.66 -39.79 -2.63
N GLY D 109 -28.09 -40.53 -1.62
CA GLY D 109 -28.95 -41.69 -1.86
C GLY D 109 -28.28 -42.67 -2.80
N LYS D 110 -29.02 -43.10 -3.81
CA LYS D 110 -28.44 -44.01 -4.80
C LYS D 110 -27.54 -43.29 -5.78
N PHE D 111 -27.53 -41.96 -5.75
CA PHE D 111 -26.71 -41.15 -6.62
C PHE D 111 -25.40 -40.77 -5.94
N GLY D 112 -24.51 -40.17 -6.72
CA GLY D 112 -23.21 -39.74 -6.23
C GLY D 112 -22.79 -38.51 -7.02
N VAL D 113 -22.37 -37.46 -6.32
CA VAL D 113 -21.96 -36.21 -6.97
C VAL D 113 -20.52 -35.89 -6.58
N SER D 114 -19.73 -35.47 -7.57
CA SER D 114 -18.35 -35.11 -7.34
C SER D 114 -17.99 -33.88 -8.15
N PHE D 115 -17.19 -33.01 -7.56
CA PHE D 115 -16.75 -31.78 -8.21
C PHE D 115 -15.33 -31.50 -7.76
N GLY D 116 -14.50 -31.01 -8.67
CA GLY D 116 -13.12 -30.73 -8.29
C GLY D 116 -12.39 -29.98 -9.38
N LEU D 117 -11.10 -29.79 -9.13
CA LEU D 117 -10.20 -29.08 -10.04
C LEU D 117 -8.95 -29.92 -10.24
N ILE D 118 -8.63 -30.22 -11.51
CA ILE D 118 -7.46 -31.04 -11.82
C ILE D 118 -6.67 -30.41 -12.97
N PRO D 119 -5.35 -30.61 -13.03
CA PRO D 119 -4.56 -30.04 -14.13
C PRO D 119 -4.52 -30.95 -15.34
N LEU D 120 -5.08 -30.49 -16.46
CA LEU D 120 -5.08 -31.31 -17.67
C LEU D 120 -3.67 -31.50 -18.21
N SER D 121 -2.94 -30.39 -18.39
CA SER D 121 -1.60 -30.43 -18.93
C SER D 121 -0.80 -29.28 -18.36
N SER D 122 0.52 -29.37 -18.52
CA SER D 122 1.42 -28.33 -18.04
C SER D 122 2.54 -28.12 -19.05
N VAL D 123 2.93 -26.87 -19.22
CA VAL D 123 4.01 -26.48 -20.12
C VAL D 123 5.12 -25.88 -19.28
N GLY D 124 6.34 -26.40 -19.46
CA GLY D 124 7.44 -25.88 -18.69
C GLY D 124 8.79 -26.36 -19.17
N TYR D 125 9.71 -25.42 -19.38
CA TYR D 125 11.06 -25.70 -19.83
C TYR D 125 11.86 -24.43 -19.71
N LYS D 126 13.13 -24.56 -19.29
CA LYS D 126 14.04 -23.43 -19.13
C LYS D 126 15.35 -23.83 -19.77
N ILE D 127 15.50 -23.52 -21.05
CA ILE D 127 16.68 -23.85 -21.82
C ILE D 127 17.47 -22.58 -22.10
N LEU D 128 18.79 -22.66 -21.91
CA LEU D 128 19.68 -21.52 -22.11
C LEU D 128 20.81 -21.91 -23.04
N ASP D 129 20.95 -21.17 -24.14
CA ASP D 129 22.01 -21.39 -25.12
C ASP D 129 23.02 -20.27 -24.90
N ASP D 130 24.01 -20.55 -24.06
CA ASP D 130 25.03 -19.56 -23.72
C ASP D 130 26.10 -19.51 -24.80
N ASN D 131 26.12 -18.41 -25.55
CA ASN D 131 27.10 -18.18 -26.60
C ASN D 131 27.92 -16.95 -26.30
N THR D 132 28.17 -16.68 -25.02
CA THR D 132 28.96 -15.53 -24.61
C THR D 132 30.44 -15.82 -24.83
N ALA D 133 31.30 -14.91 -24.34
CA ALA D 133 32.76 -15.01 -24.46
C ALA D 133 33.23 -14.86 -25.90
N THR D 134 32.30 -14.71 -26.84
CA THR D 134 32.63 -14.54 -28.25
C THR D 134 31.80 -13.38 -28.78
N GLU D 135 32.46 -12.29 -29.15
CA GLU D 135 31.77 -11.11 -29.65
C GLU D 135 30.98 -11.44 -30.91
N GLY D 136 29.76 -10.91 -30.98
CA GLY D 136 28.90 -11.13 -32.12
C GLY D 136 28.19 -12.47 -32.14
N ALA D 137 27.98 -13.08 -30.99
CA ALA D 137 27.30 -14.37 -30.90
C ALA D 137 25.97 -14.18 -30.19
N VAL D 138 24.90 -14.68 -30.80
CA VAL D 138 23.56 -14.56 -30.25
C VAL D 138 23.33 -15.63 -29.20
N SER D 139 22.82 -15.21 -28.04
CA SER D 139 22.51 -16.10 -26.93
C SER D 139 21.01 -16.13 -26.74
N SER D 140 20.44 -17.33 -26.67
CA SER D 140 19.01 -17.49 -26.51
C SER D 140 18.67 -18.06 -25.15
N GLN D 141 17.52 -17.63 -24.61
CA GLN D 141 17.02 -18.06 -23.31
C GLN D 141 15.57 -18.48 -23.51
N LEU D 142 15.36 -19.72 -23.94
CA LEU D 142 14.02 -20.23 -24.18
C LEU D 142 13.35 -20.59 -22.87
N SER D 143 12.08 -20.22 -22.74
CA SER D 143 11.32 -20.50 -21.53
C SER D 143 9.86 -20.69 -21.88
N GLY D 144 9.18 -21.49 -21.07
CA GLY D 144 7.76 -21.75 -21.28
C GLY D 144 7.08 -21.97 -19.94
N LYS D 145 5.81 -21.58 -19.89
CA LYS D 145 5.03 -21.73 -18.67
C LYS D 145 3.55 -21.76 -19.03
N GLY D 146 2.75 -22.21 -18.07
CA GLY D 146 1.32 -22.30 -18.23
C GLY D 146 0.85 -23.73 -18.39
N GLY D 147 -0.39 -23.85 -18.86
CA GLY D 147 -0.99 -25.15 -19.08
C GLY D 147 -2.50 -25.02 -19.11
N ILE D 148 -3.15 -26.17 -19.26
CA ILE D 148 -4.61 -26.26 -19.31
C ILE D 148 -5.09 -26.95 -18.04
N ASN D 149 -6.11 -26.36 -17.41
CA ASN D 149 -6.71 -26.90 -16.20
C ASN D 149 -8.13 -27.33 -16.49
N LYS D 150 -8.67 -28.20 -15.65
CA LYS D 150 -10.02 -28.70 -15.83
C LYS D 150 -10.84 -28.61 -14.57
N VAL D 151 -12.11 -28.27 -14.75
CA VAL D 151 -13.11 -28.21 -13.69
C VAL D 151 -14.13 -29.25 -14.07
N TYR D 152 -14.49 -30.12 -13.13
CA TYR D 152 -15.44 -31.18 -13.46
C TYR D 152 -16.55 -31.28 -12.44
N PHE D 153 -17.69 -31.77 -12.92
CA PHE D 153 -18.88 -32.00 -12.12
C PHE D 153 -19.50 -33.28 -12.66
N GLY D 154 -19.47 -34.35 -11.88
CA GLY D 154 -20.01 -35.62 -12.32
C GLY D 154 -21.04 -36.18 -11.37
N VAL D 155 -21.93 -36.98 -11.93
CA VAL D 155 -23.01 -37.63 -11.19
C VAL D 155 -23.01 -39.11 -11.54
N GLY D 156 -23.09 -39.96 -10.53
CA GLY D 156 -23.12 -41.40 -10.72
C GLY D 156 -24.38 -41.98 -10.11
N TYR D 157 -24.89 -43.03 -10.74
CA TYR D 157 -26.11 -43.69 -10.28
C TYR D 157 -25.89 -45.19 -10.22
N LYS D 158 -26.49 -45.82 -9.20
CA LYS D 158 -26.40 -47.26 -8.99
C LYS D 158 -27.58 -47.94 -9.66
N ILE D 159 -27.41 -48.35 -10.92
CA ILE D 159 -28.50 -49.04 -11.60
C ILE D 159 -28.76 -50.36 -10.91
N LYS D 160 -27.75 -50.91 -10.25
CA LYS D 160 -27.83 -52.16 -9.50
C LYS D 160 -26.90 -52.03 -8.31
N PRO D 161 -27.00 -52.93 -7.33
CA PRO D 161 -26.10 -52.81 -6.17
C PRO D 161 -24.63 -52.85 -6.53
N HIS D 162 -24.26 -53.60 -7.56
CA HIS D 162 -22.86 -53.71 -7.98
C HIS D 162 -22.63 -53.20 -9.39
N TRP D 163 -23.62 -52.53 -10.00
CA TRP D 163 -23.51 -51.98 -11.34
C TRP D 163 -23.80 -50.49 -11.25
N THR D 164 -22.86 -49.66 -11.68
CA THR D 164 -23.01 -48.21 -11.61
C THR D 164 -22.66 -47.57 -12.94
N ILE D 165 -23.39 -46.51 -13.27
CA ILE D 165 -23.18 -45.74 -14.49
C ILE D 165 -23.12 -44.28 -14.09
N GLY D 166 -22.47 -43.47 -14.90
CA GLY D 166 -22.36 -42.05 -14.57
C GLY D 166 -21.85 -41.24 -15.73
N ALA D 167 -22.01 -39.92 -15.59
CA ALA D 167 -21.58 -38.97 -16.60
C ALA D 167 -21.04 -37.73 -15.91
N ASP D 168 -20.23 -36.97 -16.65
CA ASP D 168 -19.66 -35.75 -16.10
C ASP D 168 -19.42 -34.75 -17.23
N VAL D 169 -19.31 -33.49 -16.83
CA VAL D 169 -19.04 -32.38 -17.73
C VAL D 169 -17.74 -31.74 -17.26
N GLN D 170 -16.83 -31.46 -18.18
CA GLN D 170 -15.55 -30.88 -17.84
C GLN D 170 -15.29 -29.63 -18.67
N TYR D 171 -14.87 -28.56 -18.01
CA TYR D 171 -14.56 -27.30 -18.68
C TYR D 171 -13.06 -27.10 -18.63
N ASN D 172 -12.43 -26.95 -19.79
CA ASN D 172 -11.00 -26.77 -19.91
C ASN D 172 -10.68 -25.29 -20.08
N PHE D 173 -9.69 -24.80 -19.34
CA PHE D 173 -9.29 -23.41 -19.41
C PHE D 173 -7.84 -23.29 -18.99
N GLY D 174 -7.13 -22.35 -19.60
CA GLY D 174 -5.74 -22.14 -19.26
C GLY D 174 -5.08 -21.22 -20.25
N LYS D 175 -3.84 -20.86 -19.93
CA LYS D 175 -3.04 -19.98 -20.76
C LYS D 175 -1.63 -20.54 -20.88
N ILE D 176 -1.13 -20.61 -22.12
CA ILE D 176 0.21 -21.12 -22.40
C ILE D 176 1.03 -19.96 -22.96
N THR D 177 2.11 -19.61 -22.28
CA THR D 177 2.97 -18.52 -22.70
C THR D 177 4.37 -19.03 -22.99
N THR D 178 4.89 -18.69 -24.17
CA THR D 178 6.23 -19.08 -24.59
C THR D 178 7.04 -17.81 -24.83
N THR D 179 8.21 -17.71 -24.19
CA THR D 179 9.06 -16.55 -24.32
C THR D 179 10.44 -16.95 -24.82
N SER D 180 10.97 -16.17 -25.75
CA SER D 180 12.29 -16.39 -26.33
C SER D 180 13.02 -15.06 -26.35
N ILE D 181 14.09 -14.95 -25.56
CA ILE D 181 14.89 -13.73 -25.47
C ILE D 181 16.26 -14.02 -26.08
N GLU D 182 16.66 -13.16 -27.02
CA GLU D 182 17.93 -13.29 -27.71
C GLU D 182 18.73 -12.01 -27.53
N GLN D 183 20.01 -12.15 -27.17
CA GLN D 183 20.89 -11.01 -26.96
C GLN D 183 22.26 -11.30 -27.54
N VAL D 184 22.76 -10.40 -28.38
CA VAL D 184 24.08 -10.60 -28.95
C VAL D 184 25.13 -10.31 -27.88
N THR D 185 26.33 -10.87 -28.06
CA THR D 185 27.39 -10.67 -27.08
C THR D 185 27.77 -9.20 -26.93
N GLY D 186 27.97 -8.51 -28.04
CA GLY D 186 28.37 -7.12 -27.99
C GLY D 186 27.33 -6.14 -27.49
N VAL D 187 26.22 -6.00 -28.21
CA VAL D 187 25.19 -5.06 -27.80
C VAL D 187 24.62 -5.43 -26.44
N GLN D 188 24.07 -4.44 -25.75
CA GLN D 188 23.49 -4.64 -24.44
C GLN D 188 21.97 -4.72 -24.48
N ASN D 189 21.35 -4.27 -25.56
CA ASN D 189 19.90 -4.30 -25.69
C ASN D 189 19.48 -5.49 -26.54
N GLY D 190 18.82 -6.45 -25.93
CA GLY D 190 18.33 -7.63 -26.62
C GLY D 190 16.84 -7.54 -26.91
N THR D 191 16.33 -8.59 -27.53
CA THR D 191 14.92 -8.68 -27.87
C THR D 191 14.28 -9.84 -27.12
N SER D 192 12.98 -9.73 -26.86
CA SER D 192 12.26 -10.77 -26.13
C SER D 192 10.89 -11.00 -26.77
N GLU D 193 10.77 -12.04 -27.59
CA GLU D 193 9.52 -12.37 -28.23
C GLU D 193 8.71 -13.28 -27.31
N SER D 194 7.43 -12.96 -27.13
CA SER D 194 6.56 -13.73 -26.25
C SER D 194 5.25 -14.06 -26.95
N ASN D 195 4.83 -15.32 -26.83
CA ASN D 195 3.58 -15.81 -27.42
C ASN D 195 2.69 -16.29 -26.28
N ALA D 196 1.45 -15.80 -26.25
CA ALA D 196 0.49 -16.19 -25.22
C ALA D 196 -0.78 -16.69 -25.89
N SER D 197 -1.26 -17.84 -25.46
CA SER D 197 -2.47 -18.45 -25.99
C SER D 197 -3.42 -18.80 -24.86
N THR D 198 -4.68 -18.36 -24.99
CA THR D 198 -5.72 -18.62 -24.01
C THR D 198 -6.66 -19.67 -24.61
N LEU D 199 -6.80 -20.80 -23.94
CA LEU D 199 -7.64 -21.89 -24.41
C LEU D 199 -8.84 -22.09 -23.49
N SER D 200 -9.98 -22.40 -24.09
CA SER D 200 -11.21 -22.63 -23.36
C SER D 200 -12.10 -23.58 -24.14
N GLY D 201 -12.68 -24.55 -23.45
CA GLY D 201 -13.56 -25.52 -24.10
C GLY D 201 -14.17 -26.43 -23.06
N ALA D 202 -15.13 -27.23 -23.52
CA ALA D 202 -15.83 -28.18 -22.65
C ALA D 202 -15.92 -29.54 -23.31
N ASN D 203 -15.95 -30.59 -22.47
CA ASN D 203 -16.04 -31.95 -22.94
C ASN D 203 -16.94 -32.74 -21.99
N PHE D 204 -17.38 -33.92 -22.45
CA PHE D 204 -18.25 -34.79 -21.68
C PHE D 204 -17.65 -36.19 -21.59
N ASP D 205 -17.86 -36.83 -20.45
CA ASP D 205 -17.35 -38.18 -20.20
C ASP D 205 -18.48 -39.08 -19.74
N LEU D 206 -18.41 -40.36 -20.14
CA LEU D 206 -19.39 -41.38 -19.79
C LEU D 206 -18.64 -42.61 -19.31
N GLY D 207 -19.18 -43.27 -18.28
CA GLY D 207 -18.54 -44.44 -17.75
C GLY D 207 -19.51 -45.40 -17.08
N THR D 208 -19.02 -46.62 -16.87
CA THR D 208 -19.79 -47.67 -16.23
C THR D 208 -18.84 -48.64 -15.55
N MET D 209 -19.29 -49.23 -14.44
CA MET D 209 -18.48 -50.18 -13.69
C MET D 209 -19.36 -51.34 -13.26
N TYR D 210 -18.92 -52.56 -13.58
CA TYR D 210 -19.65 -53.77 -13.23
C TYR D 210 -18.72 -54.70 -12.46
N GLN D 211 -19.22 -55.26 -11.36
CA GLN D 211 -18.46 -56.16 -10.51
C GLN D 211 -19.26 -57.42 -10.27
N THR D 212 -18.62 -58.58 -10.47
CA THR D 212 -19.28 -59.87 -10.28
C THR D 212 -18.48 -60.73 -9.31
N LYS D 213 -18.86 -61.99 -9.17
CA LYS D 213 -18.19 -62.94 -8.28
C LYS D 213 -17.99 -64.21 -9.08
N ILE D 214 -16.78 -64.39 -9.62
CA ILE D 214 -16.48 -65.56 -10.44
C ILE D 214 -16.33 -66.81 -9.58
N TYR D 215 -15.44 -66.76 -8.59
CA TYR D 215 -15.17 -67.89 -7.71
C TYR D 215 -15.51 -67.48 -6.27
N LYS D 216 -15.20 -68.37 -5.33
CA LYS D 216 -15.50 -68.11 -3.92
C LYS D 216 -14.58 -67.00 -3.40
N LYS D 217 -15.19 -65.93 -2.90
CA LYS D 217 -14.50 -64.77 -2.34
C LYS D 217 -13.71 -63.99 -3.39
N VAL D 218 -13.66 -64.49 -4.62
CA VAL D 218 -12.93 -63.83 -5.71
C VAL D 218 -13.95 -63.15 -6.60
N ASN D 219 -13.69 -61.88 -6.93
CA ASN D 219 -14.58 -61.09 -7.75
C ASN D 219 -13.90 -60.64 -9.03
N LEU D 220 -14.72 -60.41 -10.06
CA LEU D 220 -14.26 -59.96 -11.37
C LEU D 220 -14.71 -58.52 -11.52
N PHE D 221 -13.75 -57.60 -11.60
CA PHE D 221 -14.04 -56.18 -11.73
C PHE D 221 -13.88 -55.74 -13.18
N THR D 222 -14.82 -54.94 -13.65
CA THR D 222 -14.83 -54.43 -15.01
C THR D 222 -15.22 -52.95 -14.99
N SER D 223 -14.55 -52.16 -15.82
CA SER D 223 -14.84 -50.74 -15.90
C SER D 223 -14.58 -50.23 -17.31
N LEU D 224 -15.52 -49.42 -17.82
CA LEU D 224 -15.43 -48.84 -19.15
C LEU D 224 -15.74 -47.36 -19.05
N SER D 225 -14.91 -46.53 -19.68
CA SER D 225 -15.10 -45.09 -19.66
C SER D 225 -14.85 -44.54 -21.06
N TYR D 226 -15.62 -43.53 -21.44
CA TYR D 226 -15.47 -42.91 -22.75
C TYR D 226 -15.54 -41.39 -22.62
N THR D 227 -14.60 -40.72 -23.26
CA THR D 227 -14.51 -39.26 -23.26
C THR D 227 -14.77 -38.78 -24.68
N PHE D 228 -15.69 -37.83 -24.84
CA PHE D 228 -16.02 -37.32 -26.16
C PHE D 228 -14.99 -36.30 -26.62
N SER D 229 -14.91 -36.13 -27.94
CA SER D 229 -13.99 -35.15 -28.51
C SER D 229 -14.51 -33.76 -28.21
N SER D 230 -13.58 -32.84 -27.94
CA SER D 230 -13.93 -31.46 -27.61
C SER D 230 -13.15 -30.49 -28.48
N ASN D 231 -13.72 -29.31 -28.65
CA ASN D 231 -13.11 -28.24 -29.43
C ASN D 231 -12.56 -27.20 -28.47
N LEU D 232 -11.30 -26.84 -28.65
CA LEU D 232 -10.64 -25.84 -27.82
C LEU D 232 -10.40 -24.58 -28.63
N ASN D 233 -10.82 -23.45 -28.09
CA ASN D 233 -10.65 -22.15 -28.73
C ASN D 233 -9.41 -21.50 -28.15
N SER D 234 -8.48 -21.12 -29.02
CA SER D 234 -7.23 -20.49 -28.59
C SER D 234 -7.10 -19.09 -29.16
N GLU D 235 -6.89 -18.12 -28.27
CA GLU D 235 -6.69 -16.72 -28.65
C GLU D 235 -5.21 -16.44 -28.48
N ASN D 236 -4.52 -16.23 -29.59
CA ASN D 236 -3.08 -15.98 -29.59
C ASN D 236 -2.74 -14.51 -29.68
N VAL D 237 -1.66 -14.14 -29.00
CA VAL D 237 -1.13 -12.78 -28.98
C VAL D 237 0.38 -12.88 -28.97
N ARG D 238 1.02 -12.42 -30.06
CA ARG D 238 2.46 -12.46 -30.20
C ARG D 238 2.99 -11.03 -30.27
N GLU D 239 3.93 -10.70 -29.38
CA GLU D 239 4.52 -9.38 -29.35
C GLU D 239 6.04 -9.50 -29.24
N ILE D 240 6.75 -8.61 -29.93
CA ILE D 240 8.20 -8.59 -29.93
C ILE D 240 8.65 -7.30 -29.24
N ASN D 241 9.47 -7.44 -28.22
CA ASN D 241 9.99 -6.32 -27.45
C ASN D 241 11.50 -6.29 -27.54
N VAL D 242 12.06 -5.09 -27.58
CA VAL D 242 13.51 -4.89 -27.63
C VAL D 242 13.88 -4.01 -26.45
N SER D 243 14.95 -4.36 -25.76
CA SER D 243 15.39 -3.60 -24.60
C SER D 243 15.69 -2.16 -25.00
N GLY D 244 15.18 -1.22 -24.22
CA GLY D 244 15.37 0.20 -24.46
C GLY D 244 14.26 0.86 -25.24
N ASP D 245 13.72 0.16 -26.23
CA ASP D 245 12.65 0.71 -27.04
C ASP D 245 11.35 0.67 -26.25
N PRO D 246 10.66 1.80 -26.07
CA PRO D 246 9.40 1.80 -25.30
C PRO D 246 8.18 1.39 -26.09
N ASP D 247 8.29 1.25 -27.42
CA ASP D 247 7.15 0.88 -28.24
C ASP D 247 7.31 -0.55 -28.74
N PRO D 248 6.44 -1.48 -28.32
CA PRO D 248 6.57 -2.86 -28.78
C PRO D 248 5.89 -3.11 -30.11
N TYR D 249 6.40 -4.11 -30.82
CA TYR D 249 5.85 -4.50 -32.11
C TYR D 249 4.92 -5.68 -31.85
N ALA D 250 3.62 -5.45 -32.03
CA ALA D 250 2.61 -6.48 -31.80
C ALA D 250 1.97 -6.93 -33.09
N TYR D 251 1.81 -8.24 -33.22
CA TYR D 251 1.19 -8.85 -34.38
C TYR D 251 -0.34 -8.84 -34.23
N PRO D 252 -1.07 -8.92 -35.34
CA PRO D 252 -2.54 -8.94 -35.22
C PRO D 252 -3.00 -10.17 -34.46
N ALA D 253 -4.04 -10.01 -33.65
CA ALA D 253 -4.56 -11.11 -32.87
C ALA D 253 -5.13 -12.19 -33.79
N SER D 254 -4.95 -13.45 -33.38
CA SER D 254 -5.42 -14.59 -34.14
C SER D 254 -6.16 -15.55 -33.23
N THR D 255 -7.03 -16.34 -33.83
CA THR D 255 -7.82 -17.33 -33.11
C THR D 255 -7.72 -18.66 -33.84
N THR D 256 -7.20 -19.68 -33.16
CA THR D 256 -7.04 -21.00 -33.73
C THR D 256 -7.91 -21.99 -32.96
N LYS D 257 -8.36 -23.04 -33.65
CA LYS D 257 -9.21 -24.06 -33.07
C LYS D 257 -8.45 -25.37 -32.92
N LEU D 258 -8.50 -25.93 -31.72
CA LEU D 258 -7.85 -27.19 -31.41
C LEU D 258 -8.93 -28.23 -31.14
N LYS D 259 -8.60 -29.50 -31.38
CA LYS D 259 -9.55 -30.59 -31.18
C LYS D 259 -8.96 -31.62 -30.23
N LEU D 260 -9.56 -31.75 -29.05
CA LEU D 260 -9.09 -32.73 -28.08
C LEU D 260 -9.60 -34.11 -28.50
N PRO D 261 -8.73 -35.11 -28.62
CA PRO D 261 -9.18 -36.44 -29.04
C PRO D 261 -10.01 -37.14 -27.98
N SER D 262 -10.79 -38.11 -28.44
CA SER D 262 -11.63 -38.92 -27.57
C SER D 262 -10.81 -40.01 -26.92
N ARG D 263 -11.21 -40.42 -25.72
CA ARG D 263 -10.50 -41.46 -24.99
C ARG D 263 -11.44 -42.58 -24.57
N VAL D 264 -10.96 -43.82 -24.68
CA VAL D 264 -11.71 -45.01 -24.29
C VAL D 264 -10.81 -45.79 -23.36
N ILE D 265 -11.24 -45.93 -22.10
CA ILE D 265 -10.47 -46.65 -21.08
C ILE D 265 -11.21 -47.92 -20.73
N ILE D 266 -10.54 -49.05 -20.89
CA ILE D 266 -11.10 -50.36 -20.60
C ILE D 266 -10.26 -51.00 -19.50
N GLY D 267 -10.92 -51.46 -18.45
CA GLY D 267 -10.21 -52.07 -17.33
C GLY D 267 -10.89 -53.34 -16.88
N ALA D 268 -10.08 -54.29 -16.43
CA ALA D 268 -10.58 -55.57 -15.94
C ALA D 268 -9.57 -56.12 -14.94
N GLY D 269 -10.07 -56.76 -13.89
CA GLY D 269 -9.20 -57.32 -12.88
C GLY D 269 -9.92 -58.33 -12.02
N ILE D 270 -9.12 -59.11 -11.28
CA ILE D 270 -9.63 -60.14 -10.39
C ILE D 270 -8.99 -59.96 -9.02
N GLY D 271 -9.75 -60.24 -7.97
CA GLY D 271 -9.22 -60.10 -6.63
C GLY D 271 -10.32 -60.15 -5.60
N GLU D 272 -9.90 -60.24 -4.36
CA GLU D 272 -10.81 -60.28 -3.22
C GLU D 272 -10.79 -58.91 -2.54
N SER D 273 -11.97 -58.34 -2.34
CA SER D 273 -12.06 -57.02 -1.72
C SER D 273 -11.41 -57.04 -0.35
N ARG D 274 -10.59 -56.03 -0.08
CA ARG D 274 -9.84 -55.79 1.15
C ARG D 274 -8.71 -56.80 1.35
N LYS D 275 -8.47 -57.71 0.40
CA LYS D 275 -7.39 -58.68 0.54
C LYS D 275 -6.32 -58.49 -0.52
N TRP D 276 -6.68 -58.56 -1.80
CA TRP D 276 -5.73 -58.38 -2.89
C TRP D 276 -6.49 -58.06 -4.16
N LEU D 277 -5.79 -57.49 -5.13
CA LEU D 277 -6.39 -57.13 -6.40
C LEU D 277 -5.30 -57.05 -7.47
N VAL D 278 -5.61 -57.58 -8.65
CA VAL D 278 -4.71 -57.56 -9.80
C VAL D 278 -5.54 -57.16 -11.01
N GLY D 279 -5.14 -56.11 -11.71
CA GLY D 279 -5.89 -55.68 -12.87
C GLY D 279 -5.02 -55.07 -13.95
N THR D 280 -5.64 -54.87 -15.11
CA THR D 280 -5.00 -54.31 -16.28
C THR D 280 -5.94 -53.29 -16.90
N THR D 281 -5.36 -52.23 -17.48
CA THR D 281 -6.15 -51.18 -18.11
C THR D 281 -5.58 -50.84 -19.47
N LEU D 282 -6.46 -50.54 -20.43
CA LEU D 282 -6.07 -50.18 -21.77
C LEU D 282 -6.75 -48.86 -22.12
N ALA D 283 -5.97 -47.85 -22.44
CA ALA D 283 -6.48 -46.53 -22.78
C ALA D 283 -6.06 -46.17 -24.20
N PHE D 284 -7.02 -45.75 -25.02
CA PHE D 284 -6.78 -45.37 -26.40
C PHE D 284 -7.39 -44.01 -26.66
N GLN D 285 -6.71 -43.21 -27.48
CA GLN D 285 -7.17 -41.88 -27.84
C GLN D 285 -7.39 -41.82 -29.35
N GLY D 286 -8.36 -41.00 -29.75
CA GLY D 286 -8.70 -40.82 -31.14
C GLY D 286 -7.83 -39.81 -31.85
N GLU D 287 -8.40 -39.15 -32.85
CA GLU D 287 -7.70 -38.14 -33.62
C GLU D 287 -7.89 -36.76 -32.99
N GLY D 288 -6.79 -36.03 -32.84
CA GLY D 288 -6.84 -34.70 -32.27
C GLY D 288 -5.97 -33.73 -33.05
N GLN D 289 -6.14 -32.45 -32.73
CA GLN D 289 -5.39 -31.36 -33.37
C GLN D 289 -4.84 -30.48 -32.25
N LEU D 290 -3.63 -30.80 -31.80
CA LEU D 290 -2.97 -30.06 -30.73
C LEU D 290 -1.88 -29.14 -31.23
N THR D 291 -1.81 -28.90 -32.53
CA THR D 291 -0.79 -28.04 -33.12
C THR D 291 -1.31 -26.61 -33.20
N ASN D 292 -0.68 -25.71 -32.45
CA ASN D 292 -1.05 -24.30 -32.45
C ASN D 292 -0.18 -23.57 -33.46
N TYR D 293 -0.22 -22.25 -33.43
CA TYR D 293 0.57 -21.45 -34.37
C TYR D 293 2.04 -21.38 -33.98
N TYR D 294 2.34 -21.43 -32.68
CA TYR D 294 3.73 -21.32 -32.23
C TYR D 294 4.47 -22.65 -32.22
N ASN D 295 3.78 -23.77 -32.04
CA ASN D 295 4.43 -25.07 -31.97
C ASN D 295 4.38 -25.85 -33.27
N ALA D 296 4.21 -25.17 -34.40
CA ALA D 296 4.15 -25.85 -35.69
C ALA D 296 5.57 -26.15 -36.16
N MET D 297 5.86 -27.43 -36.37
CA MET D 297 7.17 -27.87 -36.82
C MET D 297 7.00 -28.94 -37.89
N ASP D 298 8.06 -29.14 -38.68
CA ASP D 298 8.03 -30.14 -39.73
C ASP D 298 8.61 -31.48 -39.32
N ASN D 299 9.52 -31.50 -38.36
CA ASN D 299 10.11 -32.74 -37.89
C ASN D 299 9.28 -33.44 -36.82
N VAL D 300 8.21 -32.80 -36.34
CA VAL D 300 7.35 -33.34 -35.31
C VAL D 300 5.98 -33.64 -35.89
N ARG D 301 5.48 -34.84 -35.65
CA ARG D 301 4.17 -35.28 -36.10
C ARG D 301 3.38 -35.75 -34.89
N TYR D 302 2.18 -36.26 -35.13
CA TYR D 302 1.31 -36.75 -34.07
C TYR D 302 0.71 -38.09 -34.45
N GLU D 303 0.44 -38.90 -33.44
CA GLU D 303 -0.16 -40.22 -33.60
C GLU D 303 -1.17 -40.40 -32.47
N ASN D 304 -1.80 -41.57 -32.42
CA ASN D 304 -2.79 -41.84 -31.40
C ASN D 304 -2.14 -42.31 -30.10
N TYR D 305 -2.60 -41.75 -28.99
CA TYR D 305 -2.09 -42.11 -27.67
C TYR D 305 -2.62 -43.48 -27.25
N ALA D 306 -1.75 -44.28 -26.64
CA ALA D 306 -2.12 -45.60 -26.18
C ALA D 306 -1.33 -45.93 -24.92
N LYS D 307 -2.04 -46.36 -23.88
CA LYS D 307 -1.42 -46.69 -22.61
C LYS D 307 -1.80 -48.11 -22.20
N TYR D 308 -0.79 -48.86 -21.73
CA TYR D 308 -0.96 -50.23 -21.26
C TYR D 308 -0.40 -50.26 -19.85
N ALA D 309 -1.23 -50.63 -18.88
CA ALA D 309 -0.78 -50.66 -17.50
C ALA D 309 -1.32 -51.87 -16.77
N ILE D 310 -0.52 -52.36 -15.81
CA ILE D 310 -0.84 -53.50 -14.98
C ILE D 310 -0.53 -53.12 -13.54
N GLY D 311 -1.51 -53.24 -12.66
CA GLY D 311 -1.29 -52.88 -11.27
C GLY D 311 -2.27 -53.55 -10.35
N GLY D 312 -2.03 -53.37 -9.06
CA GLY D 312 -2.90 -53.94 -8.05
C GLY D 312 -2.44 -53.55 -6.67
N TYR D 313 -3.12 -54.10 -5.66
CA TYR D 313 -2.79 -53.82 -4.27
C TYR D 313 -2.85 -55.10 -3.46
N TYR D 314 -2.27 -55.02 -2.26
CA TYR D 314 -2.25 -56.16 -1.34
C TYR D 314 -2.29 -55.66 0.08
N ILE D 315 -3.28 -56.13 0.84
CA ILE D 315 -3.46 -55.80 2.25
C ILE D 315 -3.27 -57.09 3.05
N PRO D 316 -2.18 -57.21 3.83
CA PRO D 316 -1.96 -58.45 4.58
C PRO D 316 -3.16 -58.88 5.42
N ASN D 317 -3.62 -58.00 6.31
CA ASN D 317 -4.77 -58.29 7.16
C ASN D 317 -5.37 -56.94 7.56
N TYR D 318 -6.46 -56.56 6.91
CA TYR D 318 -7.08 -55.27 7.22
C TYR D 318 -7.62 -55.24 8.64
N THR D 319 -8.23 -56.33 9.09
CA THR D 319 -8.77 -56.41 10.44
C THR D 319 -7.74 -57.11 11.33
N SER D 320 -6.69 -56.36 11.66
CA SER D 320 -5.60 -56.86 12.49
C SER D 320 -5.43 -55.97 13.71
N PHE D 321 -5.33 -56.59 14.88
CA PHE D 321 -5.14 -55.86 16.13
C PHE D 321 -3.72 -55.97 16.69
N THR D 322 -2.92 -56.89 16.17
CA THR D 322 -1.56 -57.06 16.67
C THR D 322 -0.57 -56.12 16.01
N SER D 323 -0.48 -56.17 14.67
CA SER D 323 0.44 -55.33 13.93
C SER D 323 -0.31 -54.35 13.04
N TYR D 324 0.16 -53.10 13.03
CA TYR D 324 -0.46 -52.06 12.23
C TYR D 324 0.04 -52.08 10.78
N LEU D 325 1.22 -52.63 10.54
CA LEU D 325 1.73 -52.69 9.18
C LEU D 325 0.89 -53.58 8.28
N SER D 326 0.11 -54.49 8.86
CA SER D 326 -0.74 -55.37 8.06
C SER D 326 -1.99 -54.67 7.56
N ARG D 327 -2.35 -53.53 8.15
CA ARG D 327 -3.52 -52.78 7.74
C ARG D 327 -3.23 -51.76 6.65
N ILE D 328 -1.97 -51.59 6.27
CA ILE D 328 -1.59 -50.63 5.24
C ILE D 328 -1.77 -51.27 3.87
N THR D 329 -2.39 -50.53 2.96
CA THR D 329 -2.63 -51.01 1.61
C THR D 329 -1.37 -50.78 0.78
N TYR D 330 -0.77 -51.87 0.30
CA TYR D 330 0.44 -51.79 -0.52
C TYR D 330 0.05 -51.86 -1.99
N ARG D 331 0.45 -50.85 -2.76
CA ARG D 331 0.12 -50.77 -4.17
C ARG D 331 1.38 -50.79 -5.02
N ALA D 332 1.22 -51.27 -6.26
CA ALA D 332 2.31 -51.35 -7.21
C ALA D 332 1.71 -51.35 -8.61
N GLY D 333 2.53 -50.99 -9.60
CA GLY D 333 2.05 -50.96 -10.95
C GLY D 333 3.15 -50.73 -11.95
N LEU D 334 2.87 -51.12 -13.19
CA LEU D 334 3.77 -50.98 -14.32
C LEU D 334 3.01 -50.26 -15.43
N LYS D 335 3.71 -49.45 -16.21
CA LYS D 335 3.01 -48.69 -17.24
C LYS D 335 3.88 -48.47 -18.47
N TYR D 336 3.24 -48.54 -19.64
CA TYR D 336 3.87 -48.32 -20.93
C TYR D 336 2.94 -47.38 -21.69
N GLU D 337 3.41 -46.16 -21.97
CA GLU D 337 2.59 -45.17 -22.66
C GLU D 337 3.24 -44.69 -23.95
N LYS D 338 2.39 -44.51 -24.97
CA LYS D 338 2.78 -43.97 -26.26
C LYS D 338 2.19 -42.57 -26.24
N ILE D 339 3.02 -41.57 -25.97
CA ILE D 339 2.55 -40.19 -25.86
C ILE D 339 1.78 -39.74 -27.08
N GLY D 340 2.16 -40.19 -28.27
CA GLY D 340 1.45 -39.82 -29.46
C GLY D 340 2.14 -38.83 -30.38
N LEU D 341 3.37 -38.42 -30.05
CA LEU D 341 4.11 -37.47 -30.88
C LEU D 341 5.33 -38.18 -31.43
N ILE D 342 5.60 -37.98 -32.71
CA ILE D 342 6.74 -38.58 -33.40
C ILE D 342 7.69 -37.47 -33.77
N VAL D 343 8.79 -37.35 -33.03
CA VAL D 343 9.80 -36.33 -33.25
C VAL D 343 10.98 -36.99 -33.95
N ASN D 344 11.42 -36.40 -35.06
CA ASN D 344 12.54 -36.93 -35.85
C ASN D 344 12.30 -38.38 -36.24
N ASN D 345 11.04 -38.69 -36.59
CA ASN D 345 10.59 -40.02 -36.99
C ASN D 345 10.75 -41.06 -35.87
N GLU D 346 10.79 -40.62 -34.62
CA GLU D 346 10.92 -41.52 -33.47
C GLU D 346 9.73 -41.31 -32.56
N SER D 347 8.98 -42.38 -32.31
CA SER D 347 7.82 -42.28 -31.43
C SER D 347 8.29 -42.14 -29.99
N ILE D 348 7.76 -41.12 -29.29
CA ILE D 348 8.14 -40.87 -27.90
C ILE D 348 7.24 -41.72 -27.01
N LYS D 349 7.85 -42.59 -26.22
CA LYS D 349 7.13 -43.47 -25.32
C LYS D 349 7.66 -43.29 -23.90
N ASP D 350 6.78 -43.53 -22.93
CA ASP D 350 7.12 -43.41 -21.52
C ASP D 350 6.88 -44.75 -20.84
N VAL D 351 7.90 -45.25 -20.13
CA VAL D 351 7.84 -46.51 -19.42
C VAL D 351 8.21 -46.24 -17.97
N GLY D 352 7.39 -46.74 -17.04
CA GLY D 352 7.70 -46.51 -15.64
C GLY D 352 7.02 -47.50 -14.73
N MET D 353 7.49 -47.50 -13.49
CA MET D 353 6.97 -48.36 -12.44
C MET D 353 6.56 -47.48 -11.26
N THR D 354 5.50 -47.89 -10.57
CA THR D 354 5.00 -47.12 -9.45
C THR D 354 4.77 -48.01 -8.23
N LEU D 355 5.06 -47.48 -7.05
CA LEU D 355 4.89 -48.16 -5.78
C LEU D 355 4.22 -47.18 -4.82
N GLY D 356 3.42 -47.72 -3.90
CA GLY D 356 2.76 -46.84 -2.96
C GLY D 356 2.27 -47.58 -1.75
N ALA D 357 1.71 -46.81 -0.80
CA ALA D 357 1.19 -47.37 0.43
C ALA D 357 0.13 -46.44 1.00
N GLY D 358 -0.99 -47.00 1.42
CA GLY D 358 -2.07 -46.22 2.00
C GLY D 358 -2.17 -46.48 3.49
N ILE D 359 -1.80 -45.49 4.30
CA ILE D 359 -1.83 -45.62 5.75
C ILE D 359 -3.17 -45.10 6.25
N PRO D 360 -3.99 -45.92 6.89
CA PRO D 360 -5.29 -45.43 7.39
C PRO D 360 -5.18 -44.81 8.76
N ILE D 361 -5.72 -43.61 8.93
CA ILE D 361 -5.66 -42.96 10.25
C ILE D 361 -6.51 -43.77 11.23
N PRO D 362 -5.98 -44.14 12.39
CA PRO D 362 -6.78 -44.93 13.33
C PRO D 362 -8.06 -44.23 13.74
N GLY D 363 -9.15 -44.99 13.78
CA GLY D 363 -10.45 -44.49 14.15
C GLY D 363 -11.25 -43.83 13.06
N TYR D 364 -10.70 -43.71 11.84
CA TYR D 364 -11.42 -43.08 10.76
C TYR D 364 -11.07 -43.77 9.45
N PHE D 365 -11.91 -43.54 8.43
CA PHE D 365 -11.67 -44.09 7.11
C PHE D 365 -10.66 -43.25 6.34
N SER D 366 -10.38 -42.03 6.82
CA SER D 366 -9.42 -41.17 6.16
C SER D 366 -8.04 -41.81 6.19
N ASN D 367 -7.25 -41.56 5.14
CA ASN D 367 -5.93 -42.15 5.06
C ASN D 367 -4.96 -41.20 4.38
N VAL D 368 -3.67 -41.51 4.54
CA VAL D 368 -2.58 -40.76 3.96
C VAL D 368 -1.90 -41.68 2.96
N ASN D 369 -1.82 -41.23 1.70
CA ASN D 369 -1.21 -42.03 0.65
C ASN D 369 0.18 -41.51 0.31
N ILE D 370 1.12 -42.43 0.14
CA ILE D 370 2.50 -42.14 -0.20
C ILE D 370 2.87 -43.00 -1.39
N GLY D 371 3.52 -42.41 -2.39
CA GLY D 371 3.91 -43.15 -3.57
C GLY D 371 5.17 -42.63 -4.19
N ILE D 372 5.91 -43.52 -4.85
CA ILE D 372 7.15 -43.21 -5.54
C ILE D 372 7.06 -43.78 -6.95
N GLU D 373 7.23 -42.92 -7.94
CA GLU D 373 7.16 -43.33 -9.34
C GLU D 373 8.47 -43.00 -10.04
N PHE D 374 9.00 -43.95 -10.80
CA PHE D 374 10.24 -43.77 -11.52
C PHE D 374 10.09 -44.36 -12.92
N GLY D 375 10.66 -43.70 -13.90
CA GLY D 375 10.57 -44.18 -15.26
C GLY D 375 11.46 -43.40 -16.19
N LYS D 376 11.32 -43.69 -17.48
CA LYS D 376 12.10 -43.06 -18.53
C LYS D 376 11.18 -42.64 -19.67
N LYS D 377 11.32 -41.39 -20.11
CA LYS D 377 10.54 -40.85 -21.21
C LYS D 377 11.48 -40.35 -22.29
N GLY D 378 11.14 -40.63 -23.54
CA GLY D 378 11.96 -40.20 -24.65
C GLY D 378 13.20 -41.08 -24.81
N THR D 379 14.01 -40.72 -25.80
CA THR D 379 15.24 -41.44 -26.09
C THR D 379 16.31 -40.46 -26.53
N VAL D 380 17.57 -40.88 -26.42
CA VAL D 380 18.69 -40.03 -26.83
C VAL D 380 19.02 -40.21 -28.31
N SER D 381 18.41 -41.18 -28.98
CA SER D 381 18.67 -41.42 -30.38
C SER D 381 18.02 -40.33 -31.23
N SER D 382 18.56 -40.14 -32.44
CA SER D 382 18.07 -39.15 -33.40
C SER D 382 18.13 -37.74 -32.82
N ASN D 383 19.12 -37.46 -31.98
CA ASN D 383 19.33 -36.16 -31.34
C ASN D 383 18.19 -35.74 -30.44
N LEU D 384 17.42 -36.69 -29.92
CA LEU D 384 16.29 -36.36 -29.05
C LEU D 384 16.79 -36.25 -27.61
N VAL D 385 15.86 -36.10 -26.67
CA VAL D 385 16.18 -35.95 -25.26
C VAL D 385 15.49 -37.06 -24.47
N GLN D 386 16.23 -37.67 -23.55
CA GLN D 386 15.72 -38.73 -22.69
C GLN D 386 15.58 -38.17 -21.28
N GLU D 387 14.46 -38.46 -20.63
CA GLU D 387 14.20 -37.95 -19.28
C GLU D 387 14.00 -39.10 -18.31
N ASN D 388 14.79 -39.11 -17.24
CA ASN D 388 14.70 -40.10 -16.17
C ASN D 388 14.11 -39.37 -14.98
N TYR D 389 12.98 -39.84 -14.50
CA TYR D 389 12.31 -39.17 -13.39
C TYR D 389 12.05 -40.10 -12.22
N VAL D 390 12.04 -39.50 -11.03
CA VAL D 390 11.76 -40.19 -9.77
C VAL D 390 10.87 -39.20 -9.02
N ASN D 391 9.57 -39.47 -9.01
CA ASN D 391 8.60 -38.58 -8.37
C ASN D 391 8.08 -39.15 -7.06
N PHE D 392 8.05 -38.32 -6.03
CA PHE D 392 7.55 -38.66 -4.73
C PHE D 392 6.26 -37.89 -4.51
N SER D 393 5.17 -38.59 -4.25
CA SER D 393 3.88 -37.94 -4.07
C SER D 393 3.25 -38.29 -2.74
N VAL D 394 2.40 -37.39 -2.26
CA VAL D 394 1.67 -37.54 -1.02
C VAL D 394 0.24 -37.12 -1.27
N GLY D 395 -0.71 -37.91 -0.76
CA GLY D 395 -2.11 -37.61 -0.94
C GLY D 395 -2.88 -37.79 0.35
N PHE D 396 -3.90 -36.96 0.52
CA PHE D 396 -4.74 -36.99 1.71
C PHE D 396 -6.18 -37.25 1.29
N SER D 397 -6.76 -38.33 1.83
CA SER D 397 -8.15 -38.70 1.55
C SER D 397 -8.89 -38.62 2.86
N PHE D 398 -9.82 -37.68 2.97
CA PHE D 398 -10.60 -37.48 4.18
C PHE D 398 -12.02 -37.96 3.95
N ASN D 399 -12.53 -38.77 4.89
CA ASN D 399 -13.87 -39.32 4.79
C ASN D 399 -14.66 -39.03 6.07
N ASP D 400 -15.91 -38.62 5.90
CA ASP D 400 -16.81 -38.31 6.99
C ASP D 400 -18.24 -38.56 6.52
N LYS D 401 -19.08 -39.02 7.43
CA LYS D 401 -20.47 -39.30 7.10
C LYS D 401 -21.33 -38.09 7.44
N TRP D 402 -22.09 -37.61 6.46
CA TRP D 402 -22.96 -36.45 6.59
C TRP D 402 -24.41 -36.86 6.37
N PHE D 403 -25.28 -35.85 6.37
CA PHE D 403 -26.72 -35.97 6.12
C PHE D 403 -27.40 -36.94 7.07
N VAL D 404 -26.83 -37.18 8.24
CA VAL D 404 -27.44 -38.08 9.22
C VAL D 404 -28.54 -37.32 9.96
N LYS D 405 -29.77 -37.82 9.87
CA LYS D 405 -30.88 -37.18 10.55
C LYS D 405 -30.89 -37.56 12.02
N SER D 406 -31.28 -36.61 12.87
CA SER D 406 -31.33 -36.80 14.30
C SER D 406 -32.78 -36.96 14.73
N LYS D 407 -33.14 -38.17 15.15
CA LYS D 407 -34.49 -38.47 15.60
C LYS D 407 -34.65 -38.00 17.05
N PHE D 408 -35.71 -38.46 17.72
CA PHE D 408 -36.00 -38.08 19.11
C PHE D 408 -36.34 -36.59 19.19
N ASN D 409 -37.25 -36.16 18.32
CA ASN D 409 -37.67 -34.75 18.26
C ASN D 409 -38.11 -34.21 19.62
N CYS E 20 10.92 34.93 24.72
CA CYS E 20 10.87 33.53 25.12
C CYS E 20 10.49 32.62 23.95
N ASN E 21 9.66 31.63 24.23
CA ASN E 21 9.23 30.69 23.19
C ASN E 21 8.16 31.29 22.28
N LYS E 22 7.34 32.20 22.79
CA LYS E 22 6.29 32.81 21.98
C LYS E 22 6.90 33.73 20.92
N LYS E 23 6.16 33.89 19.82
CA LYS E 23 6.57 34.73 18.70
C LYS E 23 5.43 35.72 18.41
N ASP E 24 5.58 36.94 18.91
CA ASP E 24 4.57 37.97 18.71
C ASP E 24 4.76 38.70 17.38
N ASP E 25 3.65 39.11 16.80
CA ASP E 25 3.63 39.84 15.53
C ASP E 25 3.05 41.22 15.81
N ASP E 26 3.90 42.15 16.23
CA ASP E 26 3.50 43.52 16.55
C ASP E 26 4.23 44.44 15.58
N GLU E 27 3.57 44.76 14.48
CA GLU E 27 4.13 45.64 13.45
C GLU E 27 3.56 47.04 13.67
N GLU E 28 4.42 47.97 14.07
CA GLU E 28 4.02 49.34 14.32
C GLU E 28 4.37 50.28 13.16
N ILE E 29 4.47 49.75 11.95
CA ILE E 29 4.79 50.58 10.78
C ILE E 29 3.45 51.00 10.17
N VAL E 30 2.38 50.75 10.90
CA VAL E 30 1.01 51.09 10.49
C VAL E 30 0.83 52.59 10.26
N PRO E 31 1.58 53.51 10.97
CA PRO E 31 1.40 54.94 10.72
C PRO E 31 1.21 55.29 9.25
N LEU E 32 2.20 54.97 8.41
CA LEU E 32 2.11 55.24 6.98
C LEU E 32 1.58 56.65 6.75
N ARG E 33 2.39 57.65 7.10
CA ARG E 33 2.02 59.07 6.98
C ARG E 33 1.18 59.32 5.73
N ASP E 34 0.13 60.13 5.91
CA ASP E 34 -0.78 60.46 4.83
C ASP E 34 -0.03 60.87 3.58
N TYR E 35 -0.45 60.32 2.44
CA TYR E 35 0.19 60.64 1.17
C TYR E 35 0.11 62.12 0.86
N GLN E 36 -1.02 62.76 1.14
CA GLN E 36 -1.17 64.18 0.87
C GLN E 36 -0.28 65.03 1.78
N GLU E 37 -0.27 64.73 3.07
CA GLU E 37 0.54 65.50 4.01
C GLU E 37 2.02 65.37 3.70
N GLN E 38 2.48 64.13 3.42
CA GLN E 38 3.89 63.94 3.12
C GLN E 38 4.28 64.66 1.83
N TYR E 39 3.41 64.61 0.82
CA TYR E 39 3.72 65.28 -0.43
C TYR E 39 3.86 66.79 -0.24
N ASN E 40 2.98 67.38 0.57
CA ASN E 40 3.06 68.81 0.81
C ASN E 40 4.38 69.17 1.50
N THR E 41 4.81 68.37 2.46
CA THR E 41 6.06 68.63 3.16
C THR E 41 7.24 68.51 2.20
N ASP E 42 7.25 67.45 1.38
CA ASP E 42 8.33 67.24 0.43
C ASP E 42 8.37 68.35 -0.61
N ASN E 43 7.18 68.73 -1.12
CA ASN E 43 7.13 69.79 -2.13
C ASN E 43 7.68 71.09 -1.56
N ALA E 44 7.30 71.43 -0.32
CA ALA E 44 7.80 72.65 0.29
C ALA E 44 9.32 72.61 0.44
N ASN E 45 9.85 71.47 0.87
CA ASN E 45 11.29 71.33 1.02
C ASN E 45 11.99 71.45 -0.33
N ILE E 46 11.44 70.78 -1.35
CA ILE E 46 12.02 70.83 -2.69
C ILE E 46 11.96 72.25 -3.25
N GLU E 47 10.82 72.92 -3.07
CA GLU E 47 10.69 74.29 -3.57
C GLU E 47 11.67 75.22 -2.88
N GLU E 48 11.86 75.04 -1.57
CA GLU E 48 12.81 75.89 -0.85
C GLU E 48 14.23 75.64 -1.35
N TYR E 49 14.57 74.39 -1.64
CA TYR E 49 15.90 74.06 -2.14
C TYR E 49 16.12 74.69 -3.51
N LEU E 50 15.11 74.65 -4.37
CA LEU E 50 15.21 75.23 -5.70
C LEU E 50 15.32 76.75 -5.67
N ASN E 51 14.87 77.40 -4.60
CA ASN E 51 14.93 78.86 -4.52
C ASN E 51 16.18 79.37 -3.84
N THR E 52 16.77 78.61 -2.92
CA THR E 52 17.95 79.04 -2.20
C THR E 52 19.26 78.45 -2.71
N TYR E 53 19.23 77.65 -3.77
CA TYR E 53 20.45 77.03 -4.30
C TYR E 53 20.59 77.30 -5.79
N PHE E 54 21.83 77.21 -6.26
CA PHE E 54 22.17 77.39 -7.65
C PHE E 54 23.04 76.21 -8.07
N ILE E 55 23.07 75.93 -9.37
CA ILE E 55 23.82 74.80 -9.90
C ILE E 55 24.91 75.26 -10.86
N THR E 56 26.00 74.50 -10.86
CA THR E 56 27.15 74.71 -11.73
C THR E 56 27.35 73.42 -12.49
N VAL E 57 27.51 73.51 -13.82
CA VAL E 57 27.65 72.32 -14.66
C VAL E 57 29.00 72.34 -15.37
N THR E 58 29.69 71.21 -15.32
CA THR E 58 30.97 71.08 -16.01
C THR E 58 30.71 71.00 -17.51
N ASP E 59 31.77 71.21 -18.29
CA ASP E 59 31.60 71.17 -19.74
C ASP E 59 32.66 70.33 -20.44
N ALA E 60 33.07 69.23 -19.83
CA ALA E 60 34.06 68.37 -20.48
C ALA E 60 33.40 67.76 -21.71
N PRO E 61 33.91 68.00 -22.91
CA PRO E 61 33.26 67.43 -24.10
C PRO E 61 33.17 65.92 -24.14
N GLY E 62 34.29 65.22 -24.06
CA GLY E 62 34.26 63.76 -24.12
C GLY E 62 34.61 63.03 -22.83
N GLU E 63 34.99 63.76 -21.79
CA GLU E 63 35.35 63.13 -20.54
C GLU E 63 34.10 62.60 -19.83
N GLN E 64 34.32 61.78 -18.80
CA GLN E 64 33.20 61.21 -18.06
C GLN E 64 32.45 62.25 -17.25
N THR E 65 33.06 63.42 -17.00
CA THR E 65 32.45 64.51 -16.25
C THR E 65 31.86 65.56 -17.19
N ASP E 66 31.27 65.10 -18.29
CA ASP E 66 30.71 66.00 -19.30
C ASP E 66 29.61 66.90 -18.75
N GLN E 67 28.66 66.36 -18.00
CA GLN E 67 27.56 67.16 -17.50
C GLN E 67 27.33 66.95 -16.01
N ASP E 68 28.39 67.01 -15.21
CA ASP E 68 28.24 66.86 -13.77
C ASP E 68 27.65 68.14 -13.19
N VAL E 69 26.86 67.99 -12.13
CA VAL E 69 26.20 69.11 -11.48
C VAL E 69 26.66 69.22 -10.04
N THR E 70 26.86 70.45 -9.59
CA THR E 70 27.28 70.75 -8.23
C THR E 70 26.31 71.78 -7.66
N PHE E 71 25.69 71.45 -6.53
CA PHE E 71 24.73 72.32 -5.87
C PHE E 71 25.41 73.06 -4.73
N THR E 72 25.23 74.38 -4.69
CA THR E 72 25.81 75.21 -3.64
C THR E 72 24.80 76.25 -3.21
N LYS E 73 24.81 76.57 -1.91
CA LYS E 73 23.88 77.54 -1.36
C LYS E 73 24.12 78.92 -1.97
N ILE E 74 23.03 79.67 -2.11
CA ILE E 74 23.08 81.01 -2.69
C ILE E 74 23.34 82.02 -1.58
N THR E 75 24.52 82.64 -1.61
CA THR E 75 24.89 83.66 -0.64
C THR E 75 25.01 85.03 -1.28
N ASP E 76 24.96 85.11 -2.60
CA ASP E 76 25.04 86.36 -3.36
C ASP E 76 23.88 86.35 -4.35
N PRO E 77 22.65 86.55 -3.87
CA PRO E 77 21.49 86.54 -4.77
C PRO E 77 21.52 87.59 -5.86
N SER E 78 22.51 88.49 -5.84
CA SER E 78 22.59 89.53 -6.86
C SER E 78 22.91 88.95 -8.23
N THR E 79 23.93 88.09 -8.32
CA THR E 79 24.34 87.49 -9.58
C THR E 79 24.31 85.97 -9.56
N GLN E 80 23.51 85.35 -8.69
CA GLN E 80 23.43 83.90 -8.62
C GLN E 80 22.04 83.43 -9.02
N PRO E 81 21.83 82.96 -10.24
CA PRO E 81 20.50 82.50 -10.66
C PRO E 81 20.13 81.20 -9.96
N SER E 82 19.06 81.24 -9.18
CA SER E 82 18.63 80.06 -8.46
C SER E 82 18.07 79.02 -9.43
N ILE E 83 17.97 77.78 -8.94
CA ILE E 83 17.44 76.70 -9.79
C ILE E 83 16.01 77.03 -10.22
N MET E 84 15.23 77.62 -9.31
CA MET E 84 13.86 77.98 -9.65
C MET E 84 13.80 79.05 -10.72
N SER E 85 14.87 79.84 -10.88
CA SER E 85 14.89 80.87 -11.90
C SER E 85 14.76 80.24 -13.28
N TYR E 86 15.26 79.02 -13.45
CA TYR E 86 15.16 78.30 -14.72
C TYR E 86 13.76 77.70 -14.84
N LEU E 87 12.76 78.57 -14.90
CA LEU E 87 11.37 78.15 -15.01
C LEU E 87 11.13 77.68 -16.44
N ASN E 88 9.89 77.69 -16.92
CA ASN E 88 9.68 77.22 -18.28
C ASN E 88 10.37 78.19 -19.24
N SER E 89 11.70 78.22 -19.15
CA SER E 89 12.53 79.07 -19.96
C SER E 89 12.62 78.52 -21.37
N PRO E 90 12.78 79.38 -22.37
CA PRO E 90 12.88 78.92 -23.76
C PRO E 90 14.25 78.42 -24.16
N THR E 91 15.23 78.43 -23.25
CA THR E 91 16.58 77.97 -23.55
C THR E 91 17.09 77.12 -22.41
N PHE E 92 17.90 76.12 -22.75
CA PHE E 92 18.45 75.24 -21.73
C PHE E 92 19.46 75.98 -20.87
N PRO E 93 19.53 75.68 -19.57
CA PRO E 93 18.76 74.67 -18.82
C PRO E 93 17.31 75.08 -18.60
N LYS E 94 16.39 74.12 -18.54
CA LYS E 94 14.97 74.39 -18.34
C LYS E 94 14.44 73.46 -17.26
N LEU E 95 13.78 74.04 -16.26
CA LEU E 95 13.17 73.24 -15.20
C LEU E 95 11.69 73.10 -15.53
N LEU E 96 11.22 71.86 -15.61
CA LEU E 96 9.84 71.59 -15.96
C LEU E 96 9.15 70.82 -14.84
N LYS E 97 7.83 70.76 -14.93
CA LYS E 97 6.98 70.09 -13.98
C LYS E 97 6.14 69.04 -14.70
N ARG E 98 6.14 67.82 -14.18
CA ARG E 98 5.36 66.73 -14.74
C ARG E 98 4.37 66.24 -13.71
N GLU E 99 3.09 66.29 -14.05
CA GLU E 99 2.03 65.85 -13.15
C GLU E 99 1.98 64.34 -13.14
N VAL E 100 2.19 63.73 -11.97
CA VAL E 100 2.17 62.28 -11.85
C VAL E 100 1.00 61.86 -10.96
N PRO E 101 -0.14 61.49 -11.54
CA PRO E 101 -1.29 61.07 -10.72
C PRO E 101 -1.08 59.69 -10.14
N MET E 102 -0.94 59.59 -8.83
CA MET E 102 -0.75 58.31 -8.17
C MET E 102 -1.12 58.46 -6.70
N HIS E 103 -1.48 57.33 -6.08
CA HIS E 103 -1.87 57.30 -4.66
C HIS E 103 -3.07 58.20 -4.40
N GLY E 104 -3.95 58.33 -5.37
CA GLY E 104 -5.13 59.18 -5.21
C GLY E 104 -4.84 60.65 -5.39
N ILE E 105 -3.75 61.13 -4.80
CA ILE E 105 -3.37 62.55 -4.91
C ILE E 105 -2.68 62.77 -6.25
N VAL E 106 -2.47 64.03 -6.60
CA VAL E 106 -1.82 64.41 -7.85
C VAL E 106 -0.42 64.90 -7.51
N TYR E 107 0.58 64.07 -7.77
CA TYR E 107 1.96 64.42 -7.50
C TYR E 107 2.52 65.31 -8.60
N GLN E 108 3.39 66.24 -8.20
CA GLN E 108 4.06 67.15 -9.12
C GLN E 108 5.55 66.96 -8.91
N MET E 109 6.26 66.58 -9.97
CA MET E 109 7.69 66.33 -9.92
C MET E 109 8.45 67.34 -10.76
N TYR E 110 9.45 67.96 -10.14
CA TYR E 110 10.30 68.93 -10.82
C TYR E 110 11.52 68.23 -11.40
N TYR E 111 11.84 68.55 -12.65
CA TYR E 111 13.00 67.96 -13.30
C TYR E 111 13.65 69.02 -14.18
N LEU E 112 14.97 69.12 -14.09
CA LEU E 112 15.73 70.10 -14.86
C LEU E 112 16.41 69.38 -16.01
N VAL E 113 16.28 69.94 -17.22
CA VAL E 113 16.91 69.34 -18.39
C VAL E 113 18.08 70.21 -18.81
N LEU E 114 19.27 69.85 -18.36
CA LEU E 114 20.47 70.62 -18.70
C LEU E 114 20.76 70.54 -20.19
N ARG E 115 20.66 69.35 -20.77
CA ARG E 115 20.92 69.16 -22.18
C ARG E 115 20.03 68.03 -22.68
N GLU E 116 19.53 68.20 -23.90
CA GLU E 116 18.68 67.21 -24.54
C GLU E 116 19.52 66.36 -25.49
N GLY E 117 19.33 65.05 -25.42
CA GLY E 117 20.10 64.15 -26.26
C GLY E 117 19.75 64.28 -27.72
N THR E 118 20.55 63.63 -28.55
CA THR E 118 20.40 63.63 -30.00
C THR E 118 20.01 62.25 -30.51
N GLY E 119 19.16 61.55 -29.78
CA GLY E 119 18.73 60.22 -30.15
C GLY E 119 17.29 59.98 -29.76
N THR E 120 16.94 58.71 -29.55
CA THR E 120 15.59 58.35 -29.17
C THR E 120 15.39 58.51 -27.66
N SER E 121 14.13 58.39 -27.24
CA SER E 121 13.75 58.51 -25.85
C SER E 121 13.18 57.20 -25.34
N PRO E 122 13.59 56.74 -24.16
CA PRO E 122 13.07 55.49 -23.62
C PRO E 122 11.68 55.61 -23.05
N MET E 123 10.96 54.50 -23.10
CA MET E 123 9.60 54.45 -22.55
C MET E 123 9.67 54.35 -21.04
N ASN E 124 8.52 54.56 -20.39
CA ASN E 124 8.48 54.50 -18.94
C ASN E 124 8.73 53.09 -18.41
N THR E 125 8.74 52.07 -19.28
CA THR E 125 8.98 50.69 -18.88
C THR E 125 10.16 50.08 -19.63
N ASP E 126 11.02 50.89 -20.23
CA ASP E 126 12.17 50.40 -20.96
C ASP E 126 13.42 50.44 -20.09
N GLY E 127 14.49 49.85 -20.60
CA GLY E 127 15.76 49.82 -19.89
C GLY E 127 16.59 51.04 -20.27
N ALA E 128 17.21 51.66 -19.27
CA ALA E 128 18.01 52.85 -19.47
C ALA E 128 19.45 52.60 -19.03
N PHE E 129 20.40 52.91 -19.91
CA PHE E 129 21.82 52.78 -19.66
C PHE E 129 22.28 54.18 -19.29
N THR E 130 22.47 54.43 -18.00
CA THR E 130 22.86 55.77 -17.57
C THR E 130 23.67 55.74 -16.29
N SER E 131 24.34 56.86 -16.04
CA SER E 131 25.15 57.08 -14.86
C SER E 131 24.44 58.13 -14.01
N TYR E 132 24.32 57.87 -12.71
CA TYR E 132 23.62 58.80 -11.83
C TYR E 132 24.30 58.92 -10.49
N ARG E 133 24.02 60.05 -9.84
CA ARG E 133 24.52 60.36 -8.50
C ARG E 133 23.33 60.88 -7.72
N GLY E 134 22.88 60.11 -6.74
CA GLY E 134 21.72 60.46 -5.94
C GLY E 134 22.06 60.99 -4.56
N GLU E 135 21.17 61.86 -4.05
CA GLU E 135 21.30 62.45 -2.74
C GLU E 135 19.89 62.67 -2.22
N TYR E 136 19.73 62.61 -0.89
CA TYR E 136 18.42 62.78 -0.28
C TYR E 136 18.37 64.05 0.55
N LEU E 137 17.24 64.75 0.46
CA LEU E 137 17.02 65.99 1.18
C LEU E 137 16.37 65.71 2.53
N THR E 138 16.91 66.32 3.58
CA THR E 138 16.37 66.14 4.93
C THR E 138 16.49 67.45 5.68
N ARG E 139 15.36 68.01 6.11
CA ARG E 139 15.40 69.25 6.86
C ARG E 139 15.98 68.98 8.24
N VAL E 140 16.98 69.75 8.63
CA VAL E 140 17.65 69.60 9.91
C VAL E 140 17.03 70.59 10.90
N ALA E 141 16.79 70.13 12.12
CA ALA E 141 16.20 70.97 13.14
C ALA E 141 17.12 72.12 13.49
N LYS E 142 16.52 73.28 13.76
CA LYS E 142 17.29 74.47 14.12
C LYS E 142 17.93 74.27 15.49
N THR E 143 19.26 74.21 15.53
CA THR E 143 19.94 74.02 16.79
C THR E 143 20.05 75.36 17.51
N ASP E 144 20.63 75.33 18.71
CA ASP E 144 20.78 76.54 19.50
C ASP E 144 21.69 77.56 18.81
N THR E 145 22.81 77.09 18.26
CA THR E 145 23.75 77.98 17.59
C THR E 145 23.58 78.02 16.08
N GLU E 146 23.03 76.97 15.48
CA GLU E 146 22.84 76.93 14.03
C GLU E 146 21.36 76.99 13.70
N ALA E 147 21.01 77.83 12.72
CA ALA E 147 19.63 77.98 12.30
C ALA E 147 19.22 76.81 11.42
N GLU E 148 17.91 76.65 11.25
CA GLU E 148 17.39 75.58 10.43
C GLU E 148 17.78 75.77 8.98
N HIS E 149 18.01 74.65 8.29
CA HIS E 149 18.39 74.68 6.89
C HIS E 149 18.14 73.29 6.30
N LEU E 150 18.51 73.12 5.04
CA LEU E 150 18.34 71.86 4.33
C LEU E 150 19.70 71.27 4.01
N SER E 151 19.80 69.95 4.14
CA SER E 151 21.04 69.23 3.87
C SER E 151 20.78 68.11 2.89
N THR E 152 21.75 67.86 2.02
CA THR E 152 21.67 66.81 1.01
C THR E 152 22.78 65.82 1.28
N THR E 153 22.43 64.57 1.56
CA THR E 153 23.39 63.52 1.86
C THR E 153 23.46 62.51 0.72
N PHE E 154 24.68 62.16 0.34
CA PHE E 154 24.91 61.21 -0.74
C PHE E 154 24.65 59.78 -0.29
N PHE E 155 23.99 59.00 -1.16
CA PHE E 155 23.70 57.61 -0.84
C PHE E 155 24.18 56.62 -1.90
N GLU E 156 24.05 56.95 -3.19
CA GLU E 156 24.48 56.03 -4.23
C GLU E 156 24.95 56.80 -5.45
N GLN E 157 25.85 56.18 -6.21
CA GLN E 157 26.41 56.78 -7.41
C GLN E 157 26.98 55.68 -8.30
N VAL E 158 26.78 55.84 -9.61
CA VAL E 158 27.30 54.90 -10.61
C VAL E 158 27.94 55.78 -11.69
N LEU E 159 29.26 55.86 -11.68
CA LEU E 159 29.94 56.69 -12.67
C LEU E 159 30.13 55.98 -14.01
N PHE E 160 30.28 54.66 -14.00
CA PHE E 160 30.48 53.90 -15.23
C PHE E 160 29.40 52.84 -15.35
N PRO E 161 28.33 53.09 -16.08
CA PRO E 161 27.26 52.09 -16.21
C PRO E 161 27.76 50.83 -16.89
N THR E 162 27.24 49.70 -16.44
CA THR E 162 27.60 48.40 -16.97
C THR E 162 26.40 47.64 -17.53
N LYS E 163 25.27 47.69 -16.84
CA LYS E 163 24.05 47.01 -17.25
C LYS E 163 22.89 47.99 -17.22
N ALA E 164 21.98 47.83 -18.18
CA ALA E 164 20.81 48.69 -18.26
C ALA E 164 19.85 48.41 -17.10
N LEU E 165 19.21 49.47 -16.62
CA LEU E 165 18.26 49.38 -15.51
C LEU E 165 16.84 49.43 -16.04
N ASP E 166 16.05 48.41 -15.69
CA ASP E 166 14.66 48.36 -16.14
C ASP E 166 13.85 49.43 -15.41
N LEU E 167 13.32 50.38 -16.16
CA LEU E 167 12.53 51.46 -15.55
C LEU E 167 11.22 50.97 -14.96
N TYR E 168 10.77 49.76 -15.30
CA TYR E 168 9.53 49.27 -14.73
C TYR E 168 9.67 48.99 -13.24
N GLY E 169 10.80 48.41 -12.84
CA GLY E 169 11.05 48.10 -11.44
C GLY E 169 11.65 49.21 -10.61
N THR E 170 12.07 50.30 -11.24
CA THR E 170 12.67 51.41 -10.53
C THR E 170 11.58 52.27 -9.87
N ILE E 171 12.01 53.31 -9.16
CA ILE E 171 11.06 54.19 -8.50
C ILE E 171 10.22 54.91 -9.55
N ILE E 172 9.02 55.34 -9.13
CA ILE E 172 8.11 56.02 -10.04
C ILE E 172 8.74 57.28 -10.62
N GLY E 173 9.59 57.96 -9.85
CA GLY E 173 10.21 59.17 -10.34
C GLY E 173 11.06 58.94 -11.57
N TRP E 174 11.85 57.87 -11.55
CA TRP E 174 12.70 57.57 -12.70
C TRP E 174 11.87 57.24 -13.93
N SER E 175 10.86 56.39 -13.76
CA SER E 175 10.01 56.01 -14.88
C SER E 175 9.22 57.17 -15.46
N GLU E 176 9.06 58.26 -14.71
CA GLU E 176 8.30 59.40 -15.21
C GLU E 176 9.18 60.48 -15.82
N ALA E 177 10.38 60.70 -15.26
CA ALA E 177 11.26 61.74 -15.77
C ALA E 177 12.12 61.27 -16.94
N PHE E 178 12.60 60.03 -16.88
CA PHE E 178 13.45 59.51 -17.96
C PHE E 178 12.82 59.60 -19.34
N PRO E 179 11.53 59.30 -19.55
CA PRO E 179 10.96 59.42 -20.90
C PRO E 179 11.04 60.81 -21.49
N GLN E 180 11.46 61.81 -20.72
CA GLN E 180 11.58 63.18 -21.19
C GLN E 180 12.99 63.52 -21.65
N PHE E 181 13.93 62.58 -21.57
CA PHE E 181 15.31 62.78 -22.00
C PHE E 181 15.60 61.91 -23.21
N LYS E 182 16.74 62.17 -23.85
CA LYS E 182 17.16 61.43 -25.03
C LYS E 182 18.56 60.88 -24.86
N THR E 183 18.84 59.80 -25.58
CA THR E 183 20.13 59.13 -25.52
C THR E 183 21.16 59.86 -26.40
N GLY E 184 22.38 59.32 -26.41
CA GLY E 184 23.46 59.89 -27.19
C GLY E 184 24.31 58.80 -27.80
N THR E 185 25.26 59.23 -28.64
CA THR E 185 26.15 58.30 -29.31
C THR E 185 27.24 57.81 -28.35
N ALA E 186 27.71 56.60 -28.61
CA ALA E 186 28.75 55.96 -27.82
C ALA E 186 29.80 55.36 -28.74
N THR E 187 31.06 55.66 -28.48
CA THR E 187 32.18 55.16 -29.29
C THR E 187 33.18 54.48 -28.37
N MET E 188 33.69 53.33 -28.79
CA MET E 188 34.67 52.59 -28.01
C MET E 188 36.07 53.01 -28.39
N LYS E 189 36.85 53.41 -27.41
CA LYS E 189 38.22 53.84 -27.63
C LYS E 189 39.13 52.63 -27.80
N PRO E 190 40.33 52.83 -28.37
CA PRO E 190 41.24 51.69 -28.58
C PRO E 190 41.66 50.99 -27.30
N ASP E 191 41.59 51.64 -26.14
CA ASP E 191 41.98 51.04 -24.88
C ASP E 191 40.83 50.34 -24.17
N GLY E 192 39.70 50.16 -24.84
CA GLY E 192 38.55 49.51 -24.26
C GLY E 192 37.55 50.44 -23.62
N SER E 193 37.95 51.66 -23.29
CA SER E 193 37.02 52.60 -22.66
C SER E 193 36.03 53.11 -23.70
N MET E 194 34.86 53.53 -23.22
CA MET E 194 33.80 54.04 -24.07
C MET E 194 33.62 55.54 -23.86
N LYS E 195 33.49 56.26 -24.96
CA LYS E 195 33.31 57.71 -24.93
C LYS E 195 31.88 58.04 -25.34
N TYR E 196 31.17 58.77 -24.49
CA TYR E 196 29.79 59.16 -24.72
C TYR E 196 29.71 60.65 -25.03
N GLU E 197 28.84 61.00 -25.98
CA GLU E 197 28.67 62.40 -26.36
C GLU E 197 27.24 62.63 -26.83
N ASN E 198 26.82 63.89 -26.74
CA ASN E 198 25.48 64.34 -27.13
C ASN E 198 24.39 63.50 -26.47
N PHE E 199 24.46 63.43 -25.15
CA PHE E 199 23.50 62.66 -24.37
C PHE E 199 22.70 63.59 -23.47
N GLY E 200 21.50 63.12 -23.10
CA GLY E 200 20.64 63.92 -22.23
C GLY E 200 21.14 63.89 -20.80
N ALA E 201 21.11 65.05 -20.15
CA ALA E 201 21.56 65.18 -18.78
C ALA E 201 20.66 66.14 -18.03
N GLY E 202 20.41 65.85 -16.77
CA GLY E 202 19.57 66.70 -15.96
C GLY E 202 19.45 66.15 -14.55
N VAL E 203 18.85 66.97 -13.69
CA VAL E 203 18.63 66.62 -12.29
C VAL E 203 17.13 66.57 -12.04
N LEU E 204 16.67 65.49 -11.42
CA LEU E 204 15.26 65.30 -11.13
C LEU E 204 15.04 65.28 -9.63
N PHE E 205 14.12 66.11 -9.16
CA PHE E 205 13.77 66.22 -7.74
C PHE E 205 12.49 65.41 -7.56
N ILE E 206 12.63 64.20 -7.05
CA ILE E 206 11.50 63.29 -6.85
C ILE E 206 11.09 63.31 -5.39
N PRO E 207 9.80 63.51 -5.08
CA PRO E 207 9.36 63.51 -3.68
C PRO E 207 9.52 62.13 -3.05
N SER E 208 9.28 62.07 -1.75
CA SER E 208 9.41 60.80 -1.04
C SER E 208 8.36 59.79 -1.49
N GLY E 209 7.13 60.26 -1.76
CA GLY E 209 6.09 59.35 -2.18
C GLY E 209 6.42 58.60 -3.45
N LEU E 210 7.01 59.28 -4.42
CA LEU E 210 7.36 58.64 -5.69
C LEU E 210 8.67 57.86 -5.61
N GLY E 211 9.42 57.98 -4.51
CA GLY E 211 10.66 57.25 -4.36
C GLY E 211 10.45 56.11 -3.38
N TYR E 212 11.09 56.19 -2.22
CA TYR E 212 10.94 55.19 -1.16
C TYR E 212 10.09 55.82 -0.07
N TYR E 213 8.83 55.38 0.04
CA TYR E 213 7.89 55.93 1.00
C TYR E 213 7.81 55.06 2.24
N GLY E 214 8.49 55.50 3.31
CA GLY E 214 8.47 54.80 4.58
C GLY E 214 9.39 53.60 4.70
N SER E 215 10.04 53.17 3.61
CA SER E 215 10.93 52.02 3.69
C SER E 215 12.08 52.29 4.66
N GLY E 216 12.93 53.25 4.33
CA GLY E 216 14.05 53.63 5.17
C GLY E 216 15.06 52.53 5.46
N ALA E 217 14.92 51.36 4.83
CA ALA E 217 15.85 50.27 5.08
C ALA E 217 17.26 50.63 4.63
N SER E 218 17.39 51.17 3.43
CA SER E 218 18.70 51.56 2.91
C SER E 218 19.21 52.79 3.66
N ALA E 219 20.36 53.30 3.23
CA ALA E 219 20.93 54.48 3.86
C ALA E 219 19.99 55.68 3.80
N ILE E 220 19.06 55.68 2.86
CA ILE E 220 18.09 56.77 2.70
C ILE E 220 17.05 56.67 3.81
N PRO E 221 16.90 57.69 4.64
CA PRO E 221 15.88 57.65 5.70
C PRO E 221 14.48 57.67 5.09
N ALA E 222 13.53 57.15 5.87
CA ALA E 222 12.15 57.10 5.41
C ALA E 222 11.58 58.49 5.20
N TYR E 223 10.69 58.61 4.21
CA TYR E 223 10.04 59.86 3.88
C TYR E 223 11.05 60.97 3.62
N SER E 224 11.98 60.70 2.70
CA SER E 224 13.03 61.65 2.36
C SER E 224 13.03 61.95 0.87
N PRO E 225 12.83 63.20 0.45
CA PRO E 225 12.86 63.51 -0.98
C PRO E 225 14.23 63.21 -1.55
N LEU E 226 14.25 62.74 -2.79
CA LEU E 226 15.50 62.37 -3.45
C LEU E 226 15.81 63.30 -4.61
N ILE E 227 17.09 63.57 -4.79
CA ILE E 227 17.59 64.44 -5.86
C ILE E 227 18.58 63.59 -6.64
N PHE E 228 18.25 63.29 -7.89
CA PHE E 228 19.10 62.47 -8.76
C PHE E 228 19.65 63.27 -9.92
N SER E 229 20.95 63.12 -10.17
CA SER E 229 21.63 63.75 -11.30
C SER E 229 21.87 62.62 -12.29
N ILE E 230 21.11 62.62 -13.37
CA ILE E 230 21.19 61.54 -14.36
C ILE E 230 21.83 62.01 -15.65
N LYS E 231 22.38 61.03 -16.38
CA LYS E 231 23.04 61.23 -17.67
C LYS E 231 22.69 60.01 -18.52
N LEU E 232 21.65 60.14 -19.34
CA LEU E 232 21.16 59.03 -20.19
C LEU E 232 22.15 58.76 -21.32
N TYR E 233 22.90 57.67 -21.20
CA TYR E 233 23.87 57.30 -22.23
C TYR E 233 23.21 56.54 -23.37
N ASP E 234 22.45 55.49 -23.05
CA ASP E 234 21.77 54.69 -24.06
C ASP E 234 20.53 54.07 -23.44
N LEU E 235 19.78 53.35 -24.25
CA LEU E 235 18.55 52.70 -23.82
C LEU E 235 18.47 51.30 -24.43
N THR E 236 17.67 50.45 -23.79
CA THR E 236 17.47 49.07 -24.24
C THR E 236 15.98 48.77 -24.25
N ARG E 237 15.43 48.49 -25.41
CA ARG E 237 14.02 48.17 -25.52
C ARG E 237 13.73 46.84 -24.84
N LEU E 238 12.64 46.79 -24.08
CA LEU E 238 12.28 45.59 -23.34
C LEU E 238 10.87 45.13 -23.69
N ASP E 239 10.63 43.84 -23.48
CA ASP E 239 9.36 43.18 -23.72
C ASP E 239 8.99 42.46 -22.42
N HIS E 240 7.98 42.97 -21.72
CA HIS E 240 7.59 42.39 -20.45
C HIS E 240 6.60 41.24 -20.56
N ASP E 241 5.81 41.17 -21.63
CA ASP E 241 4.85 40.09 -21.79
C ASP E 241 5.37 38.96 -22.67
N LEU E 242 6.55 39.11 -23.27
CA LEU E 242 7.15 38.09 -24.13
C LEU E 242 6.23 37.71 -25.29
N ASP E 243 5.45 38.67 -25.78
CA ASP E 243 4.52 38.44 -26.87
C ASP E 243 5.12 38.72 -28.25
N GLY E 244 6.40 39.10 -28.31
CA GLY E 244 7.05 39.39 -29.56
C GLY E 244 7.00 40.84 -29.98
N VAL E 245 6.18 41.67 -29.32
CA VAL E 245 6.07 43.09 -29.60
C VAL E 245 6.66 43.82 -28.42
N PHE E 246 7.61 44.70 -28.66
CA PHE E 246 8.23 45.43 -27.56
C PHE E 246 7.28 46.46 -26.98
N ASP E 247 7.58 46.87 -25.74
CA ASP E 247 6.74 47.83 -25.03
C ASP E 247 6.61 49.16 -25.77
N PHE E 248 7.64 49.59 -26.50
CA PHE E 248 7.54 50.86 -27.20
C PHE E 248 6.58 50.77 -28.37
N GLU E 249 6.39 49.58 -28.95
CA GLU E 249 5.47 49.39 -30.05
C GLU E 249 4.06 49.08 -29.60
N GLU E 250 3.86 48.73 -28.33
CA GLU E 250 2.55 48.41 -27.80
C GLU E 250 1.90 49.61 -27.10
N ASP E 251 2.27 50.82 -27.50
CA ASP E 251 1.71 52.05 -26.95
C ASP E 251 0.64 52.50 -27.94
N ILE E 252 -0.63 52.36 -27.55
CA ILE E 252 -1.72 52.73 -28.45
C ILE E 252 -1.66 54.20 -28.80
N ASN E 253 -1.54 55.06 -27.79
CA ASN E 253 -1.46 56.48 -28.08
C ASN E 253 0.00 56.88 -28.30
N GLY E 254 0.20 58.14 -28.66
CA GLY E 254 1.54 58.62 -28.91
C GLY E 254 2.12 59.34 -27.70
N ASP E 255 1.54 59.09 -26.53
CA ASP E 255 2.00 59.74 -25.31
C ASP E 255 3.43 59.36 -24.97
N GLY E 256 3.79 58.09 -25.16
CA GLY E 256 5.11 57.62 -24.84
C GLY E 256 5.22 56.96 -23.49
N TYR E 257 4.09 56.79 -22.80
CA TYR E 257 4.01 56.16 -21.49
C TYR E 257 2.99 55.04 -21.54
N VAL E 258 3.28 53.94 -20.85
CA VAL E 258 2.39 52.80 -20.76
C VAL E 258 2.11 52.56 -19.29
N TYR E 259 0.83 52.50 -18.92
CA TYR E 259 0.43 52.30 -17.54
C TYR E 259 -0.54 51.14 -17.41
N ASP E 260 -0.47 50.48 -16.26
CA ASP E 260 -1.34 49.37 -15.92
C ASP E 260 -2.00 49.73 -14.59
N PHE E 261 -3.32 49.78 -14.59
CA PHE E 261 -4.10 50.18 -13.41
C PHE E 261 -4.64 49.00 -12.62
N ARG E 262 -3.88 47.92 -12.49
CA ARG E 262 -4.31 46.75 -11.75
C ARG E 262 -3.72 46.69 -10.34
N ASN E 263 -3.12 47.77 -9.86
CA ASN E 263 -2.53 47.83 -8.53
C ASN E 263 -3.35 48.82 -7.70
N THR E 264 -4.13 48.30 -6.75
CA THR E 264 -4.96 49.17 -5.92
C THR E 264 -4.13 50.06 -5.00
N THR E 265 -2.94 49.62 -4.61
CA THR E 265 -2.12 50.45 -3.73
C THR E 265 -1.71 51.74 -4.42
N GLU E 266 -1.22 51.63 -5.66
CA GLU E 266 -0.81 52.81 -6.40
C GLU E 266 -2.01 53.57 -6.97
N TYR E 267 -3.02 52.84 -7.44
CA TYR E 267 -4.23 53.42 -8.01
C TYR E 267 -5.44 52.90 -7.24
N PRO E 268 -5.85 53.59 -6.17
CA PRO E 268 -7.02 53.11 -5.41
C PRO E 268 -8.27 53.01 -6.25
N THR E 269 -8.46 53.93 -7.19
CA THR E 269 -9.61 53.95 -8.06
C THR E 269 -9.10 54.13 -9.49
N PRO E 270 -9.50 53.28 -10.43
CA PRO E 270 -9.03 53.42 -11.81
C PRO E 270 -9.40 54.79 -12.38
N PRO E 271 -8.44 55.49 -12.96
CA PRO E 271 -8.73 56.82 -13.50
C PRO E 271 -9.48 56.74 -14.83
N ALA E 272 -9.96 57.91 -15.27
CA ALA E 272 -10.69 57.99 -16.52
C ALA E 272 -9.81 57.77 -17.73
N ASN E 273 -8.50 57.91 -17.59
CA ASN E 273 -7.58 57.70 -18.71
C ASN E 273 -7.31 56.24 -18.98
N GLN E 274 -7.91 55.32 -18.22
CA GLN E 274 -7.69 53.90 -18.45
C GLN E 274 -8.21 53.54 -19.84
N TYR E 275 -7.90 52.33 -20.28
CA TYR E 275 -8.27 51.79 -21.58
C TYR E 275 -7.52 52.49 -22.71
N ASP E 276 -6.68 53.48 -22.39
CA ASP E 276 -5.91 54.17 -23.42
C ASP E 276 -4.92 53.22 -24.07
N ASP E 277 -4.18 52.47 -23.26
CA ASP E 277 -3.20 51.50 -23.74
C ASP E 277 -3.72 50.07 -23.60
N ASP E 278 -5.04 49.89 -23.70
CA ASP E 278 -5.69 48.58 -23.59
C ASP E 278 -6.74 48.49 -24.69
N THR E 279 -6.46 47.68 -25.71
CA THR E 279 -7.40 47.57 -26.83
C THR E 279 -8.63 46.74 -26.48
N ASP E 280 -8.45 45.64 -25.78
CA ASP E 280 -9.55 44.75 -25.40
C ASP E 280 -10.37 45.25 -24.23
N LYS E 281 -9.92 46.30 -23.53
CA LYS E 281 -10.64 46.84 -22.38
C LYS E 281 -10.86 45.77 -21.31
N ASP E 282 -9.88 44.89 -21.14
CA ASP E 282 -9.92 43.81 -20.18
C ASP E 282 -9.27 44.17 -18.85
N GLY E 283 -8.68 45.35 -18.74
CA GLY E 283 -8.00 45.78 -17.55
C GLY E 283 -6.51 45.54 -17.59
N ILE E 284 -6.05 44.70 -18.51
CA ILE E 284 -4.63 44.39 -18.68
C ILE E 284 -4.12 45.16 -19.88
N ALA E 285 -3.08 45.96 -19.68
CA ALA E 285 -2.51 46.74 -20.77
C ALA E 285 -1.83 45.83 -21.78
N ASP E 286 -1.77 46.31 -23.03
CA ASP E 286 -1.17 45.53 -24.10
C ASP E 286 0.28 45.16 -23.80
N PHE E 287 1.03 46.05 -23.14
CA PHE E 287 2.42 45.75 -22.84
C PHE E 287 2.55 44.66 -21.79
N LEU E 288 1.46 44.27 -21.15
CA LEU E 288 1.45 43.21 -20.15
C LEU E 288 0.42 42.13 -20.45
N ASP E 289 -0.20 42.19 -21.63
CA ASP E 289 -1.21 41.23 -22.05
C ASP E 289 -0.67 40.36 -23.16
N SER E 290 -1.08 39.09 -23.17
CA SER E 290 -0.63 38.16 -24.20
C SER E 290 -1.57 38.13 -25.40
N ASP E 291 -2.88 38.11 -25.15
CA ASP E 291 -3.84 38.08 -26.25
C ASP E 291 -3.84 39.41 -27.01
N ASP E 292 -3.89 40.52 -26.26
CA ASP E 292 -3.86 41.90 -26.75
C ASP E 292 -5.12 42.33 -27.49
N ASP E 293 -6.00 41.40 -27.83
CA ASP E 293 -7.23 41.77 -28.53
C ASP E 293 -8.45 40.99 -28.05
N GLY E 294 -8.29 39.97 -27.21
CA GLY E 294 -9.41 39.20 -26.73
C GLY E 294 -9.92 38.14 -27.69
N ASP E 295 -9.29 37.98 -28.84
CA ASP E 295 -9.74 36.97 -29.80
C ASP E 295 -9.44 35.55 -29.36
N GLY E 296 -8.63 35.37 -28.33
CA GLY E 296 -8.30 34.04 -27.86
C GLY E 296 -6.92 33.60 -28.30
N TYR E 297 -6.57 33.90 -29.55
CA TYR E 297 -5.27 33.53 -30.07
C TYR E 297 -4.21 34.46 -29.48
N SER E 298 -3.15 33.87 -28.94
CA SER E 298 -2.09 34.67 -28.33
C SER E 298 -1.37 35.50 -29.39
N THR E 299 -0.77 36.61 -28.94
CA THR E 299 -0.04 37.48 -29.86
C THR E 299 1.12 36.76 -30.49
N LEU E 300 1.81 35.91 -29.72
CA LEU E 300 2.94 35.17 -30.26
C LEU E 300 2.52 34.29 -31.42
N PHE E 301 1.39 33.59 -31.27
CA PHE E 301 0.91 32.72 -32.35
C PHE E 301 0.48 33.53 -33.56
N GLU E 302 -0.19 34.65 -33.35
CA GLU E 302 -0.65 35.47 -34.47
C GLU E 302 0.52 36.04 -35.26
N ILE E 303 1.57 36.50 -34.58
CA ILE E 303 2.72 37.05 -35.27
C ILE E 303 3.67 35.99 -35.78
N THR E 304 3.48 34.73 -35.39
CA THR E 304 4.35 33.66 -35.86
C THR E 304 4.18 33.47 -37.36
N LYS E 305 5.29 33.34 -38.06
CA LYS E 305 5.24 33.17 -39.50
C LYS E 305 4.66 31.80 -39.84
N PRO E 306 3.58 31.74 -40.62
CA PRO E 306 2.99 30.44 -40.98
C PRO E 306 3.91 29.66 -41.91
N THR E 307 3.69 28.35 -41.92
CA THR E 307 4.50 27.45 -42.74
C THR E 307 4.14 27.59 -44.22
N GLY E 308 5.17 27.72 -45.06
CA GLY E 308 4.98 27.84 -46.50
C GLY E 308 4.56 29.20 -46.99
N THR E 309 4.55 30.22 -46.14
CA THR E 309 4.15 31.55 -46.59
C THR E 309 5.16 32.11 -47.59
N GLU E 310 4.64 32.84 -48.57
CA GLU E 310 5.47 33.44 -49.59
C GLU E 310 6.06 34.77 -49.15
N PHE E 311 5.87 35.16 -47.90
CA PHE E 311 6.37 36.44 -47.40
C PHE E 311 7.18 36.26 -46.12
N LEU E 312 8.15 35.36 -46.14
CA LEU E 312 8.99 35.16 -44.96
C LEU E 312 9.79 36.43 -44.68
N GLY E 313 10.62 36.85 -45.63
CA GLY E 313 11.41 38.05 -45.52
C GLY E 313 12.46 38.10 -44.42
N GLY E 314 12.79 36.96 -43.83
CA GLY E 314 13.80 36.97 -42.78
C GLY E 314 14.05 35.57 -42.26
N LEU E 315 14.97 35.50 -41.31
CA LEU E 315 15.36 34.24 -40.68
C LEU E 315 14.64 33.99 -39.37
N SER E 316 13.82 34.93 -38.90
CA SER E 316 13.10 34.75 -37.66
C SER E 316 11.77 34.07 -37.91
N LYS E 317 11.24 33.43 -36.86
CA LYS E 317 9.96 32.74 -36.96
C LYS E 317 8.79 33.60 -36.53
N TYR E 318 9.05 34.84 -36.11
CA TYR E 318 8.00 35.75 -35.68
C TYR E 318 8.10 37.03 -36.49
N TYR E 319 6.97 37.51 -36.97
CA TYR E 319 6.96 38.73 -37.77
C TYR E 319 7.25 39.95 -36.89
N PRO E 320 8.19 40.80 -37.28
CA PRO E 320 8.47 41.99 -36.49
C PRO E 320 7.35 43.01 -36.66
N TYR E 321 7.26 43.92 -35.69
CA TYR E 321 6.22 44.95 -35.75
C TYR E 321 6.40 45.84 -36.98
N ASN E 322 7.64 46.23 -37.25
CA ASN E 322 8.01 47.06 -38.39
C ASN E 322 9.23 46.45 -39.04
N PRO E 323 9.51 46.78 -40.30
CA PRO E 323 10.69 46.21 -40.96
C PRO E 323 11.96 46.54 -40.20
N VAL E 324 12.88 45.56 -40.15
CA VAL E 324 14.14 45.72 -39.44
C VAL E 324 15.29 45.51 -40.42
N SER E 325 16.46 45.98 -40.02
CA SER E 325 17.68 45.87 -40.80
C SER E 325 18.74 45.14 -39.98
N ASP E 326 19.75 44.62 -40.68
CA ASP E 326 20.82 43.88 -40.00
C ASP E 326 21.53 44.76 -38.98
N ASN E 327 22.25 44.11 -38.06
CA ASN E 327 22.95 44.91 -37.07
C ASN E 327 24.44 44.80 -37.33
N PRO E 328 25.10 45.89 -37.76
CA PRO E 328 26.55 45.81 -38.00
C PRO E 328 27.31 45.36 -36.78
N ALA E 329 26.80 45.66 -35.58
CA ALA E 329 27.44 45.21 -34.37
C ALA E 329 27.39 43.70 -34.24
N THR E 330 26.46 43.06 -34.95
CA THR E 330 26.31 41.61 -34.97
C THR E 330 26.71 41.16 -36.35
N PRO E 331 27.97 40.72 -36.53
CA PRO E 331 28.44 40.27 -37.84
C PRO E 331 28.16 38.81 -38.16
N ASN E 332 27.68 38.05 -37.18
CA ASN E 332 27.37 36.64 -37.36
C ASN E 332 25.87 36.39 -37.48
N TYR E 333 25.08 37.44 -37.73
CA TYR E 333 23.65 37.27 -37.86
C TYR E 333 23.03 38.44 -38.63
N ASP E 334 22.17 38.08 -39.58
CA ASP E 334 21.46 39.02 -40.43
C ASP E 334 20.07 39.24 -39.85
N GLU E 335 19.80 40.45 -39.38
CA GLU E 335 18.52 40.80 -38.79
C GLU E 335 17.58 41.47 -39.79
N THR E 336 17.86 41.35 -41.08
CA THR E 336 17.03 41.98 -42.10
C THR E 336 15.68 41.28 -42.18
N GLU E 337 14.63 42.01 -41.81
CA GLU E 337 13.24 41.52 -41.84
C GLU E 337 12.47 42.56 -42.64
N LYS E 338 12.21 42.27 -43.91
CA LYS E 338 11.52 43.20 -44.79
C LYS E 338 10.01 43.21 -44.64
N TYR E 339 9.43 42.32 -43.82
CA TYR E 339 8.00 42.26 -43.65
C TYR E 339 7.61 42.42 -42.18
N GLY E 340 6.56 43.21 -41.95
CA GLY E 340 6.06 43.45 -40.62
C GLY E 340 4.81 42.62 -40.36
N ILE E 341 4.23 42.83 -39.18
CA ILE E 341 3.03 42.10 -38.80
C ILE E 341 1.95 42.48 -39.81
N PRO E 342 1.34 41.51 -40.50
CA PRO E 342 0.34 41.85 -41.50
C PRO E 342 -1.00 42.24 -40.90
N ARG E 343 -1.81 42.87 -41.74
CA ARG E 343 -3.16 43.29 -41.41
C ARG E 343 -4.10 42.21 -41.91
N ARG E 344 -5.40 42.48 -41.91
CA ARG E 344 -6.34 41.49 -42.41
C ARG E 344 -6.02 41.22 -43.88
N PRO E 345 -6.06 39.95 -44.31
CA PRO E 345 -5.74 39.65 -45.71
C PRO E 345 -6.66 40.39 -46.66
N THR E 346 -6.05 41.14 -47.57
CA THR E 346 -6.77 41.92 -48.56
C THR E 346 -6.51 41.39 -49.98
N GLY E 347 -6.24 40.10 -50.09
CA GLY E 347 -5.96 39.46 -51.36
C GLY E 347 -7.17 38.73 -51.92
N GLU E 348 -6.89 37.80 -52.81
CA GLU E 348 -7.94 37.01 -53.44
C GLU E 348 -8.21 35.75 -52.62
N LEU E 349 -9.46 35.31 -52.65
CA LEU E 349 -9.84 34.11 -51.92
C LEU E 349 -9.29 32.88 -52.61
N THR E 350 -9.15 31.79 -51.83
CA THR E 350 -8.65 30.54 -52.40
C THR E 350 -9.56 30.06 -53.51
N ASN E 351 -10.86 30.32 -53.38
CA ASN E 351 -11.86 29.95 -54.36
C ASN E 351 -12.83 31.11 -54.46
N PRO E 352 -13.15 31.57 -55.68
CA PRO E 352 -14.07 32.71 -55.81
C PRO E 352 -15.43 32.45 -55.16
N ASN E 353 -15.93 31.22 -55.24
CA ASN E 353 -17.21 30.89 -54.63
C ASN E 353 -17.04 30.75 -53.11
N LEU E 354 -18.17 30.67 -52.41
CA LEU E 354 -18.24 30.55 -50.96
C LEU E 354 -17.76 31.83 -50.29
N PRO E 355 -18.20 32.12 -49.06
CA PRO E 355 -17.76 33.34 -48.38
C PRO E 355 -16.46 33.11 -47.62
N GLU E 356 -15.77 34.21 -47.37
CA GLU E 356 -14.50 34.16 -46.66
C GLU E 356 -14.69 33.58 -45.26
N SER E 357 -13.96 32.51 -44.96
CA SER E 357 -14.05 31.84 -43.66
C SER E 357 -12.80 30.97 -43.50
N ILE E 358 -12.82 30.12 -42.48
CA ILE E 358 -11.68 29.23 -42.22
C ILE E 358 -11.49 28.26 -43.38
N ASN E 359 -12.58 27.82 -44.01
CA ASN E 359 -12.49 26.88 -45.12
C ASN E 359 -11.74 27.50 -46.30
N ASN E 360 -12.17 28.69 -46.73
CA ASN E 360 -11.53 29.39 -47.83
C ASN E 360 -10.90 30.67 -47.29
N PRO E 361 -9.62 30.64 -46.93
CA PRO E 361 -8.98 31.84 -46.39
C PRO E 361 -8.46 32.74 -47.50
N ARG E 362 -8.38 34.03 -47.18
CA ARG E 362 -7.89 35.01 -48.12
C ARG E 362 -6.37 35.06 -48.08
N LYS E 363 -5.75 35.11 -49.24
CA LYS E 363 -4.31 35.15 -49.34
C LYS E 363 -3.79 36.58 -49.15
N PHE E 364 -2.58 36.68 -48.62
CA PHE E 364 -1.95 37.99 -48.41
C PHE E 364 -1.38 38.48 -49.74
N ILE E 365 -1.62 39.75 -50.05
CA ILE E 365 -1.14 40.30 -51.32
C ILE E 365 0.36 40.55 -51.27
N GLU E 366 0.78 41.50 -50.43
CA GLU E 366 2.16 41.91 -50.23
C GLU E 366 2.14 43.20 -49.43
N ASP E 367 1.27 44.13 -49.84
CA ASP E 367 1.13 45.41 -49.15
C ASP E 367 0.60 45.25 -47.74
N ASP E 368 0.05 44.08 -47.40
CA ASP E 368 -0.47 43.85 -46.06
C ASP E 368 0.63 43.85 -45.02
N TYR E 369 1.87 43.58 -45.42
CA TYR E 369 3.01 43.56 -44.52
C TYR E 369 3.80 44.86 -44.51
N LEU E 370 3.43 45.83 -45.35
CA LEU E 370 4.15 47.10 -45.41
C LEU E 370 3.29 48.35 -45.39
N ALA E 371 1.96 48.25 -45.42
CA ALA E 371 1.12 49.44 -45.42
C ALA E 371 1.27 50.20 -44.11
N ALA E 372 1.11 51.52 -44.19
CA ALA E 372 1.22 52.41 -43.04
C ALA E 372 -0.18 52.67 -42.48
N GLY E 373 -0.31 52.49 -41.16
CA GLY E 373 -1.58 52.69 -40.50
C GLY E 373 -2.50 51.48 -40.51
N ARG E 374 -2.00 50.33 -40.91
CA ARG E 374 -2.80 49.12 -40.96
C ARG E 374 -3.04 48.55 -39.56
N LYS E 375 -4.17 47.87 -39.42
CA LYS E 375 -4.53 47.23 -38.15
C LYS E 375 -3.91 45.85 -38.14
N ARG E 376 -2.78 45.72 -37.45
CA ARG E 376 -2.09 44.44 -37.38
C ARG E 376 -3.01 43.38 -36.76
N ILE E 377 -2.94 42.17 -37.33
CA ILE E 377 -3.78 41.04 -36.91
C ILE E 377 -3.70 40.77 -35.41
N HIS E 378 -2.64 41.22 -34.75
CA HIS E 378 -2.56 40.98 -33.32
C HIS E 378 -3.42 41.93 -32.51
N LEU E 379 -3.98 42.96 -33.16
CA LEU E 379 -4.86 43.93 -32.52
C LEU E 379 -6.26 43.89 -33.12
N ASP E 380 -6.55 42.88 -33.92
CA ASP E 380 -7.84 42.69 -34.57
C ASP E 380 -8.38 41.34 -34.16
N ASN E 381 -9.58 41.32 -33.59
CA ASN E 381 -10.18 40.09 -33.09
C ASN E 381 -11.05 39.36 -34.12
N THR E 382 -10.87 39.61 -35.41
CA THR E 382 -11.67 38.93 -36.42
C THR E 382 -10.85 38.26 -37.52
N TYR E 383 -9.52 38.35 -37.48
CA TYR E 383 -8.73 37.72 -38.53
C TYR E 383 -8.48 36.22 -38.39
N PRO E 384 -7.91 35.74 -37.25
CA PRO E 384 -7.58 34.31 -37.14
C PRO E 384 -8.66 33.32 -37.56
N TYR E 385 -9.90 33.79 -37.74
CA TYR E 385 -11.03 32.96 -38.16
C TYR E 385 -11.52 32.02 -37.08
N LYS E 386 -12.81 31.73 -37.10
CA LYS E 386 -13.43 30.83 -36.14
C LYS E 386 -13.15 29.38 -36.55
N LYS E 387 -12.93 28.53 -35.55
CA LYS E 387 -12.66 27.12 -35.82
C LYS E 387 -13.95 26.42 -36.22
N ASN E 388 -14.06 26.07 -37.50
CA ASN E 388 -15.23 25.40 -38.09
C ASN E 388 -16.56 25.91 -37.55
N GLY F 22 -32.99 -62.56 33.84
CA GLY F 22 -31.97 -63.51 33.46
C GLY F 22 -30.80 -62.85 32.77
N THR F 23 -30.34 -61.74 33.33
CA THR F 23 -29.21 -60.99 32.78
C THR F 23 -28.20 -60.68 33.89
N ARG F 24 -26.93 -60.74 33.53
CA ARG F 24 -25.85 -60.46 34.47
C ARG F 24 -25.56 -58.97 34.59
N LYS F 25 -26.53 -58.12 34.28
CA LYS F 25 -26.36 -56.68 34.34
C LYS F 25 -25.90 -56.24 35.72
N SER F 26 -25.19 -55.12 35.76
CA SER F 26 -24.67 -54.58 37.00
C SER F 26 -25.80 -54.29 37.98
N LEU F 27 -25.54 -54.58 39.26
CA LEU F 27 -26.51 -54.35 40.32
C LEU F 27 -25.92 -53.34 41.30
N HIS F 28 -26.64 -52.24 41.51
CA HIS F 28 -26.22 -51.18 42.42
C HIS F 28 -27.07 -51.27 43.68
N GLY F 29 -26.40 -51.30 44.83
CA GLY F 29 -27.13 -51.39 46.08
C GLY F 29 -26.45 -50.60 47.18
N GLN F 30 -27.21 -50.36 48.24
CA GLN F 30 -26.73 -49.62 49.40
C GLN F 30 -27.06 -50.39 50.66
N VAL F 31 -26.07 -50.55 51.54
CA VAL F 31 -26.24 -51.25 52.81
C VAL F 31 -26.52 -50.19 53.85
N THR F 32 -27.58 -50.39 54.65
CA THR F 32 -27.95 -49.43 55.67
C THR F 32 -28.19 -50.09 57.01
N ASN F 33 -27.66 -49.47 58.06
CA ASN F 33 -27.82 -49.95 59.43
C ASN F 33 -28.61 -48.89 60.20
N LYS F 34 -29.46 -49.36 61.12
CA LYS F 34 -30.30 -48.46 61.90
C LYS F 34 -29.63 -47.85 63.11
N SER F 35 -28.37 -48.17 63.39
CA SER F 35 -27.72 -47.60 64.57
C SER F 35 -26.41 -46.89 64.26
N LEU F 36 -25.59 -47.43 63.35
CA LEU F 36 -24.33 -46.82 63.00
C LEU F 36 -24.10 -46.94 61.50
N ALA F 37 -23.54 -45.89 60.89
CA ALA F 37 -23.27 -45.91 59.47
C ALA F 37 -22.38 -47.10 59.14
N ILE F 38 -22.80 -47.89 58.15
CA ILE F 38 -22.05 -49.09 57.76
C ILE F 38 -21.16 -48.76 56.57
N GLU F 39 -19.87 -49.01 56.75
CA GLU F 39 -18.84 -48.81 55.74
C GLU F 39 -17.89 -49.99 55.83
N SER F 40 -17.03 -50.14 54.84
CA SER F 40 -16.07 -51.23 54.78
C SER F 40 -16.80 -52.56 54.63
N GLY F 41 -16.04 -53.64 54.46
CA GLY F 41 -16.61 -54.96 54.28
C GLY F 41 -16.43 -55.44 52.85
N TYR F 42 -17.09 -56.56 52.56
CA TYR F 42 -16.99 -57.14 51.23
C TYR F 42 -18.28 -57.89 50.90
N VAL F 43 -18.66 -57.84 49.63
CA VAL F 43 -19.84 -58.51 49.12
C VAL F 43 -19.40 -59.38 47.95
N MET F 44 -19.80 -60.65 47.96
CA MET F 44 -19.40 -61.56 46.89
C MET F 44 -20.57 -62.42 46.46
N ASN F 45 -20.58 -62.76 45.17
CA ASN F 45 -21.62 -63.61 44.59
C ASN F 45 -21.03 -65.00 44.47
N ILE F 46 -21.52 -65.94 45.29
CA ILE F 46 -20.99 -67.29 45.27
C ILE F 46 -21.21 -67.97 43.93
N ASN F 47 -22.18 -67.50 43.14
CA ASN F 47 -22.43 -68.13 41.85
C ASN F 47 -21.32 -67.81 40.85
N ALA F 48 -20.97 -66.53 40.72
CA ALA F 48 -19.93 -66.11 39.78
C ALA F 48 -18.55 -65.98 40.41
N LYS F 49 -18.43 -66.17 41.72
CA LYS F 49 -17.14 -66.09 42.42
C LYS F 49 -16.44 -64.76 42.16
N SER F 50 -17.17 -63.66 42.40
CA SER F 50 -16.65 -62.32 42.23
C SER F 50 -16.74 -61.58 43.55
N ARG F 51 -15.88 -60.59 43.73
CA ARG F 51 -15.85 -59.81 44.96
C ARG F 51 -15.95 -58.31 44.68
N THR F 52 -16.40 -57.58 45.69
CA THR F 52 -16.55 -56.14 45.61
C THR F 52 -16.37 -55.59 47.02
N PHE F 53 -16.48 -54.27 47.17
CA PHE F 53 -16.32 -53.63 48.46
C PHE F 53 -17.52 -52.74 48.76
N ILE F 54 -17.63 -52.34 50.02
CA ILE F 54 -18.68 -51.46 50.50
C ILE F 54 -18.03 -50.11 50.71
N GLY F 55 -18.19 -49.22 49.73
CA GLY F 55 -17.60 -47.91 49.79
C GLY F 55 -18.35 -46.92 50.66
N PRO F 56 -18.02 -45.64 50.52
CA PRO F 56 -18.69 -44.61 51.32
C PRO F 56 -20.19 -44.65 51.11
N GLY F 57 -20.93 -44.52 52.22
CA GLY F 57 -22.38 -44.54 52.16
C GLY F 57 -22.99 -45.92 52.00
N GLY F 58 -22.17 -46.96 51.93
CA GLY F 58 -22.68 -48.32 51.77
C GLY F 58 -22.96 -48.73 50.35
N LEU F 59 -22.54 -47.94 49.37
CA LEU F 59 -22.79 -48.28 47.98
C LEU F 59 -21.90 -49.43 47.51
N PHE F 60 -22.50 -50.36 46.79
CA PHE F 60 -21.77 -51.51 46.24
C PHE F 60 -22.32 -51.81 44.86
N ASP F 61 -21.44 -52.24 43.95
CA ASP F 61 -21.82 -52.55 42.58
C ASP F 61 -21.26 -53.91 42.21
N ILE F 62 -22.14 -54.84 41.85
CA ILE F 62 -21.74 -56.18 41.47
C ILE F 62 -22.52 -56.62 40.24
N LEU F 63 -21.92 -57.52 39.46
CA LEU F 63 -22.54 -58.07 38.26
C LEU F 63 -23.20 -59.38 38.68
N ALA F 64 -24.51 -59.34 38.89
CA ALA F 64 -25.24 -60.53 39.30
C ALA F 64 -26.54 -60.65 38.53
N GLN F 65 -26.98 -61.88 38.36
CA GLN F 65 -28.19 -62.27 37.66
C GLN F 65 -29.26 -62.69 38.66
N PRO F 66 -30.53 -62.77 38.23
CA PRO F 66 -31.57 -63.19 39.18
C PRO F 66 -31.33 -64.59 39.69
N LYS F 67 -31.88 -64.88 40.86
CA LYS F 67 -31.74 -66.18 41.52
C LYS F 67 -30.27 -66.44 41.87
N ASP F 68 -29.62 -65.40 42.39
CA ASP F 68 -28.22 -65.47 42.80
C ASP F 68 -28.12 -65.13 44.27
N THR F 69 -27.17 -65.76 44.95
CA THR F 69 -26.95 -65.55 46.37
C THR F 69 -25.76 -64.62 46.59
N LEU F 70 -26.01 -63.49 47.24
CA LEU F 70 -24.99 -62.50 47.55
C LEU F 70 -24.65 -62.61 49.02
N LEU F 71 -23.36 -62.80 49.31
CA LEU F 71 -22.88 -62.92 50.68
C LEU F 71 -22.27 -61.61 51.14
N PHE F 72 -22.76 -61.09 52.27
CA PHE F 72 -22.27 -59.86 52.86
C PHE F 72 -21.50 -60.19 54.12
N THR F 73 -20.24 -59.78 54.16
CA THR F 73 -19.39 -60.04 55.32
C THR F 73 -18.64 -58.76 55.69
N GLY F 74 -18.47 -58.55 57.00
CA GLY F 74 -17.78 -57.36 57.47
C GLY F 74 -17.46 -57.48 58.94
N ILE F 75 -16.60 -56.56 59.39
CA ILE F 75 -16.18 -56.54 60.79
C ILE F 75 -17.29 -56.01 61.70
N ALA F 76 -17.97 -54.95 61.28
CA ALA F 76 -19.00 -54.33 62.11
C ALA F 76 -20.38 -54.96 62.00
N PHE F 77 -20.63 -55.84 61.03
CA PHE F 77 -21.97 -56.41 60.91
C PHE F 77 -21.92 -57.93 60.84
N GLN F 78 -23.09 -58.52 61.05
CA GLN F 78 -23.26 -59.97 61.02
C GLN F 78 -23.33 -60.43 59.57
N SER F 79 -22.70 -61.56 59.28
CA SER F 79 -22.71 -62.10 57.93
C SER F 79 -24.13 -62.37 57.47
N LYS F 80 -24.42 -62.00 56.23
CA LYS F 80 -25.73 -62.20 55.64
C LYS F 80 -25.60 -62.80 54.25
N LYS F 81 -26.63 -63.56 53.86
CA LYS F 81 -26.67 -64.22 52.56
C LYS F 81 -28.08 -64.10 52.02
N ILE F 82 -28.26 -63.30 50.98
CA ILE F 82 -29.56 -63.09 50.38
C ILE F 82 -29.56 -63.66 48.96
N VAL F 83 -30.76 -64.01 48.50
CA VAL F 83 -30.95 -64.57 47.16
C VAL F 83 -31.65 -63.51 46.32
N LEU F 84 -30.95 -62.99 45.32
CA LEU F 84 -31.51 -61.97 44.46
C LEU F 84 -32.67 -62.51 43.63
N THR F 85 -33.68 -61.67 43.43
CA THR F 85 -34.86 -62.01 42.65
C THR F 85 -35.06 -60.98 41.55
N GLU F 86 -36.01 -61.27 40.66
CA GLU F 86 -36.29 -60.36 39.56
C GLU F 86 -36.70 -58.98 40.05
N LYS F 87 -37.35 -58.90 41.21
CA LYS F 87 -37.77 -57.61 41.74
C LYS F 87 -36.57 -56.76 42.14
N ASP F 88 -35.65 -57.34 42.90
CA ASP F 88 -34.47 -56.61 43.37
C ASP F 88 -33.56 -56.18 42.22
N CYS F 89 -33.35 -57.07 41.24
CA CYS F 89 -32.47 -56.75 40.12
C CYS F 89 -32.99 -55.58 39.29
N SER F 90 -34.29 -55.31 39.32
CA SER F 90 -34.86 -54.22 38.53
C SER F 90 -34.82 -52.88 39.25
N GLN F 91 -34.80 -52.87 40.57
CA GLN F 91 -34.76 -51.61 41.31
C GLN F 91 -33.51 -50.82 40.99
N ILE F 92 -33.63 -49.49 41.01
CA ILE F 92 -32.49 -48.63 40.74
C ILE F 92 -31.41 -48.83 41.79
N LEU F 93 -31.80 -48.72 43.06
CA LEU F 93 -30.90 -48.89 44.19
C LEU F 93 -31.43 -50.03 45.05
N PHE F 94 -30.74 -51.17 45.02
CA PHE F 94 -31.15 -52.34 45.79
C PHE F 94 -30.60 -52.21 47.21
N SER F 95 -31.40 -51.60 48.08
CA SER F 95 -31.00 -51.42 49.47
C SER F 95 -31.03 -52.74 50.22
N VAL F 96 -30.04 -52.93 51.08
CA VAL F 96 -29.91 -54.14 51.89
C VAL F 96 -29.71 -53.75 53.35
N SER F 97 -30.39 -54.44 54.26
CA SER F 97 -30.29 -54.18 55.68
C SER F 97 -29.36 -55.21 56.29
N LEU F 98 -28.22 -54.75 56.81
CA LEU F 98 -27.23 -55.63 57.43
C LEU F 98 -27.32 -55.47 58.94
N ASP F 99 -27.45 -56.60 59.64
CA ASP F 99 -27.54 -56.58 61.09
C ASP F 99 -26.17 -56.28 61.68
N LEU F 100 -26.12 -55.29 62.57
CA LEU F 100 -24.87 -54.90 63.20
C LEU F 100 -24.56 -55.83 64.36
N VAL F 101 -23.34 -56.37 64.39
CA VAL F 101 -22.96 -57.26 65.48
C VAL F 101 -23.10 -56.49 66.79
N SER F 102 -23.34 -57.22 67.87
CA SER F 102 -23.55 -56.64 69.21
C SER F 102 -24.90 -55.95 69.22
N ASN F 103 -25.33 -55.47 70.38
CA ASN F 103 -26.62 -54.81 70.53
C ASN F 103 -26.49 -53.52 71.33
N GLU F 104 -25.56 -52.66 70.91
CA GLU F 104 -25.34 -51.39 71.60
C GLU F 104 -26.61 -50.53 71.59
N LEU F 105 -27.29 -50.46 70.44
CA LEU F 105 -28.51 -49.67 70.29
C LEU F 105 -28.26 -48.20 70.63
N LYS F 106 -27.42 -47.57 69.84
CA LYS F 106 -27.05 -46.17 70.03
C LYS F 106 -27.85 -45.30 69.08
N GLU F 107 -28.85 -44.59 69.61
CA GLU F 107 -29.73 -43.68 68.86
C GLU F 107 -30.37 -44.43 67.70
N VAL F 108 -30.69 -43.71 66.63
CA VAL F 108 -31.32 -44.29 65.44
C VAL F 108 -30.51 -44.04 64.17
N LEU F 109 -29.30 -43.51 64.31
CA LEU F 109 -28.43 -43.25 63.16
C LEU F 109 -29.13 -42.37 62.13
N VAL F 110 -29.29 -41.09 62.51
CA VAL F 110 -29.94 -40.11 61.64
C VAL F 110 -29.36 -40.23 60.23
N ARG F 111 -30.24 -40.34 59.25
CA ARG F 111 -29.81 -40.50 57.87
C ARG F 111 -29.07 -39.27 57.35
N LYS F 112 -28.03 -39.51 56.56
CA LYS F 112 -27.21 -38.47 55.97
C LYS F 112 -27.14 -38.73 54.47
N ASP F 113 -27.25 -37.66 53.68
CA ASP F 113 -27.21 -37.78 52.24
C ASP F 113 -25.82 -38.16 51.75
N LEU F 114 -25.78 -38.89 50.64
CA LEU F 114 -24.52 -39.31 50.06
C LEU F 114 -23.76 -38.11 49.52
N LYS F 115 -22.44 -38.09 49.75
CA LYS F 115 -21.62 -36.99 49.27
C LYS F 115 -21.58 -36.97 47.76
N VAL F 116 -21.58 -35.77 47.18
CA VAL F 116 -21.54 -35.59 45.74
C VAL F 116 -20.53 -34.50 45.42
N LYS F 117 -19.64 -34.77 44.47
CA LYS F 117 -18.64 -33.78 44.08
C LYS F 117 -19.31 -32.58 43.43
N SER F 118 -18.81 -31.39 43.74
CA SER F 118 -19.33 -30.16 43.20
C SER F 118 -18.23 -29.37 42.51
N LEU F 119 -18.64 -28.47 41.62
CA LEU F 119 -17.69 -27.66 40.88
C LEU F 119 -17.07 -26.61 41.79
N ASP F 120 -16.03 -25.94 41.27
CA ASP F 120 -15.32 -24.92 42.04
C ASP F 120 -16.22 -23.72 42.30
N SER F 121 -15.98 -23.05 43.43
CA SER F 121 -16.77 -21.88 43.78
C SER F 121 -16.55 -20.74 42.79
N ASN F 122 -15.30 -20.50 42.41
CA ASN F 122 -14.96 -19.45 41.45
C ASN F 122 -15.18 -20.01 40.06
N THR F 123 -16.34 -19.73 39.48
CA THR F 123 -16.70 -20.24 38.16
C THR F 123 -16.11 -19.42 37.01
N GLN F 124 -15.10 -18.59 37.28
CA GLN F 124 -14.50 -17.82 36.19
C GLN F 124 -13.80 -18.72 35.19
N LYS F 125 -13.19 -19.81 35.68
CA LYS F 125 -12.50 -20.73 34.79
C LYS F 125 -13.47 -21.38 33.81
N TYR F 126 -14.66 -21.76 34.29
CA TYR F 126 -15.65 -22.38 33.43
C TYR F 126 -16.16 -21.40 32.39
N VAL F 127 -16.35 -20.13 32.78
CA VAL F 127 -16.83 -19.13 31.83
C VAL F 127 -15.79 -18.86 30.76
N ASP F 128 -14.51 -18.94 31.10
CA ASP F 128 -13.44 -18.70 30.14
C ASP F 128 -13.24 -19.83 29.15
N MET F 129 -13.82 -21.00 29.38
CA MET F 129 -13.65 -22.11 28.45
C MET F 129 -14.26 -21.76 27.10
N GLN F 130 -13.62 -22.23 26.04
CA GLN F 130 -14.07 -21.98 24.68
C GLN F 130 -14.76 -23.23 24.15
N PHE F 131 -15.96 -23.05 23.59
CA PHE F 131 -16.75 -24.15 23.06
C PHE F 131 -17.28 -23.79 21.69
N GLU F 132 -17.56 -24.82 20.89
CA GLU F 132 -18.10 -24.62 19.56
C GLU F 132 -19.61 -24.45 19.65
N ASP F 133 -20.18 -23.81 18.63
CA ASP F 133 -21.62 -23.60 18.61
C ASP F 133 -22.36 -24.93 18.52
N ASP F 134 -23.48 -25.02 19.21
CA ASP F 134 -24.30 -26.23 19.24
C ASP F 134 -25.71 -25.92 18.75
N ARG F 135 -26.58 -26.93 18.86
CA ARG F 135 -27.96 -26.78 18.42
C ARG F 135 -28.74 -25.76 19.23
N GLN F 136 -28.29 -25.45 20.44
CA GLN F 136 -28.99 -24.49 21.30
C GLN F 136 -28.34 -23.11 21.28
N SER F 137 -27.36 -22.90 20.42
CA SER F 137 -26.68 -21.61 20.31
C SER F 137 -27.18 -20.86 19.08
N THR F 138 -27.23 -19.55 19.19
CA THR F 138 -27.70 -18.73 18.07
C THR F 138 -26.76 -18.87 16.88
N ALA F 139 -27.34 -18.85 15.68
CA ALA F 139 -26.57 -18.98 14.45
C ALA F 139 -25.83 -17.70 14.14
N LYS F 140 -24.61 -17.82 13.65
CA LYS F 140 -23.78 -16.67 13.31
C LYS F 140 -23.91 -16.39 11.82
N ASN F 141 -24.17 -15.13 11.49
CA ASN F 141 -24.32 -14.72 10.10
C ASN F 141 -22.94 -14.46 9.50
N THR F 142 -22.56 -15.27 8.51
CA THR F 142 -21.27 -15.15 7.86
C THR F 142 -21.33 -14.46 6.50
N VAL F 143 -22.48 -13.90 6.13
CA VAL F 143 -22.58 -13.22 4.84
C VAL F 143 -22.92 -11.75 5.03
N MET F 144 -22.47 -11.18 6.15
CA MET F 144 -22.69 -9.78 6.47
C MET F 144 -21.36 -9.08 6.65
N TYR F 145 -21.40 -7.75 6.59
CA TYR F 145 -20.20 -6.96 6.76
C TYR F 145 -19.74 -7.03 8.21
N SER F 146 -18.64 -6.34 8.51
CA SER F 146 -18.10 -6.36 9.87
C SER F 146 -19.04 -5.68 10.85
N ASP F 147 -18.96 -6.11 12.09
CA ASP F 147 -19.76 -5.57 13.18
C ASP F 147 -18.96 -4.62 14.06
N GLN F 148 -17.79 -4.19 13.61
CA GLN F 148 -16.91 -3.28 14.34
C GLN F 148 -16.41 -3.94 15.63
N THR F 149 -16.14 -5.24 15.57
CA THR F 149 -15.66 -5.99 16.71
C THR F 149 -14.47 -6.84 16.27
N ILE F 150 -13.58 -7.13 17.22
CA ILE F 150 -12.38 -7.91 16.98
C ILE F 150 -12.55 -9.25 17.70
N LYS F 151 -12.51 -10.34 16.94
CA LYS F 151 -12.66 -11.66 17.52
C LYS F 151 -11.33 -12.11 18.12
N TYR F 152 -11.37 -12.60 19.35
CA TYR F 152 -10.19 -13.07 20.06
C TYR F 152 -9.13 -11.99 20.20
N GLY F 153 -9.56 -10.73 20.29
CA GLY F 153 -8.64 -9.62 20.43
C GLY F 153 -8.42 -9.25 21.89
N THR F 154 -7.43 -8.40 22.10
CA THR F 154 -7.12 -7.97 23.46
C THR F 154 -8.31 -7.23 24.05
N ASP F 155 -8.72 -7.64 25.24
CA ASP F 155 -9.86 -7.04 25.95
C ASP F 155 -9.31 -6.21 27.10
N PHE F 156 -9.24 -4.89 26.90
CA PHE F 156 -8.73 -4.01 27.94
C PHE F 156 -9.65 -3.96 29.15
N VAL F 157 -10.97 -4.06 28.95
CA VAL F 157 -11.89 -4.05 30.08
C VAL F 157 -11.61 -5.23 30.99
N ARG F 158 -11.33 -6.40 30.39
CA ARG F 158 -11.03 -7.59 31.18
C ARG F 158 -9.71 -7.41 31.93
N ILE F 159 -8.72 -6.81 31.25
CA ILE F 159 -7.43 -6.58 31.88
C ILE F 159 -7.60 -5.66 33.08
N PHE F 160 -8.42 -4.61 32.93
CA PHE F 160 -8.66 -3.69 34.03
C PHE F 160 -9.30 -4.40 35.22
N LYS F 161 -10.27 -5.29 34.95
CA LYS F 161 -10.92 -6.02 36.02
C LYS F 161 -9.93 -6.93 36.74
N ASP F 162 -9.03 -7.57 35.99
CA ASP F 162 -8.05 -8.45 36.61
C ASP F 162 -7.09 -7.67 37.50
N VAL F 163 -6.67 -6.49 37.06
CA VAL F 163 -5.76 -5.66 37.85
C VAL F 163 -6.40 -5.28 39.17
N LYS F 164 -7.68 -4.91 39.15
CA LYS F 164 -8.37 -4.55 40.37
C LYS F 164 -8.39 -5.71 41.35
N LYS F 165 -8.65 -6.93 40.84
CA LYS F 165 -8.67 -8.09 41.72
C LYS F 165 -7.28 -8.36 42.30
N LEU F 166 -6.24 -7.93 41.60
CA LEU F 166 -4.86 -8.09 42.05
C LEU F 166 -4.41 -6.95 42.95
N LEU F 167 -5.37 -6.26 43.58
CA LEU F 167 -5.08 -5.15 44.47
C LEU F 167 -5.98 -5.21 45.70
#